data_7RFN
#
_entry.id   7RFN
#
_cell.length_a   81.831
_cell.length_b   161.354
_cell.length_c   229.908
_cell.angle_alpha   90.000
_cell.angle_beta   90.000
_cell.angle_gamma   90.000
#
_symmetry.space_group_name_H-M   'P 21 21 21'
#
loop_
_entity.id
_entity.type
_entity.pdbx_description
1 polymer 'Site-specific DNA-methyltransferase (adenine-specific)'
2 polymer 'DNA Strand 2'
3 polymer 'DNA Strand 1'
4 non-polymer "5'-S-(4-{[(4'-chloro[1,1'-biphenyl]-3-yl)methyl]amino}butyl)-5'-thioadenosine"
5 non-polymer 1,2-ETHANEDIOL
6 non-polymer 'POTASSIUM ION'
7 water water
#
loop_
_entity_poly.entity_id
_entity_poly.type
_entity_poly.pdbx_seq_one_letter_code
_entity_poly.pdbx_strand_id
1 'polypeptide(L)'
;HMDDISQDNFLLSKEYENSLDVDTKKASGIYYTPKIIVDYIVKKTLKNHDIIKNPYPRILDISCGCGNFLLEVYDILYDL
FEENIYELKKKYDENYWTVDNIHRHILNYCIYGADIDEKAISILKDSLTNKKVVNDLDESDIKINLFCCDSLKKKWRYKF
DYIVGNPPYIGHKKLEKKYKKFLLEKYSEVYKDKADLYFCFYKKIIDILKQGGIGSVITPRYFLESLSGKDLREYIKSNV
NVQEIVDFLGANIFKNIGVSSCILTFDKKKTKETYIDVFKIKNEDICINKFETLEELLKSSKFEHFNINQRLLSDEWILV
NKDDETFYNKIQEKCKYSLEDIAISFQGIITGCDKAFILSKDDVKLNLVDDKFLKCWIKSKNINKYIVDKSEYRLIYSND
IDNENTNKRILDEIIGLYKTKLENRRECKSGIRKWYELQWGREKLFFERKKIMYPYKSNENRFAIDYDNNFSSADVYSFF
IKEEYLDKFSYEYLVGILNSSVYDKYFKITAKKMSKNIYDYYPNKVMKIRIFRDNNYEEIENLSKQIISILLNKSIDKGK
VEKLQIKMDNLIMDSLGI
;
A,B,C
2 'polydeoxyribonucleotide' (DA)(DT)(DG)(DG)(DG)(DA)(DC)(DT)(DT)(DT)(DT)(DT)(DG)(DA) E,G,I
3 'polydeoxyribonucleotide' (DT)(DT)(DC)(DA)(DA)(DA)(DA)(DA)(DG)(DT)(DC)(DC)(DC)(DA) D,F,H
#
loop_
_chem_comp.id
_chem_comp.type
_chem_comp.name
_chem_comp.formula
DA DNA linking 2'-DEOXYADENOSINE-5'-MONOPHOSPHATE 'C10 H14 N5 O6 P'
DC DNA linking 2'-DEOXYCYTIDINE-5'-MONOPHOSPHATE 'C9 H14 N3 O7 P'
DG DNA linking 2'-DEOXYGUANOSINE-5'-MONOPHOSPHATE 'C10 H14 N5 O7 P'
DT DNA linking THYMIDINE-5'-MONOPHOSPHATE 'C10 H15 N2 O8 P'
EDO non-polymer 1,2-ETHANEDIOL 'C2 H6 O2'
K non-polymer 'POTASSIUM ION' 'K 1'
MJ7 non-polymer 5'-S-(4-{[(4'-chloro[1,1'-biphenyl]-3-yl)methyl]amino}butyl)-5'-thioadenosine 'C27 H31 Cl N6 O3 S'
#
# COMPACT_ATOMS: atom_id res chain seq x y z
N GLY A 29 -18.20 -46.21 -4.06
CA GLY A 29 -19.29 -45.30 -3.73
C GLY A 29 -20.07 -45.72 -2.50
N ILE A 30 -20.43 -47.00 -2.43
CA ILE A 30 -21.18 -47.56 -1.32
C ILE A 30 -20.38 -48.73 -0.74
N TYR A 31 -20.16 -48.69 0.57
CA TYR A 31 -19.42 -49.74 1.28
C TYR A 31 -20.36 -50.43 2.25
N TYR A 32 -20.33 -51.77 2.24
CA TYR A 32 -21.25 -52.59 3.02
C TYR A 32 -20.60 -53.00 4.33
N THR A 33 -21.16 -52.50 5.43
CA THR A 33 -20.71 -52.91 6.75
C THR A 33 -21.13 -54.35 7.03
N PRO A 34 -20.27 -55.16 7.64
CA PRO A 34 -20.65 -56.54 7.96
C PRO A 34 -21.89 -56.60 8.85
N LYS A 35 -22.72 -57.62 8.62
CA LYS A 35 -24.01 -57.71 9.30
C LYS A 35 -23.83 -57.81 10.81
N ILE A 36 -22.78 -58.50 11.26
CA ILE A 36 -22.56 -58.66 12.70
C ILE A 36 -22.33 -57.31 13.38
N ILE A 37 -21.69 -56.37 12.68
CA ILE A 37 -21.46 -55.05 13.24
C ILE A 37 -22.71 -54.19 13.16
N VAL A 38 -23.47 -54.30 12.06
CA VAL A 38 -24.71 -53.56 11.95
C VAL A 38 -25.68 -53.96 13.05
N ASP A 39 -25.82 -55.26 13.28
CA ASP A 39 -26.72 -55.73 14.33
C ASP A 39 -26.28 -55.25 15.71
N TYR A 40 -24.96 -55.24 15.96
CA TYR A 40 -24.45 -54.77 17.24
C TYR A 40 -24.78 -53.30 17.46
N ILE A 41 -24.61 -52.47 16.42
CA ILE A 41 -24.84 -51.04 16.56
C ILE A 41 -26.31 -50.74 16.78
N VAL A 42 -27.20 -51.42 16.06
CA VAL A 42 -28.63 -51.21 16.24
C VAL A 42 -29.06 -51.66 17.64
N LYS A 43 -28.61 -52.83 18.07
CA LYS A 43 -28.95 -53.30 19.41
C LYS A 43 -28.36 -52.38 20.49
N LYS A 44 -27.20 -51.80 20.21
CA LYS A 44 -26.58 -50.91 21.19
C LYS A 44 -27.45 -49.70 21.51
N THR A 45 -28.21 -49.21 20.53
CA THR A 45 -29.02 -48.01 20.72
C THR A 45 -30.44 -48.30 21.17
N LEU A 46 -30.98 -49.49 20.86
CA LEU A 46 -32.40 -49.75 21.04
C LEU A 46 -32.75 -50.82 22.07
N LYS A 47 -31.77 -51.58 22.58
CA LYS A 47 -32.10 -52.77 23.36
C LYS A 47 -32.80 -52.45 24.67
N ASN A 48 -32.66 -51.24 25.20
CA ASN A 48 -33.30 -50.86 26.45
C ASN A 48 -34.31 -49.74 26.27
N HIS A 49 -34.86 -49.59 25.06
CA HIS A 49 -35.84 -48.54 24.83
C HIS A 49 -37.16 -48.90 25.47
N ASP A 50 -37.77 -47.94 26.18
CA ASP A 50 -39.08 -48.13 26.80
C ASP A 50 -40.12 -47.69 25.79
N ILE A 51 -40.59 -48.64 24.98
CA ILE A 51 -41.56 -48.32 23.95
C ILE A 51 -42.92 -47.94 24.54
N ILE A 52 -43.22 -48.39 25.75
CA ILE A 52 -44.46 -47.99 26.41
C ILE A 52 -44.42 -46.49 26.73
N LYS A 53 -43.32 -46.04 27.35
CA LYS A 53 -43.20 -44.63 27.70
C LYS A 53 -43.13 -43.75 26.46
N ASN A 54 -42.38 -44.17 25.44
CA ASN A 54 -42.22 -43.41 24.20
C ASN A 54 -42.41 -44.33 23.01
N PRO A 55 -43.64 -44.42 22.48
CA PRO A 55 -43.87 -45.19 21.25
C PRO A 55 -43.57 -44.43 19.96
N TYR A 56 -42.91 -43.27 20.04
CA TYR A 56 -42.55 -42.48 18.86
C TYR A 56 -41.06 -42.17 18.86
N PRO A 57 -40.20 -43.19 18.79
CA PRO A 57 -38.76 -42.91 18.74
C PRO A 57 -38.30 -42.64 17.31
N ARG A 58 -37.49 -41.60 17.16
CA ARG A 58 -36.94 -41.21 15.87
C ARG A 58 -35.54 -41.79 15.73
N ILE A 59 -35.38 -42.74 14.82
CA ILE A 59 -34.09 -43.37 14.54
C ILE A 59 -33.63 -42.91 13.17
N LEU A 60 -32.41 -42.38 13.09
CA LEU A 60 -31.88 -41.78 11.88
C LEU A 60 -30.58 -42.46 11.47
N ASP A 61 -30.46 -42.73 10.17
CA ASP A 61 -29.17 -43.05 9.55
C ASP A 61 -28.88 -41.93 8.56
N ILE A 62 -27.82 -41.17 8.83
CA ILE A 62 -27.54 -39.95 8.07
C ILE A 62 -26.79 -40.23 6.78
N SER A 63 -26.27 -41.45 6.61
CA SER A 63 -25.63 -41.89 5.38
C SER A 63 -26.13 -43.30 5.04
N CYS A 64 -27.46 -43.47 5.03
CA CYS A 64 -28.07 -44.79 5.08
C CYS A 64 -27.69 -45.66 3.89
N GLY A 65 -27.40 -45.07 2.73
CA GLY A 65 -27.10 -45.88 1.57
C GLY A 65 -28.30 -46.71 1.17
N CYS A 66 -28.08 -48.01 0.93
CA CYS A 66 -29.16 -48.91 0.57
C CYS A 66 -30.01 -49.35 1.76
N GLY A 67 -29.63 -48.97 2.97
CA GLY A 67 -30.43 -49.29 4.14
C GLY A 67 -29.87 -50.45 4.94
N ASN A 68 -28.55 -50.54 5.03
CA ASN A 68 -27.92 -51.59 5.82
C ASN A 68 -28.40 -51.54 7.27
N PHE A 69 -28.43 -50.35 7.85
CA PHE A 69 -28.84 -50.17 9.23
C PHE A 69 -30.34 -50.01 9.39
N LEU A 70 -30.98 -49.27 8.47
CA LEU A 70 -32.40 -48.94 8.63
C LEU A 70 -33.28 -50.18 8.51
N LEU A 71 -32.94 -51.10 7.61
CA LEU A 71 -33.74 -52.33 7.48
C LEU A 71 -33.67 -53.15 8.77
N GLU A 72 -32.50 -53.20 9.41
CA GLU A 72 -32.40 -53.86 10.70
C GLU A 72 -33.14 -53.09 11.79
N VAL A 73 -33.14 -51.76 11.71
CA VAL A 73 -33.91 -50.96 12.66
C VAL A 73 -35.39 -51.27 12.54
N TYR A 74 -35.86 -51.52 11.31
CA TYR A 74 -37.27 -51.88 11.12
C TYR A 74 -37.61 -53.17 11.86
N ASP A 75 -36.79 -54.20 11.68
CA ASP A 75 -37.06 -55.49 12.32
C ASP A 75 -37.04 -55.37 13.84
N ILE A 76 -36.05 -54.66 14.38
CA ILE A 76 -35.98 -54.50 15.84
C ILE A 76 -37.20 -53.74 16.35
N LEU A 77 -37.60 -52.67 15.63
CA LEU A 77 -38.77 -51.91 16.05
C LEU A 77 -40.04 -52.75 15.95
N TYR A 78 -40.17 -53.54 14.87
CA TYR A 78 -41.39 -54.33 14.70
C TYR A 78 -41.58 -55.31 15.85
N ASP A 79 -40.51 -55.99 16.26
CA ASP A 79 -40.59 -56.88 17.42
C ASP A 79 -40.93 -56.11 18.68
N LEU A 80 -40.36 -54.91 18.83
CA LEU A 80 -40.64 -54.10 20.02
C LEU A 80 -42.12 -53.73 20.11
N PHE A 81 -42.70 -53.30 18.99
CA PHE A 81 -44.11 -52.90 19.01
C PHE A 81 -45.02 -54.10 19.21
N GLU A 82 -44.76 -55.19 18.48
CA GLU A 82 -45.64 -56.36 18.55
C GLU A 82 -45.62 -56.98 19.94
N GLU A 83 -44.46 -57.03 20.57
CA GLU A 83 -44.34 -57.64 21.90
C GLU A 83 -45.10 -56.85 22.96
N ASN A 84 -45.44 -55.59 22.70
CA ASN A 84 -46.14 -54.74 23.66
C ASN A 84 -47.41 -54.14 23.06
N ILE A 85 -47.96 -54.80 22.04
CA ILE A 85 -49.07 -54.19 21.30
C ILE A 85 -50.30 -54.03 22.19
N TYR A 86 -50.55 -55.00 23.08
CA TYR A 86 -51.73 -54.91 23.94
C TYR A 86 -51.54 -53.89 25.07
N GLU A 87 -50.31 -53.73 25.57
CA GLU A 87 -50.07 -52.68 26.55
C GLU A 87 -50.21 -51.30 25.92
N LEU A 88 -49.74 -51.14 24.68
CA LEU A 88 -49.96 -49.89 23.95
C LEU A 88 -51.44 -49.67 23.66
N LYS A 89 -52.14 -50.73 23.26
CA LYS A 89 -53.57 -50.61 22.98
C LYS A 89 -54.35 -50.17 24.22
N LYS A 90 -53.96 -50.68 25.39
CA LYS A 90 -54.64 -50.32 26.63
C LYS A 90 -54.26 -48.91 27.09
N LYS A 91 -52.99 -48.54 26.96
CA LYS A 91 -52.54 -47.25 27.47
C LYS A 91 -52.93 -46.08 26.56
N TYR A 92 -52.97 -46.32 25.25
CA TYR A 92 -53.25 -45.29 24.25
C TYR A 92 -54.48 -45.67 23.45
N ASP A 93 -54.69 -44.94 22.35
CA ASP A 93 -55.79 -45.22 21.42
C ASP A 93 -55.82 -46.70 21.03
N GLU A 94 -56.91 -47.38 21.41
CA GLU A 94 -57.03 -48.81 21.15
C GLU A 94 -57.18 -49.12 19.67
N ASN A 95 -57.83 -48.23 18.91
CA ASN A 95 -58.00 -48.47 17.49
C ASN A 95 -56.70 -48.23 16.72
N TYR A 96 -55.85 -47.34 17.22
CA TYR A 96 -54.59 -47.06 16.54
C TYR A 96 -53.57 -48.17 16.72
N TRP A 97 -53.46 -48.70 17.94
CA TRP A 97 -52.39 -49.65 18.28
C TRP A 97 -52.87 -51.07 18.00
N THR A 98 -52.72 -51.48 16.73
CA THR A 98 -53.01 -52.84 16.31
C THR A 98 -51.79 -53.39 15.59
N VAL A 99 -51.69 -54.71 15.54
CA VAL A 99 -50.55 -55.34 14.86
C VAL A 99 -50.55 -54.97 13.39
N ASP A 100 -51.73 -54.87 12.78
CA ASP A 100 -51.83 -54.50 11.37
C ASP A 100 -51.37 -53.07 11.10
N ASN A 101 -51.33 -52.22 12.12
CA ASN A 101 -50.92 -50.83 11.96
C ASN A 101 -49.45 -50.59 12.33
N ILE A 102 -48.72 -51.63 12.73
CA ILE A 102 -47.34 -51.44 13.15
C ILE A 102 -46.47 -50.97 11.99
N HIS A 103 -46.66 -51.57 10.80
CA HIS A 103 -45.83 -51.23 9.65
C HIS A 103 -45.98 -49.77 9.27
N ARG A 104 -47.22 -49.28 9.21
CA ARG A 104 -47.44 -47.88 8.86
C ARG A 104 -46.85 -46.94 9.92
N HIS A 105 -47.00 -47.29 11.20
CA HIS A 105 -46.52 -46.41 12.26
C HIS A 105 -45.01 -46.27 12.25
N ILE A 106 -44.29 -47.36 11.96
CA ILE A 106 -42.83 -47.31 11.92
C ILE A 106 -42.37 -46.38 10.80
N LEU A 107 -42.95 -46.52 9.61
CA LEU A 107 -42.51 -45.72 8.47
C LEU A 107 -42.91 -44.26 8.61
N ASN A 108 -44.05 -43.98 9.24
CA ASN A 108 -44.51 -42.60 9.35
C ASN A 108 -43.73 -41.81 10.39
N TYR A 109 -43.36 -42.44 11.51
CA TYR A 109 -42.89 -41.70 12.66
C TYR A 109 -41.51 -42.12 13.19
N CYS A 110 -40.95 -43.24 12.72
CA CYS A 110 -39.81 -43.82 13.43
C CYS A 110 -38.53 -43.85 12.60
N ILE A 111 -38.60 -44.29 11.34
CA ILE A 111 -37.41 -44.51 10.53
C ILE A 111 -37.15 -43.29 9.66
N TYR A 112 -35.93 -42.75 9.75
CA TYR A 112 -35.49 -41.61 8.96
C TYR A 112 -34.15 -41.95 8.31
N GLY A 113 -33.97 -41.52 7.07
CA GLY A 113 -32.74 -41.80 6.35
C GLY A 113 -32.38 -40.64 5.43
N ALA A 114 -31.07 -40.50 5.22
CA ALA A 114 -30.54 -39.45 4.34
C ALA A 114 -29.33 -39.99 3.60
N ASP A 115 -29.26 -39.72 2.30
CA ASP A 115 -28.11 -40.12 1.50
C ASP A 115 -28.07 -39.29 0.23
N ILE A 116 -26.85 -39.02 -0.24
CA ILE A 116 -26.67 -38.18 -1.42
C ILE A 116 -26.96 -38.94 -2.71
N ASP A 117 -26.98 -40.27 -2.68
CA ASP A 117 -27.19 -41.09 -3.87
C ASP A 117 -28.68 -41.37 -4.04
N GLU A 118 -29.24 -40.91 -5.17
CA GLU A 118 -30.67 -41.14 -5.43
C GLU A 118 -31.00 -42.62 -5.54
N LYS A 119 -30.15 -43.38 -6.24
CA LYS A 119 -30.46 -44.78 -6.49
C LYS A 119 -30.53 -45.57 -5.20
N ALA A 120 -29.62 -45.30 -4.26
CA ALA A 120 -29.66 -45.99 -2.97
C ALA A 120 -30.95 -45.68 -2.22
N ILE A 121 -31.39 -44.42 -2.24
CA ILE A 121 -32.63 -44.04 -1.60
C ILE A 121 -33.81 -44.76 -2.25
N SER A 122 -33.81 -44.82 -3.58
CA SER A 122 -34.89 -45.50 -4.30
C SER A 122 -34.92 -46.98 -3.94
N ILE A 123 -33.75 -47.63 -3.85
CA ILE A 123 -33.71 -49.05 -3.48
C ILE A 123 -34.17 -49.24 -2.05
N LEU A 124 -33.72 -48.37 -1.14
CA LEU A 124 -34.14 -48.48 0.26
C LEU A 124 -35.65 -48.23 0.40
N LYS A 125 -36.19 -47.30 -0.38
CA LYS A 125 -37.61 -47.02 -0.34
C LYS A 125 -38.43 -48.25 -0.69
N ASP A 126 -38.00 -48.99 -1.72
CA ASP A 126 -38.69 -50.23 -2.08
C ASP A 126 -38.54 -51.29 -1.00
N SER A 127 -37.35 -51.41 -0.42
CA SER A 127 -37.12 -52.43 0.60
C SER A 127 -37.97 -52.19 1.83
N LEU A 128 -38.10 -50.93 2.26
CA LEU A 128 -38.97 -50.60 3.38
C LEU A 128 -40.43 -50.86 3.03
N THR A 129 -40.84 -50.52 1.81
CA THR A 129 -42.22 -50.76 1.40
C THR A 129 -42.54 -52.25 1.35
N ASN A 130 -41.61 -53.07 0.86
CA ASN A 130 -41.82 -54.50 0.73
C ASN A 130 -41.71 -55.25 2.06
N LYS A 131 -41.58 -54.54 3.19
CA LYS A 131 -41.58 -55.20 4.48
C LYS A 131 -42.95 -55.76 4.85
N LYS A 132 -44.02 -55.25 4.23
CA LYS A 132 -45.37 -55.72 4.51
C LYS A 132 -45.97 -56.41 3.30
N ASP A 138 -52.25 -50.59 -3.43
CA ASP A 138 -51.87 -49.79 -2.28
C ASP A 138 -53.10 -49.37 -1.47
N GLU A 139 -52.93 -49.28 -0.15
CA GLU A 139 -54.02 -48.83 0.73
C GLU A 139 -54.16 -47.30 0.68
N SER A 140 -53.21 -46.56 1.27
CA SER A 140 -53.12 -45.13 1.00
C SER A 140 -51.73 -44.55 1.25
N ASP A 141 -50.97 -44.39 0.17
CA ASP A 141 -49.79 -43.53 0.06
C ASP A 141 -49.04 -43.36 1.38
N ILE A 142 -48.44 -44.46 1.83
CA ILE A 142 -47.61 -44.40 3.04
C ILE A 142 -46.38 -43.54 2.76
N LYS A 143 -46.12 -42.58 3.65
CA LYS A 143 -45.02 -41.64 3.50
C LYS A 143 -43.80 -42.15 4.25
N ILE A 144 -42.67 -42.22 3.56
CA ILE A 144 -41.41 -42.70 4.12
C ILE A 144 -40.44 -41.53 4.21
N ASN A 145 -39.87 -41.33 5.39
CA ASN A 145 -38.98 -40.18 5.64
C ASN A 145 -37.56 -40.50 5.16
N LEU A 146 -37.40 -40.52 3.84
CA LEU A 146 -36.11 -40.69 3.21
C LEU A 146 -35.77 -39.43 2.42
N PHE A 147 -34.61 -38.86 2.71
CA PHE A 147 -34.17 -37.61 2.10
C PHE A 147 -32.95 -37.88 1.23
N CYS A 148 -32.99 -37.40 -0.02
CA CYS A 148 -31.82 -37.44 -0.89
C CYS A 148 -31.21 -36.04 -0.88
N CYS A 149 -30.11 -35.89 -0.14
CA CYS A 149 -29.50 -34.59 0.08
C CYS A 149 -28.09 -34.79 0.62
N ASP A 150 -27.39 -33.67 0.79
CA ASP A 150 -26.13 -33.62 1.52
C ASP A 150 -26.47 -33.42 2.99
N SER A 151 -26.23 -34.44 3.82
CA SER A 151 -26.58 -34.37 5.23
C SER A 151 -25.85 -33.23 5.94
N LEU A 152 -24.70 -32.83 5.42
CA LEU A 152 -23.96 -31.72 6.00
C LEU A 152 -24.51 -30.35 5.59
N LYS A 153 -25.45 -30.32 4.64
CA LYS A 153 -26.10 -29.07 4.24
C LYS A 153 -27.58 -29.02 4.54
N LYS A 154 -28.22 -30.16 4.75
CA LYS A 154 -29.66 -30.17 5.01
C LYS A 154 -29.99 -29.44 6.30
N LYS A 155 -31.00 -28.57 6.23
CA LYS A 155 -31.54 -27.92 7.43
C LYS A 155 -32.48 -28.90 8.10
N TRP A 156 -32.01 -29.54 9.17
CA TRP A 156 -32.81 -30.51 9.88
C TRP A 156 -33.84 -29.80 10.76
N ARG A 157 -35.10 -30.17 10.60
CA ARG A 157 -36.19 -29.48 11.28
C ARG A 157 -36.37 -29.92 12.72
N TYR A 158 -35.78 -31.04 13.13
CA TYR A 158 -35.96 -31.54 14.49
C TYR A 158 -34.81 -32.49 14.83
N LYS A 159 -34.65 -32.74 16.13
CA LYS A 159 -33.62 -33.64 16.62
C LYS A 159 -34.15 -35.07 16.68
N PHE A 160 -33.25 -36.01 17.01
CA PHE A 160 -33.54 -37.44 16.89
C PHE A 160 -33.18 -38.18 18.16
N ASP A 161 -33.98 -39.21 18.46
CA ASP A 161 -33.74 -40.02 19.65
C ASP A 161 -32.51 -40.92 19.47
N TYR A 162 -32.38 -41.55 18.32
CA TYR A 162 -31.30 -42.49 18.06
C TYR A 162 -30.72 -42.26 16.69
N ILE A 163 -29.39 -42.31 16.60
CA ILE A 163 -28.67 -42.14 15.34
C ILE A 163 -27.65 -43.26 15.19
N VAL A 164 -27.67 -43.93 14.04
CA VAL A 164 -26.77 -45.04 13.74
C VAL A 164 -26.29 -44.90 12.31
N GLY A 165 -25.25 -45.66 11.97
CA GLY A 165 -24.84 -45.77 10.58
C GLY A 165 -23.34 -45.69 10.44
N ASN A 166 -22.92 -45.59 9.17
CA ASN A 166 -21.51 -45.58 8.78
C ASN A 166 -21.27 -44.39 7.86
N PRO A 167 -20.72 -43.29 8.37
CA PRO A 167 -20.55 -42.08 7.55
C PRO A 167 -19.48 -42.27 6.50
N PRO A 168 -19.43 -41.41 5.49
CA PRO A 168 -18.36 -41.49 4.49
C PRO A 168 -17.02 -40.99 5.04
N TYR A 169 -15.95 -41.59 4.53
CA TYR A 169 -14.58 -41.17 4.85
C TYR A 169 -13.94 -40.63 3.58
N ILE A 170 -13.54 -39.36 3.60
CA ILE A 170 -12.80 -38.77 2.50
C ILE A 170 -11.68 -37.91 3.07
N GLY A 171 -10.45 -38.17 2.62
CA GLY A 171 -9.29 -37.45 3.11
C GLY A 171 -9.08 -36.12 2.41
N HIS A 172 -7.99 -35.45 2.79
CA HIS A 172 -7.76 -34.09 2.31
C HIS A 172 -7.36 -34.07 0.83
N LYS A 173 -6.78 -35.16 0.32
CA LYS A 173 -6.40 -35.21 -1.09
C LYS A 173 -7.60 -35.46 -2.00
N LYS A 174 -8.54 -36.30 -1.58
CA LYS A 174 -9.63 -36.74 -2.43
C LYS A 174 -10.89 -35.89 -2.29
N LEU A 175 -10.85 -34.81 -1.51
CA LEU A 175 -11.99 -33.96 -1.29
C LEU A 175 -11.92 -32.75 -2.21
N GLU A 176 -13.08 -32.34 -2.73
CA GLU A 176 -13.14 -31.20 -3.65
C GLU A 176 -12.75 -29.91 -2.95
N LYS A 177 -12.05 -29.05 -3.68
CA LYS A 177 -11.59 -27.78 -3.11
C LYS A 177 -12.76 -26.87 -2.76
N LYS A 178 -13.77 -26.80 -3.63
CA LYS A 178 -14.95 -25.98 -3.32
C LYS A 178 -15.67 -26.52 -2.09
N TYR A 179 -15.81 -27.84 -1.99
CA TYR A 179 -16.46 -28.44 -0.83
C TYR A 179 -15.64 -28.22 0.44
N LYS A 180 -14.32 -28.32 0.34
CA LYS A 180 -13.46 -28.12 1.51
C LYS A 180 -13.59 -26.69 2.04
N LYS A 181 -13.76 -25.72 1.15
CA LYS A 181 -13.99 -24.35 1.60
C LYS A 181 -15.27 -24.26 2.42
N PHE A 182 -16.32 -24.95 1.99
CA PHE A 182 -17.56 -25.00 2.76
C PHE A 182 -17.33 -25.64 4.13
N LEU A 183 -16.60 -26.76 4.15
CA LEU A 183 -16.34 -27.45 5.42
C LEU A 183 -15.48 -26.59 6.34
N LEU A 184 -14.46 -25.93 5.80
CA LEU A 184 -13.62 -25.07 6.62
C LEU A 184 -14.40 -23.90 7.20
N GLU A 185 -15.44 -23.44 6.51
CA GLU A 185 -16.22 -22.30 6.99
C GLU A 185 -17.29 -22.73 7.98
N LYS A 186 -18.00 -23.83 7.72
CA LYS A 186 -19.14 -24.22 8.52
C LYS A 186 -18.83 -25.26 9.58
N TYR A 187 -17.74 -26.01 9.46
CA TYR A 187 -17.40 -27.07 10.40
C TYR A 187 -16.04 -26.84 11.03
N SER A 188 -15.66 -25.58 11.22
CA SER A 188 -14.32 -25.25 11.74
C SER A 188 -14.10 -25.76 13.15
N GLU A 189 -15.17 -26.11 13.88
CA GLU A 189 -14.99 -26.62 15.23
C GLU A 189 -14.36 -28.01 15.24
N VAL A 190 -14.52 -28.77 14.15
CA VAL A 190 -13.90 -30.09 14.06
C VAL A 190 -13.06 -30.28 12.81
N TYR A 191 -13.22 -29.45 11.78
CA TYR A 191 -12.54 -29.64 10.50
C TYR A 191 -11.52 -28.53 10.29
N LYS A 192 -10.25 -28.94 10.22
CA LYS A 192 -9.14 -28.02 9.98
C LYS A 192 -8.01 -28.81 9.32
N ASP A 193 -7.24 -28.11 8.50
CA ASP A 193 -5.95 -28.61 7.99
C ASP A 193 -6.18 -29.97 7.30
N LYS A 194 -5.60 -31.06 7.77
CA LYS A 194 -5.69 -32.36 7.12
C LYS A 194 -6.80 -33.23 7.71
N ALA A 195 -7.87 -32.61 8.21
CA ALA A 195 -8.98 -33.36 8.78
C ALA A 195 -9.71 -34.16 7.71
N ASP A 196 -10.58 -35.05 8.16
CA ASP A 196 -11.33 -35.94 7.28
C ASP A 196 -12.80 -35.56 7.28
N LEU A 197 -13.50 -36.00 6.22
CA LEU A 197 -14.91 -35.68 6.07
C LEU A 197 -15.75 -36.23 7.23
N TYR A 198 -15.44 -37.44 7.70
CA TYR A 198 -16.24 -38.04 8.75
C TYR A 198 -16.13 -37.29 10.08
N PHE A 199 -15.19 -36.37 10.22
CA PHE A 199 -15.18 -35.49 11.39
C PHE A 199 -16.46 -34.68 11.45
N CYS A 200 -16.89 -34.15 10.30
CA CYS A 200 -18.08 -33.30 10.26
C CYS A 200 -19.34 -34.09 10.55
N PHE A 201 -19.40 -35.34 10.11
CA PHE A 201 -20.55 -36.19 10.42
C PHE A 201 -20.67 -36.42 11.92
N TYR A 202 -19.53 -36.59 12.60
CA TYR A 202 -19.57 -36.66 14.07
C TYR A 202 -20.20 -35.40 14.65
N LYS A 203 -19.78 -34.23 14.15
CA LYS A 203 -20.35 -32.99 14.65
C LYS A 203 -21.83 -32.89 14.32
N LYS A 204 -22.22 -33.22 13.10
CA LYS A 204 -23.63 -33.13 12.71
C LYS A 204 -24.49 -34.08 13.54
N ILE A 205 -24.04 -35.33 13.71
CA ILE A 205 -24.79 -36.32 14.47
C ILE A 205 -24.97 -35.85 15.91
N ILE A 206 -23.90 -35.34 16.52
CA ILE A 206 -24.00 -34.85 17.90
C ILE A 206 -24.97 -33.68 17.97
N ASP A 207 -24.92 -32.78 16.98
CA ASP A 207 -25.75 -31.58 17.02
C ASP A 207 -27.23 -31.90 16.97
N ILE A 208 -27.63 -32.88 16.16
CA ILE A 208 -29.04 -33.18 15.96
C ILE A 208 -29.47 -34.41 16.78
N LEU A 209 -28.75 -34.72 17.85
CA LEU A 209 -29.14 -35.78 18.75
C LEU A 209 -29.96 -35.19 19.90
N LYS A 210 -31.13 -35.78 20.16
CA LYS A 210 -31.99 -35.29 21.22
C LYS A 210 -31.31 -35.42 22.58
N GLN A 211 -31.69 -34.56 23.50
CA GLN A 211 -31.24 -34.71 24.88
C GLN A 211 -31.69 -36.07 25.40
N GLY A 212 -30.76 -36.81 26.00
CA GLY A 212 -31.04 -38.17 26.41
C GLY A 212 -31.01 -39.19 25.30
N GLY A 213 -30.70 -38.78 24.07
CA GLY A 213 -30.60 -39.71 22.96
C GLY A 213 -29.30 -40.50 22.96
N ILE A 214 -29.22 -41.47 22.05
CA ILE A 214 -28.09 -42.37 21.97
C ILE A 214 -27.63 -42.47 20.52
N GLY A 215 -26.34 -42.26 20.28
CA GLY A 215 -25.75 -42.42 18.97
C GLY A 215 -24.71 -43.52 18.98
N SER A 216 -24.63 -44.25 17.87
CA SER A 216 -23.64 -45.30 17.72
C SER A 216 -23.26 -45.41 16.25
N VAL A 217 -21.97 -45.22 15.95
CA VAL A 217 -21.48 -45.21 14.57
C VAL A 217 -20.18 -45.99 14.50
N ILE A 218 -19.85 -46.42 13.28
CA ILE A 218 -18.55 -47.02 12.99
C ILE A 218 -17.83 -46.10 12.02
N THR A 219 -16.62 -45.68 12.41
CA THR A 219 -15.81 -44.73 11.66
C THR A 219 -14.38 -45.24 11.61
N PRO A 220 -13.46 -44.58 10.90
CA PRO A 220 -12.05 -44.92 11.07
C PRO A 220 -11.59 -44.63 12.49
N ARG A 221 -10.61 -45.40 12.94
CA ARG A 221 -10.09 -45.26 14.29
C ARG A 221 -9.10 -44.12 14.44
N TYR A 222 -8.65 -43.54 13.32
CA TYR A 222 -7.46 -42.68 13.35
C TYR A 222 -7.67 -41.43 14.18
N PHE A 223 -8.90 -40.89 14.22
CA PHE A 223 -9.14 -39.66 14.98
C PHE A 223 -8.87 -39.87 16.47
N LEU A 224 -8.86 -41.11 16.96
CA LEU A 224 -8.62 -41.35 18.38
C LEU A 224 -7.23 -40.89 18.80
N GLU A 225 -6.27 -40.87 17.86
CA GLU A 225 -4.90 -40.49 18.18
C GLU A 225 -4.31 -39.44 17.26
N SER A 226 -4.88 -39.21 16.08
CA SER A 226 -4.23 -38.35 15.10
C SER A 226 -4.24 -36.90 15.56
N LEU A 227 -3.25 -36.15 15.08
CA LEU A 227 -3.17 -34.73 15.39
C LEU A 227 -4.37 -33.98 14.83
N SER A 228 -4.83 -34.36 13.63
CA SER A 228 -5.96 -33.66 13.01
C SER A 228 -7.23 -33.81 13.83
N GLY A 229 -7.37 -34.91 14.56
CA GLY A 229 -8.57 -35.17 15.33
C GLY A 229 -8.61 -34.54 16.70
N LYS A 230 -7.69 -33.63 17.02
CA LYS A 230 -7.68 -33.02 18.35
C LYS A 230 -8.95 -32.22 18.59
N ASP A 231 -9.36 -31.41 17.63
CA ASP A 231 -10.59 -30.63 17.79
C ASP A 231 -11.81 -31.54 17.86
N LEU A 232 -11.84 -32.59 17.04
CA LEU A 232 -12.96 -33.53 17.09
C LEU A 232 -13.04 -34.23 18.43
N ARG A 233 -11.89 -34.67 18.97
CA ARG A 233 -11.89 -35.30 20.28
C ARG A 233 -12.40 -34.35 21.36
N GLU A 234 -12.00 -33.09 21.30
CA GLU A 234 -12.47 -32.11 22.26
C GLU A 234 -13.98 -31.88 22.10
N TYR A 235 -14.47 -31.87 20.87
CA TYR A 235 -15.90 -31.66 20.64
C TYR A 235 -16.74 -32.81 21.18
N ILE A 236 -16.28 -34.06 20.98
CA ILE A 236 -17.00 -35.22 21.49
C ILE A 236 -17.01 -35.23 23.01
N LYS A 237 -15.83 -35.01 23.61
CA LYS A 237 -15.70 -35.11 25.06
C LYS A 237 -16.58 -34.09 25.78
N SER A 238 -16.72 -32.90 25.21
CA SER A 238 -17.40 -31.79 25.87
C SER A 238 -18.87 -31.65 25.50
N ASN A 239 -19.42 -32.56 24.68
CA ASN A 239 -20.82 -32.46 24.29
C ASN A 239 -21.63 -33.73 24.48
N VAL A 240 -20.99 -34.91 24.58
CA VAL A 240 -21.71 -36.16 24.81
C VAL A 240 -20.96 -36.97 25.86
N ASN A 241 -21.65 -37.95 26.42
CA ASN A 241 -21.02 -38.98 27.23
C ASN A 241 -20.69 -40.16 26.32
N VAL A 242 -19.41 -40.50 26.24
CA VAL A 242 -18.97 -41.64 25.42
C VAL A 242 -19.20 -42.90 26.25
N GLN A 243 -20.18 -43.71 25.84
CA GLN A 243 -20.48 -44.93 26.58
C GLN A 243 -19.41 -45.99 26.35
N GLU A 244 -19.02 -46.19 25.10
CA GLU A 244 -18.20 -47.34 24.75
C GLU A 244 -17.38 -47.04 23.49
N ILE A 245 -16.17 -47.57 23.45
CA ILE A 245 -15.30 -47.51 22.28
C ILE A 245 -14.82 -48.94 21.98
N VAL A 246 -15.12 -49.42 20.78
CA VAL A 246 -14.64 -50.73 20.32
C VAL A 246 -13.57 -50.47 19.27
N ASP A 247 -12.32 -50.77 19.61
CA ASP A 247 -11.18 -50.48 18.76
C ASP A 247 -10.66 -51.77 18.15
N PHE A 248 -10.82 -51.91 16.84
CA PHE A 248 -10.37 -53.09 16.11
C PHE A 248 -8.90 -53.00 15.69
N LEU A 249 -8.25 -51.85 15.92
CA LEU A 249 -6.84 -51.64 15.58
C LEU A 249 -6.67 -51.94 14.09
N GLY A 250 -5.67 -52.72 13.70
CA GLY A 250 -5.38 -52.96 12.30
C GLY A 250 -6.12 -54.12 11.65
N ALA A 251 -7.07 -54.74 12.35
CA ALA A 251 -7.83 -55.82 11.76
C ALA A 251 -8.67 -55.32 10.59
N ASN A 252 -8.92 -56.21 9.63
CA ASN A 252 -9.67 -55.86 8.42
C ASN A 252 -11.15 -56.12 8.67
N ILE A 253 -11.89 -55.06 8.99
CA ILE A 253 -13.33 -55.16 9.17
C ILE A 253 -14.04 -55.19 7.82
N PHE A 254 -13.64 -54.32 6.90
CA PHE A 254 -14.22 -54.25 5.57
C PHE A 254 -13.33 -55.01 4.60
N LYS A 255 -13.91 -55.97 3.89
CA LYS A 255 -13.15 -56.77 2.94
C LYS A 255 -12.68 -55.91 1.77
N ASN A 256 -11.42 -56.11 1.37
CA ASN A 256 -10.81 -55.43 0.23
C ASN A 256 -10.78 -53.91 0.41
N ILE A 257 -10.76 -53.45 1.66
CA ILE A 257 -10.66 -52.03 1.98
C ILE A 257 -9.51 -51.83 2.95
N GLY A 258 -8.62 -50.90 2.63
CA GLY A 258 -7.51 -50.60 3.51
C GLY A 258 -7.83 -49.53 4.54
N VAL A 259 -8.65 -49.89 5.53
CA VAL A 259 -9.05 -48.96 6.58
C VAL A 259 -9.08 -49.69 7.91
N SER A 260 -8.87 -48.94 8.98
CA SER A 260 -8.93 -49.44 10.35
C SER A 260 -10.06 -48.75 11.09
N SER A 261 -10.89 -49.52 11.79
CA SER A 261 -12.20 -49.07 12.21
C SER A 261 -12.38 -49.15 13.72
N CYS A 262 -13.28 -48.30 14.21
CA CYS A 262 -13.73 -48.36 15.60
C CYS A 262 -15.22 -48.04 15.65
N ILE A 263 -15.89 -48.51 16.70
CA ILE A 263 -17.30 -48.23 16.94
C ILE A 263 -17.40 -47.33 18.16
N LEU A 264 -18.07 -46.19 18.00
CA LEU A 264 -18.24 -45.21 19.07
C LEU A 264 -19.71 -45.14 19.43
N THR A 265 -20.01 -45.35 20.71
CA THR A 265 -21.38 -45.25 21.22
C THR A 265 -21.42 -44.16 22.27
N PHE A 266 -22.31 -43.19 22.08
CA PHE A 266 -22.37 -42.01 22.94
C PHE A 266 -23.82 -41.63 23.18
N ASP A 267 -24.04 -40.86 24.24
CA ASP A 267 -25.39 -40.41 24.59
C ASP A 267 -25.34 -38.97 25.08
N LYS A 268 -26.53 -38.41 25.28
CA LYS A 268 -26.72 -37.09 25.88
C LYS A 268 -27.57 -37.20 27.13
N LYS A 269 -27.38 -38.27 27.89
CA LYS A 269 -28.11 -38.49 29.12
C LYS A 269 -27.46 -37.73 30.27
N LYS A 270 -28.24 -37.52 31.33
CA LYS A 270 -27.76 -36.87 32.55
C LYS A 270 -27.12 -37.92 33.43
N THR A 271 -25.78 -37.97 33.44
CA THR A 271 -25.04 -38.93 34.24
C THR A 271 -23.91 -38.22 34.96
N LYS A 272 -23.53 -38.77 36.11
CA LYS A 272 -22.48 -38.19 36.93
C LYS A 272 -21.22 -39.04 37.00
N GLU A 273 -21.26 -40.29 36.54
CA GLU A 273 -20.10 -41.17 36.61
C GLU A 273 -19.20 -41.06 35.38
N THR A 274 -19.81 -40.99 34.19
CA THR A 274 -19.14 -40.78 32.90
C THR A 274 -17.82 -41.55 32.79
N TYR A 275 -17.93 -42.87 32.86
CA TYR A 275 -16.83 -43.76 32.56
C TYR A 275 -17.07 -44.45 31.21
N ILE A 276 -15.99 -44.68 30.48
CA ILE A 276 -16.05 -45.25 29.14
C ILE A 276 -15.67 -46.73 29.21
N ASP A 277 -16.46 -47.57 28.56
CA ASP A 277 -16.06 -48.96 28.32
C ASP A 277 -15.20 -49.01 27.07
N VAL A 278 -13.98 -49.53 27.20
CA VAL A 278 -13.06 -49.64 26.07
C VAL A 278 -12.83 -51.13 25.79
N PHE A 279 -13.14 -51.55 24.57
CA PHE A 279 -12.87 -52.90 24.10
C PHE A 279 -11.81 -52.80 23.01
N LYS A 280 -10.62 -53.36 23.29
CA LYS A 280 -9.50 -53.28 22.37
C LYS A 280 -9.09 -54.69 21.97
N ILE A 281 -8.95 -54.90 20.67
CA ILE A 281 -8.67 -56.25 20.17
C ILE A 281 -7.25 -56.64 20.53
N LYS A 282 -7.05 -57.95 20.76
CA LYS A 282 -5.75 -58.49 21.13
C LYS A 282 -5.07 -59.24 19.98
N ASN A 283 -5.84 -59.97 19.17
CA ASN A 283 -5.32 -60.65 18.00
C ASN A 283 -5.90 -60.00 16.76
N GLU A 284 -5.04 -59.43 15.91
CA GLU A 284 -5.49 -58.71 14.73
C GLU A 284 -5.79 -59.63 13.55
N ASP A 285 -5.46 -60.92 13.63
CA ASP A 285 -5.67 -61.84 12.52
C ASP A 285 -6.99 -62.59 12.61
N ILE A 286 -7.79 -62.36 13.66
CA ILE A 286 -9.00 -63.15 13.84
C ILE A 286 -10.04 -62.79 12.78
N CYS A 287 -10.95 -63.73 12.53
CA CYS A 287 -12.04 -63.52 11.61
C CYS A 287 -13.27 -63.04 12.37
N ILE A 288 -13.94 -62.01 11.84
CA ILE A 288 -15.03 -61.37 12.55
C ILE A 288 -16.25 -62.29 12.67
N ASN A 289 -16.35 -63.31 11.82
CA ASN A 289 -17.48 -64.24 11.86
C ASN A 289 -17.23 -65.43 12.78
N LYS A 290 -16.35 -65.28 13.77
CA LYS A 290 -16.07 -66.39 14.68
C LYS A 290 -17.31 -66.76 15.49
N PHE A 291 -18.07 -65.77 15.94
CA PHE A 291 -19.29 -65.98 16.71
C PHE A 291 -20.48 -65.42 15.95
N GLU A 292 -21.68 -65.77 16.42
CA GLU A 292 -22.90 -65.28 15.81
C GLU A 292 -23.12 -63.80 16.12
N THR A 293 -22.59 -63.31 17.24
CA THR A 293 -22.78 -61.93 17.67
C THR A 293 -21.43 -61.30 17.97
N LEU A 294 -21.37 -59.97 17.83
CA LEU A 294 -20.15 -59.25 18.15
C LEU A 294 -19.87 -59.26 19.65
N GLU A 295 -20.93 -59.16 20.47
CA GLU A 295 -20.73 -59.11 21.92
C GLU A 295 -20.11 -60.40 22.45
N GLU A 296 -20.32 -61.52 21.77
CA GLU A 296 -19.59 -62.74 22.12
C GLU A 296 -18.09 -62.53 21.91
N LEU A 297 -17.71 -61.93 20.79
CA LEU A 297 -16.29 -61.68 20.51
C LEU A 297 -15.70 -60.71 21.53
N LEU A 298 -16.44 -59.66 21.89
CA LEU A 298 -15.92 -58.68 22.84
C LEU A 298 -15.68 -59.30 24.21
N LYS A 299 -16.59 -60.16 24.67
CA LYS A 299 -16.42 -60.80 25.97
C LYS A 299 -15.31 -61.86 25.97
N SER A 300 -14.86 -62.29 24.80
CA SER A 300 -13.93 -63.40 24.69
C SER A 300 -12.50 -62.97 25.03
N SER A 301 -11.57 -63.92 24.89
CA SER A 301 -10.15 -63.64 25.08
C SER A 301 -9.52 -62.95 23.88
N LYS A 302 -10.25 -62.84 22.76
CA LYS A 302 -9.75 -62.09 21.60
C LYS A 302 -9.73 -60.58 21.86
N PHE A 303 -10.42 -60.12 22.88
CA PHE A 303 -10.50 -58.70 23.23
C PHE A 303 -10.12 -58.51 24.69
N GLU A 304 -9.73 -57.29 25.02
CA GLU A 304 -9.51 -56.87 26.40
C GLU A 304 -10.46 -55.72 26.71
N HIS A 305 -10.87 -55.63 27.98
CA HIS A 305 -11.77 -54.59 28.43
C HIS A 305 -11.15 -53.81 29.58
N PHE A 306 -11.33 -52.50 29.57
CA PHE A 306 -10.93 -51.63 30.66
C PHE A 306 -11.74 -50.35 30.59
N ASN A 307 -11.69 -49.57 31.66
CA ASN A 307 -12.48 -48.36 31.79
C ASN A 307 -11.59 -47.13 31.85
N ILE A 308 -12.06 -46.05 31.24
CA ILE A 308 -11.35 -44.77 31.22
C ILE A 308 -12.30 -43.68 31.70
N ASN A 309 -11.85 -42.88 32.66
CA ASN A 309 -12.63 -41.76 33.17
C ASN A 309 -12.63 -40.64 32.14
N GLN A 310 -13.80 -40.34 31.57
CA GLN A 310 -13.88 -39.31 30.53
C GLN A 310 -13.43 -37.94 31.05
N ARG A 311 -13.60 -37.69 32.35
CA ARG A 311 -13.16 -36.43 32.91
C ARG A 311 -11.64 -36.33 33.02
N LEU A 312 -10.93 -37.45 32.90
CA LEU A 312 -9.47 -37.45 32.93
C LEU A 312 -8.84 -37.39 31.55
N LEU A 313 -9.64 -37.32 30.48
CA LEU A 313 -9.08 -37.22 29.15
C LEU A 313 -8.49 -35.84 28.93
N SER A 314 -7.23 -35.80 28.51
CA SER A 314 -6.58 -34.56 28.09
C SER A 314 -6.87 -34.33 26.61
N ASP A 315 -6.12 -33.43 25.97
CA ASP A 315 -6.25 -33.28 24.52
C ASP A 315 -5.98 -34.59 23.81
N GLU A 316 -5.17 -35.47 24.40
CA GLU A 316 -4.96 -36.82 23.89
C GLU A 316 -5.78 -37.80 24.72
N TRP A 317 -6.30 -38.83 24.05
CA TRP A 317 -7.04 -39.90 24.70
C TRP A 317 -6.11 -41.11 24.83
N ILE A 318 -5.60 -41.34 26.02
CA ILE A 318 -4.70 -42.46 26.28
C ILE A 318 -5.55 -43.61 26.80
N LEU A 319 -5.95 -44.50 25.89
CA LEU A 319 -6.86 -45.59 26.20
C LEU A 319 -6.07 -46.89 26.34
N VAL A 320 -5.53 -47.11 27.53
CA VAL A 320 -4.78 -48.33 27.84
C VAL A 320 -5.19 -48.85 29.21
N ASN A 321 -4.89 -50.12 29.46
CA ASN A 321 -5.22 -50.73 30.73
C ASN A 321 -4.32 -50.16 31.84
N LYS A 322 -4.63 -50.54 33.08
CA LYS A 322 -3.95 -49.94 34.23
C LYS A 322 -2.48 -50.31 34.28
N ASP A 323 -2.11 -51.51 33.83
CA ASP A 323 -0.70 -51.89 33.78
C ASP A 323 0.08 -51.00 32.81
N ASP A 324 -0.47 -50.80 31.61
CA ASP A 324 0.18 -49.93 30.63
C ASP A 324 0.17 -48.48 31.09
N GLU A 325 -0.93 -48.03 31.71
CA GLU A 325 -0.99 -46.66 32.21
C GLU A 325 0.05 -46.43 33.30
N THR A 326 0.22 -47.40 34.21
CA THR A 326 1.28 -47.30 35.22
C THR A 326 2.65 -47.30 34.55
N PHE A 327 2.84 -48.17 33.57
CA PHE A 327 4.10 -48.22 32.83
C PHE A 327 4.38 -46.89 32.12
N TYR A 328 3.37 -46.35 31.44
CA TYR A 328 3.55 -45.10 30.72
C TYR A 328 3.85 -43.95 31.66
N ASN A 329 3.13 -43.86 32.78
CA ASN A 329 3.32 -42.74 33.70
C ASN A 329 4.67 -42.80 34.40
N LYS A 330 5.20 -44.00 34.65
CA LYS A 330 6.54 -44.10 35.24
C LYS A 330 7.59 -43.49 34.32
N ILE A 331 7.51 -43.82 33.03
CA ILE A 331 8.49 -43.29 32.07
C ILE A 331 8.35 -41.79 31.94
N GLN A 332 7.10 -41.28 31.90
CA GLN A 332 6.89 -39.84 31.77
C GLN A 332 7.48 -39.10 32.96
N GLU A 333 7.25 -39.59 34.17
CA GLU A 333 7.73 -38.89 35.36
C GLU A 333 9.24 -38.96 35.50
N LYS A 334 9.83 -40.12 35.17
CA LYS A 334 11.28 -40.29 35.36
C LYS A 334 12.06 -39.45 34.36
N CYS A 335 11.61 -39.40 33.11
CA CYS A 335 12.37 -38.73 32.06
C CYS A 335 12.20 -37.21 32.17
N LYS A 336 13.32 -36.49 32.08
CA LYS A 336 13.30 -35.03 32.19
C LYS A 336 13.37 -34.33 30.83
N TYR A 337 13.77 -35.03 29.78
CA TYR A 337 13.90 -34.45 28.46
C TYR A 337 12.97 -35.16 27.48
N SER A 338 12.61 -34.44 26.43
CA SER A 338 11.94 -35.03 25.28
C SER A 338 12.86 -34.90 24.06
N LEU A 339 12.56 -35.67 23.03
CA LEU A 339 13.33 -35.55 21.79
C LEU A 339 13.20 -34.15 21.20
N GLU A 340 12.04 -33.52 21.35
CA GLU A 340 11.86 -32.18 20.82
C GLU A 340 12.81 -31.19 21.49
N ASP A 341 13.05 -31.36 22.79
CA ASP A 341 13.95 -30.45 23.50
C ASP A 341 15.36 -30.51 22.94
N ILE A 342 15.85 -31.71 22.62
CA ILE A 342 17.27 -31.89 22.33
C ILE A 342 17.58 -32.06 20.85
N ALA A 343 16.57 -32.12 19.98
CA ALA A 343 16.78 -32.50 18.59
C ALA A 343 16.03 -31.58 17.64
N ILE A 344 16.53 -31.51 16.42
CA ILE A 344 15.90 -30.78 15.32
C ILE A 344 15.35 -31.80 14.34
N SER A 345 14.04 -31.78 14.14
CA SER A 345 13.35 -32.74 13.28
C SER A 345 13.04 -32.10 11.92
N PHE A 346 13.04 -32.94 10.88
CA PHE A 346 12.63 -32.47 9.55
C PHE A 346 12.19 -33.65 8.70
N GLN A 347 11.26 -33.38 7.80
CA GLN A 347 10.79 -34.36 6.83
C GLN A 347 11.73 -34.41 5.64
N GLY A 348 11.75 -35.56 4.96
CA GLY A 348 12.64 -35.76 3.85
C GLY A 348 12.20 -35.03 2.58
N ILE A 349 12.99 -35.24 1.53
CA ILE A 349 12.73 -34.58 0.26
C ILE A 349 11.37 -34.99 -0.29
N ILE A 350 10.65 -34.03 -0.84
CA ILE A 350 9.44 -34.30 -1.61
C ILE A 350 9.70 -33.76 -3.02
N THR A 351 10.09 -34.66 -3.93
CA THR A 351 10.41 -34.23 -5.29
C THR A 351 9.18 -33.80 -6.06
N GLY A 352 8.03 -34.43 -5.79
CA GLY A 352 6.82 -34.20 -6.55
C GLY A 352 6.65 -35.11 -7.74
N CYS A 353 7.73 -35.74 -8.21
CA CYS A 353 7.64 -36.81 -9.20
C CYS A 353 8.92 -37.63 -9.07
N ASP A 354 8.85 -38.74 -8.33
CA ASP A 354 10.06 -39.48 -8.00
C ASP A 354 10.70 -40.11 -9.24
N LYS A 355 9.89 -40.56 -10.20
CA LYS A 355 10.42 -41.21 -11.38
C LYS A 355 11.29 -40.26 -12.20
N ALA A 356 11.04 -38.94 -12.11
CA ALA A 356 11.82 -37.97 -12.86
C ALA A 356 13.20 -37.75 -12.28
N PHE A 357 13.37 -37.90 -10.96
CA PHE A 357 14.60 -37.51 -10.29
C PHE A 357 15.36 -38.67 -9.64
N ILE A 358 14.74 -39.83 -9.47
CA ILE A 358 15.36 -40.96 -8.79
C ILE A 358 15.75 -42.00 -9.83
N LEU A 359 17.00 -42.46 -9.77
CA LEU A 359 17.52 -43.46 -10.69
C LEU A 359 18.33 -44.47 -9.90
N SER A 360 18.35 -45.71 -10.40
CA SER A 360 19.24 -46.71 -9.85
C SER A 360 20.68 -46.26 -10.03
N LYS A 361 21.53 -46.57 -9.03
CA LYS A 361 22.91 -46.13 -9.09
C LYS A 361 23.68 -46.78 -10.24
N ASP A 362 23.17 -47.88 -10.79
CA ASP A 362 23.77 -48.53 -11.94
C ASP A 362 23.15 -48.10 -13.26
N ASP A 363 22.22 -47.15 -13.25
CA ASP A 363 21.62 -46.67 -14.49
C ASP A 363 22.67 -45.92 -15.31
N VAL A 364 22.72 -46.24 -16.60
CA VAL A 364 23.72 -45.62 -17.48
C VAL A 364 23.46 -44.13 -17.66
N LYS A 365 22.22 -43.68 -17.44
CA LYS A 365 21.89 -42.27 -17.60
C LYS A 365 22.56 -41.38 -16.55
N LEU A 366 23.10 -41.96 -15.47
CA LEU A 366 23.83 -41.17 -14.50
C LEU A 366 25.16 -40.68 -15.02
N ASN A 367 25.66 -41.27 -16.12
CA ASN A 367 26.86 -40.74 -16.75
C ASN A 367 26.65 -39.33 -17.28
N LEU A 368 25.40 -38.95 -17.58
CA LEU A 368 25.09 -37.61 -18.03
C LEU A 368 25.05 -36.59 -16.91
N VAL A 369 25.05 -37.02 -15.65
CA VAL A 369 24.85 -36.13 -14.51
C VAL A 369 26.17 -36.01 -13.76
N ASP A 370 26.61 -34.77 -13.56
CA ASP A 370 27.79 -34.49 -12.76
C ASP A 370 27.57 -34.98 -11.33
N ASP A 371 28.59 -35.60 -10.77
CA ASP A 371 28.47 -36.20 -9.43
C ASP A 371 28.17 -35.17 -8.35
N LYS A 372 28.42 -33.88 -8.62
CA LYS A 372 28.03 -32.85 -7.66
C LYS A 372 26.52 -32.74 -7.53
N PHE A 373 25.77 -33.18 -8.53
CA PHE A 373 24.31 -33.15 -8.49
C PHE A 373 23.69 -34.39 -7.84
N LEU A 374 24.47 -35.43 -7.61
CA LEU A 374 23.95 -36.72 -7.18
C LEU A 374 23.99 -36.85 -5.67
N LYS A 375 22.92 -37.38 -5.10
CA LYS A 375 22.81 -37.65 -3.67
C LYS A 375 22.38 -39.09 -3.46
N CYS A 376 22.88 -39.71 -2.39
CA CYS A 376 22.44 -41.03 -2.01
C CYS A 376 20.97 -41.00 -1.57
N TRP A 377 20.21 -42.01 -2.00
CA TRP A 377 18.76 -42.05 -1.82
C TRP A 377 18.37 -43.39 -1.21
N ILE A 378 17.63 -43.34 -0.11
CA ILE A 378 17.19 -44.55 0.59
C ILE A 378 15.68 -44.51 0.78
N LYS A 379 15.11 -45.69 0.99
CA LYS A 379 13.70 -45.85 1.30
C LYS A 379 13.54 -46.31 2.74
N SER A 380 12.28 -46.38 3.19
CA SER A 380 12.01 -46.80 4.56
C SER A 380 12.52 -48.22 4.81
N LYS A 381 12.41 -49.09 3.82
CA LYS A 381 12.86 -50.47 3.99
C LYS A 381 14.37 -50.57 4.22
N ASN A 382 15.13 -49.55 3.82
CA ASN A 382 16.57 -49.54 4.04
C ASN A 382 16.96 -49.19 5.48
N ILE A 383 16.01 -48.74 6.29
CA ILE A 383 16.30 -48.38 7.68
C ILE A 383 16.12 -49.62 8.55
N ASN A 384 17.19 -50.04 9.21
CA ASN A 384 17.15 -51.08 10.22
C ASN A 384 17.34 -50.44 11.58
N LYS A 385 17.35 -51.27 12.62
CA LYS A 385 17.79 -50.80 13.92
C LYS A 385 19.29 -50.50 13.86
N TYR A 386 19.66 -49.29 14.31
CA TYR A 386 21.02 -48.83 14.53
C TYR A 386 21.82 -48.47 13.28
N ILE A 387 21.41 -48.92 12.08
CA ILE A 387 22.19 -48.68 10.87
C ILE A 387 21.26 -48.74 9.66
N VAL A 388 21.73 -48.13 8.57
CA VAL A 388 21.00 -48.02 7.32
C VAL A 388 21.67 -48.90 6.29
N ASP A 389 20.86 -49.60 5.49
CA ASP A 389 21.40 -50.39 4.39
C ASP A 389 22.09 -49.48 3.38
N LYS A 390 23.08 -50.05 2.67
CA LYS A 390 23.73 -49.32 1.60
C LYS A 390 22.71 -48.90 0.55
N SER A 391 22.77 -47.64 0.14
CA SER A 391 21.78 -47.11 -0.80
C SER A 391 21.98 -47.70 -2.18
N GLU A 392 20.87 -47.92 -2.89
CA GLU A 392 20.90 -48.42 -4.25
C GLU A 392 20.43 -47.39 -5.27
N TYR A 393 19.85 -46.28 -4.83
CA TYR A 393 19.31 -45.27 -5.72
C TYR A 393 20.06 -43.96 -5.56
N ARG A 394 19.90 -43.08 -6.55
CA ARG A 394 20.53 -41.77 -6.53
C ARG A 394 19.48 -40.71 -6.81
N LEU A 395 19.61 -39.57 -6.15
CA LEU A 395 18.75 -38.41 -6.34
C LEU A 395 19.49 -37.36 -7.15
N ILE A 396 18.84 -36.85 -8.19
CA ILE A 396 19.34 -35.72 -8.95
C ILE A 396 18.84 -34.46 -8.24
N TYR A 397 19.74 -33.78 -7.52
CA TYR A 397 19.36 -32.55 -6.82
C TYR A 397 19.29 -31.44 -7.87
N SER A 398 18.18 -31.46 -8.62
CA SER A 398 18.04 -30.59 -9.78
C SER A 398 17.95 -29.12 -9.43
N ASN A 399 17.74 -28.78 -8.15
CA ASN A 399 17.71 -27.38 -7.75
C ASN A 399 19.03 -26.68 -8.02
N ASP A 400 20.13 -27.43 -8.05
CA ASP A 400 21.45 -26.87 -8.28
C ASP A 400 21.78 -26.70 -9.76
N ILE A 401 20.88 -27.08 -10.65
CA ILE A 401 21.05 -26.83 -12.08
C ILE A 401 20.68 -25.37 -12.33
N ASP A 402 21.67 -24.57 -12.74
CA ASP A 402 21.48 -23.12 -12.81
C ASP A 402 20.48 -22.75 -13.91
N ASN A 403 20.79 -23.09 -15.15
CA ASN A 403 19.95 -22.74 -16.28
C ASN A 403 19.81 -23.93 -17.21
N GLU A 404 18.77 -23.88 -18.05
CA GLU A 404 18.44 -24.99 -18.93
C GLU A 404 19.45 -25.18 -20.06
N ASN A 405 20.24 -24.14 -20.37
CA ASN A 405 21.16 -24.24 -21.51
C ASN A 405 22.44 -24.99 -21.17
N THR A 406 22.94 -24.82 -19.93
CA THR A 406 24.22 -25.43 -19.58
C THR A 406 24.11 -26.94 -19.37
N ASN A 407 22.96 -27.41 -18.86
CA ASN A 407 22.78 -28.83 -18.60
C ASN A 407 21.60 -29.38 -19.40
N LYS A 408 21.52 -29.03 -20.68
CA LYS A 408 20.39 -29.42 -21.50
C LYS A 408 20.25 -30.93 -21.62
N ARG A 409 21.37 -31.66 -21.60
CA ARG A 409 21.31 -33.11 -21.76
C ARG A 409 20.58 -33.77 -20.60
N ILE A 410 20.83 -33.31 -19.37
CA ILE A 410 20.14 -33.87 -18.21
C ILE A 410 18.64 -33.58 -18.30
N LEU A 411 18.28 -32.35 -18.67
CA LEU A 411 16.87 -32.00 -18.77
C LEU A 411 16.19 -32.76 -19.90
N ASP A 412 16.84 -32.86 -21.06
CA ASP A 412 16.18 -33.47 -22.21
C ASP A 412 16.07 -34.98 -22.09
N GLU A 413 17.09 -35.64 -21.54
CA GLU A 413 17.15 -37.10 -21.58
C GLU A 413 16.72 -37.78 -20.29
N ILE A 414 16.64 -37.06 -19.18
CA ILE A 414 16.28 -37.71 -17.92
C ILE A 414 15.04 -37.07 -17.31
N ILE A 415 15.14 -35.80 -16.93
CA ILE A 415 14.06 -35.15 -16.19
C ILE A 415 12.90 -34.82 -17.11
N GLY A 416 13.19 -34.41 -18.35
CA GLY A 416 12.14 -33.97 -19.26
C GLY A 416 11.20 -35.05 -19.73
N LEU A 417 11.55 -36.32 -19.50
CA LEU A 417 10.64 -37.41 -19.85
C LEU A 417 9.33 -37.34 -19.08
N TYR A 418 9.29 -36.58 -17.99
CA TYR A 418 8.09 -36.38 -17.19
C TYR A 418 7.72 -34.90 -17.08
N LYS A 419 8.04 -34.13 -18.12
CA LYS A 419 7.84 -32.69 -18.04
C LYS A 419 6.37 -32.32 -17.88
N THR A 420 5.48 -33.04 -18.57
CA THR A 420 4.05 -32.76 -18.44
C THR A 420 3.58 -32.96 -17.00
N LYS A 421 3.99 -34.07 -16.38
CA LYS A 421 3.61 -34.32 -14.99
C LYS A 421 4.25 -33.30 -14.06
N LEU A 422 5.51 -32.94 -14.32
CA LEU A 422 6.20 -31.98 -13.46
C LEU A 422 5.54 -30.60 -13.52
N GLU A 423 5.10 -30.19 -14.71
CA GLU A 423 4.45 -28.89 -14.86
C GLU A 423 3.11 -28.83 -14.16
N ASN A 424 2.52 -29.98 -13.81
CA ASN A 424 1.23 -29.99 -13.14
C ASN A 424 1.35 -29.82 -11.62
N ARG A 425 2.57 -29.82 -11.08
CA ARG A 425 2.74 -29.60 -9.65
C ARG A 425 2.30 -28.18 -9.30
N ARG A 426 1.82 -28.01 -8.07
CA ARG A 426 1.20 -26.75 -7.67
C ARG A 426 2.17 -25.58 -7.78
N GLU A 427 3.40 -25.76 -7.31
CA GLU A 427 4.36 -24.66 -7.32
C GLU A 427 4.89 -24.36 -8.72
N CYS A 428 4.79 -25.31 -9.64
CA CYS A 428 5.15 -25.02 -11.03
C CYS A 428 4.09 -24.18 -11.72
N LYS A 429 2.81 -24.48 -11.47
CA LYS A 429 1.73 -23.71 -12.09
C LYS A 429 1.71 -22.28 -11.58
N SER A 430 2.13 -22.05 -10.34
CA SER A 430 2.17 -20.71 -9.77
C SER A 430 3.47 -19.99 -10.08
N GLY A 431 4.42 -20.65 -10.72
CA GLY A 431 5.69 -20.03 -11.08
C GLY A 431 6.73 -20.01 -9.97
N ILE A 432 6.41 -20.52 -8.79
CA ILE A 432 7.37 -20.53 -7.70
C ILE A 432 8.53 -21.46 -8.02
N ARG A 433 8.26 -22.57 -8.71
CA ARG A 433 9.24 -23.60 -8.99
C ARG A 433 9.38 -23.78 -10.49
N LYS A 434 10.61 -23.93 -10.95
CA LYS A 434 10.84 -24.30 -12.34
C LYS A 434 10.39 -25.74 -12.57
N TRP A 435 10.05 -26.05 -13.82
CA TRP A 435 9.47 -27.35 -14.13
C TRP A 435 10.42 -28.49 -13.80
N TYR A 436 11.73 -28.25 -13.84
CA TYR A 436 12.72 -29.27 -13.57
C TYR A 436 13.20 -29.28 -12.12
N GLU A 437 12.73 -28.36 -11.28
CA GLU A 437 13.20 -28.30 -9.91
C GLU A 437 12.44 -29.28 -9.03
N LEU A 438 13.06 -29.61 -7.90
CA LEU A 438 12.37 -30.39 -6.87
C LEU A 438 11.27 -29.53 -6.25
N GLN A 439 10.13 -30.16 -5.95
CA GLN A 439 9.02 -29.42 -5.37
C GLN A 439 9.35 -28.91 -3.97
N TRP A 440 9.85 -29.80 -3.12
CA TRP A 440 10.30 -29.44 -1.76
C TRP A 440 11.67 -30.05 -1.57
N GLY A 441 12.70 -29.32 -1.99
CA GLY A 441 14.08 -29.79 -1.88
C GLY A 441 14.72 -29.61 -0.53
N ARG A 442 14.03 -28.95 0.40
CA ARG A 442 14.48 -28.77 1.79
C ARG A 442 15.83 -28.05 1.77
N GLU A 443 16.68 -28.37 2.75
CA GLU A 443 18.02 -27.82 2.84
C GLU A 443 19.01 -28.98 2.76
N LYS A 444 19.98 -28.86 1.84
CA LYS A 444 20.97 -29.91 1.68
C LYS A 444 21.74 -30.16 2.97
N LEU A 445 22.14 -29.09 3.67
CA LEU A 445 23.00 -29.23 4.83
C LEU A 445 22.32 -30.04 5.95
N PHE A 446 20.99 -30.04 5.99
CA PHE A 446 20.30 -30.83 7.00
C PHE A 446 20.55 -32.32 6.81
N PHE A 447 20.61 -32.78 5.56
CA PHE A 447 20.84 -34.18 5.27
C PHE A 447 22.31 -34.57 5.27
N GLU A 448 23.20 -33.67 4.86
CA GLU A 448 24.61 -33.99 4.71
C GLU A 448 25.37 -33.80 6.03
N ARG A 449 24.96 -34.60 7.01
CA ARG A 449 25.55 -34.56 8.34
C ARG A 449 25.18 -35.85 9.04
N LYS A 450 25.84 -36.09 10.17
CA LYS A 450 25.49 -37.25 11.00
C LYS A 450 24.12 -37.01 11.62
N LYS A 451 23.22 -37.98 11.46
CA LYS A 451 21.85 -37.82 11.92
C LYS A 451 21.25 -39.19 12.19
N ILE A 452 20.05 -39.18 12.76
CA ILE A 452 19.28 -40.39 13.01
C ILE A 452 18.07 -40.39 12.08
N MET A 453 17.81 -41.52 11.44
CA MET A 453 16.70 -41.68 10.52
C MET A 453 15.82 -42.84 10.95
N TYR A 454 14.52 -42.72 10.68
CA TYR A 454 13.57 -43.77 11.02
C TYR A 454 12.46 -43.78 9.97
N PRO A 455 11.87 -44.95 9.69
CA PRO A 455 10.77 -45.00 8.71
C PRO A 455 9.52 -44.33 9.23
N TYR A 456 8.74 -43.77 8.31
CA TYR A 456 7.52 -43.07 8.69
C TYR A 456 6.39 -44.02 9.08
N LYS A 457 6.49 -45.29 8.70
CA LYS A 457 5.50 -46.31 9.04
C LYS A 457 6.25 -47.62 9.26
N SER A 458 6.05 -48.23 10.42
CA SER A 458 6.78 -49.46 10.74
C SER A 458 5.99 -50.25 11.76
N ASN A 459 6.35 -51.53 11.89
CA ASN A 459 5.80 -52.39 12.91
C ASN A 459 6.55 -52.27 14.23
N GLU A 460 7.74 -51.67 14.23
CA GLU A 460 8.55 -51.59 15.44
C GLU A 460 9.46 -50.37 15.35
N ASN A 461 10.01 -50.00 16.50
CA ASN A 461 10.98 -48.92 16.55
C ASN A 461 12.22 -49.30 15.74
N ARG A 462 12.55 -48.49 14.75
CA ARG A 462 13.76 -48.68 13.94
C ARG A 462 14.42 -47.31 13.76
N PHE A 463 15.29 -46.96 14.71
CA PHE A 463 16.05 -45.71 14.66
C PHE A 463 17.50 -46.05 14.35
N ALA A 464 18.01 -45.47 13.27
CA ALA A 464 19.35 -45.78 12.77
C ALA A 464 20.19 -44.51 12.70
N ILE A 465 21.47 -44.65 13.01
CA ILE A 465 22.44 -43.58 12.77
C ILE A 465 22.83 -43.60 11.30
N ASP A 466 22.75 -42.45 10.64
CA ASP A 466 23.18 -42.33 9.25
C ASP A 466 24.56 -41.69 9.20
N TYR A 467 25.54 -42.44 8.69
CA TYR A 467 26.89 -41.94 8.52
C TYR A 467 27.20 -41.50 7.10
N ASP A 468 26.32 -41.75 6.14
CA ASP A 468 26.63 -41.62 4.73
C ASP A 468 25.89 -40.49 4.02
N ASN A 469 25.44 -39.48 4.78
CA ASN A 469 24.77 -38.32 4.20
C ASN A 469 23.61 -38.73 3.30
N ASN A 470 22.76 -39.61 3.80
CA ASN A 470 21.67 -40.15 3.00
C ASN A 470 20.51 -39.17 2.90
N PHE A 471 20.02 -38.98 1.68
CA PHE A 471 18.76 -38.29 1.43
C PHE A 471 17.64 -39.31 1.34
N SER A 472 16.41 -38.83 1.47
CA SER A 472 15.26 -39.72 1.42
C SER A 472 14.02 -38.92 1.07
N SER A 473 12.97 -39.62 0.70
CA SER A 473 11.66 -39.01 0.51
C SER A 473 10.99 -38.85 1.88
N ALA A 474 9.71 -38.51 1.88
CA ALA A 474 8.99 -38.30 3.14
C ALA A 474 8.61 -39.60 3.83
N ASP A 475 8.98 -40.76 3.28
CA ASP A 475 8.77 -42.03 3.97
C ASP A 475 9.86 -42.31 4.99
N VAL A 476 10.87 -41.44 5.09
CA VAL A 476 11.88 -41.51 6.13
C VAL A 476 12.00 -40.14 6.78
N TYR A 477 12.02 -40.11 8.10
CA TYR A 477 12.22 -38.87 8.85
C TYR A 477 13.60 -38.88 9.50
N SER A 478 14.13 -37.68 9.73
CA SER A 478 15.47 -37.53 10.28
C SER A 478 15.45 -36.54 11.43
N PHE A 479 16.44 -36.65 12.31
CA PHE A 479 16.72 -35.58 13.26
C PHE A 479 18.19 -35.61 13.66
N PHE A 480 18.70 -34.46 14.07
CA PHE A 480 20.03 -34.36 14.64
C PHE A 480 19.95 -33.65 15.98
N ILE A 481 20.94 -33.92 16.82
CA ILE A 481 20.97 -33.38 18.17
C ILE A 481 21.41 -31.92 18.13
N LYS A 482 20.74 -31.08 18.93
CA LYS A 482 21.16 -29.69 19.06
C LYS A 482 22.56 -29.62 19.66
N GLU A 483 23.30 -28.58 19.26
CA GLU A 483 24.69 -28.46 19.70
C GLU A 483 24.81 -28.38 21.21
N GLU A 484 23.91 -27.63 21.86
CA GLU A 484 23.99 -27.48 23.30
C GLU A 484 23.71 -28.77 24.07
N TYR A 485 23.14 -29.79 23.43
CA TYR A 485 22.84 -31.05 24.10
C TYR A 485 23.78 -32.18 23.72
N LEU A 486 24.81 -31.92 22.90
CA LEU A 486 25.70 -32.99 22.49
C LEU A 486 26.53 -33.53 23.64
N ASP A 487 26.78 -32.73 24.67
CA ASP A 487 27.53 -33.20 25.82
C ASP A 487 26.69 -34.03 26.78
N LYS A 488 25.37 -34.01 26.63
CA LYS A 488 24.49 -34.83 27.46
C LYS A 488 24.01 -36.09 26.75
N PHE A 489 23.78 -36.03 25.44
CA PHE A 489 23.25 -37.15 24.68
C PHE A 489 24.06 -37.36 23.41
N SER A 490 24.44 -38.60 23.15
CA SER A 490 25.11 -38.99 21.92
C SER A 490 24.14 -39.77 21.04
N TYR A 491 24.47 -39.84 19.74
CA TYR A 491 23.64 -40.60 18.82
C TYR A 491 23.63 -42.07 19.17
N GLU A 492 24.77 -42.60 19.60
CA GLU A 492 24.85 -44.02 19.96
C GLU A 492 23.97 -44.33 21.16
N TYR A 493 23.93 -43.43 22.15
CA TYR A 493 23.05 -43.65 23.30
C TYR A 493 21.58 -43.57 22.91
N LEU A 494 21.23 -42.60 22.05
CA LEU A 494 19.83 -42.41 21.70
C LEU A 494 19.27 -43.62 20.95
N VAL A 495 20.02 -44.14 19.97
CA VAL A 495 19.51 -45.29 19.23
C VAL A 495 19.45 -46.53 20.13
N GLY A 496 20.30 -46.58 21.15
CA GLY A 496 20.24 -47.70 22.09
C GLY A 496 18.92 -47.76 22.85
N ILE A 497 18.47 -46.62 23.38
CA ILE A 497 17.24 -46.65 24.16
C ILE A 497 16.01 -46.64 23.24
N LEU A 498 16.09 -45.93 22.12
CA LEU A 498 14.92 -45.81 21.24
C LEU A 498 14.58 -47.13 20.56
N ASN A 499 15.57 -47.98 20.32
CA ASN A 499 15.34 -49.29 19.71
C ASN A 499 15.07 -50.39 20.73
N SER A 500 15.10 -50.07 22.02
CA SER A 500 14.89 -51.08 23.05
C SER A 500 13.42 -51.50 23.07
N SER A 501 13.19 -52.69 23.65
CA SER A 501 11.83 -53.18 23.80
C SER A 501 11.00 -52.25 24.69
N VAL A 502 11.64 -51.61 25.68
CA VAL A 502 10.92 -50.69 26.55
C VAL A 502 10.32 -49.55 25.76
N TYR A 503 11.13 -48.91 24.92
CA TYR A 503 10.65 -47.76 24.15
C TYR A 503 9.77 -48.18 22.98
N ASP A 504 9.93 -49.40 22.47
CA ASP A 504 8.98 -49.90 21.48
C ASP A 504 7.58 -49.99 22.08
N LYS A 505 7.47 -50.56 23.28
CA LYS A 505 6.20 -50.59 24.00
C LYS A 505 5.77 -49.18 24.40
N TYR A 506 6.72 -48.37 24.87
CA TYR A 506 6.39 -47.03 25.35
C TYR A 506 5.83 -46.15 24.23
N PHE A 507 6.46 -46.18 23.06
CA PHE A 507 5.98 -45.36 21.95
C PHE A 507 4.61 -45.81 21.47
N LYS A 508 4.38 -47.12 21.41
CA LYS A 508 3.15 -47.65 20.84
C LYS A 508 1.92 -47.38 21.71
N ILE A 509 2.10 -46.98 22.97
CA ILE A 509 0.96 -46.70 23.84
C ILE A 509 0.13 -45.54 23.29
N THR A 510 0.80 -44.48 22.82
CA THR A 510 0.12 -43.32 22.26
C THR A 510 0.26 -43.21 20.76
N ALA A 511 0.97 -44.13 20.12
CA ALA A 511 1.22 -44.03 18.69
C ALA A 511 -0.07 -44.23 17.90
N LYS A 512 -0.05 -43.78 16.64
CA LYS A 512 -1.21 -43.85 15.76
C LYS A 512 -1.20 -45.19 15.03
N LYS A 513 -2.17 -46.03 15.32
CA LYS A 513 -2.27 -47.35 14.70
C LYS A 513 -2.93 -47.21 13.33
N MET A 514 -2.24 -47.67 12.28
CA MET A 514 -2.65 -47.44 10.90
C MET A 514 -3.33 -48.65 10.28
N SER A 515 -2.64 -49.79 10.23
CA SER A 515 -3.15 -51.00 9.64
C SER A 515 -2.43 -52.17 10.30
N LYS A 516 -2.64 -53.38 9.77
CA LYS A 516 -2.13 -54.58 10.42
C LYS A 516 -0.61 -54.52 10.59
N ASN A 517 -0.16 -54.43 11.84
CA ASN A 517 1.26 -54.38 12.18
C ASN A 517 1.96 -53.16 11.57
N ILE A 518 1.29 -52.00 11.61
CA ILE A 518 1.87 -50.76 11.12
C ILE A 518 1.42 -49.62 12.03
N TYR A 519 2.38 -48.93 12.62
CA TYR A 519 2.15 -47.68 13.33
C TYR A 519 2.76 -46.53 12.53
N ASP A 520 2.17 -45.35 12.66
CA ASP A 520 2.82 -44.15 12.16
C ASP A 520 3.99 -43.78 13.05
N TYR A 521 5.14 -43.50 12.44
CA TYR A 521 6.28 -42.91 13.13
C TYR A 521 6.51 -41.53 12.51
N TYR A 522 5.75 -40.56 13.00
CA TYR A 522 5.80 -39.18 12.51
C TYR A 522 6.31 -38.27 13.62
N PRO A 523 6.94 -37.14 13.26
CA PRO A 523 7.48 -36.25 14.30
C PRO A 523 6.44 -35.76 15.29
N ASN A 524 5.18 -35.61 14.88
CA ASN A 524 4.18 -35.06 15.79
C ASN A 524 3.96 -35.96 17.01
N LYS A 525 4.42 -37.21 16.96
CA LYS A 525 4.46 -38.07 18.13
C LYS A 525 5.86 -38.57 18.46
N VAL A 526 6.73 -38.77 17.48
CA VAL A 526 8.08 -39.25 17.76
C VAL A 526 8.86 -38.23 18.58
N MET A 527 8.71 -36.94 18.26
CA MET A 527 9.40 -35.90 19.01
C MET A 527 8.87 -35.74 20.43
N LYS A 528 7.70 -36.30 20.73
CA LYS A 528 7.17 -36.27 22.10
C LYS A 528 7.75 -37.37 22.98
N ILE A 529 8.49 -38.32 22.41
CA ILE A 529 9.14 -39.36 23.20
C ILE A 529 10.05 -38.71 24.22
N ARG A 530 9.94 -39.12 25.47
CA ARG A 530 10.76 -38.57 26.54
C ARG A 530 11.96 -39.49 26.79
N ILE A 531 13.11 -38.88 27.09
CA ILE A 531 14.34 -39.62 27.30
C ILE A 531 14.93 -39.23 28.64
N PHE A 532 15.84 -40.07 29.13
CA PHE A 532 16.41 -39.93 30.47
C PHE A 532 17.92 -39.99 30.39
N ARG A 533 18.55 -39.67 31.52
CA ARG A 533 20.01 -39.69 31.62
CA ARG A 533 20.01 -39.67 31.62
C ARG A 533 20.38 -39.95 33.07
N ASP A 534 21.01 -41.09 33.33
CA ASP A 534 21.35 -41.46 34.70
C ASP A 534 22.63 -42.29 34.68
N ASN A 535 22.89 -43.00 35.78
CA ASN A 535 24.15 -43.71 35.96
C ASN A 535 24.35 -44.85 34.97
N ASN A 536 23.29 -45.30 34.29
CA ASN A 536 23.44 -46.36 33.30
C ASN A 536 23.86 -45.86 31.93
N TYR A 537 24.07 -44.54 31.77
CA TYR A 537 24.34 -43.97 30.46
C TYR A 537 25.54 -44.63 29.78
N GLU A 538 26.64 -44.76 30.51
CA GLU A 538 27.87 -45.25 29.90
C GLU A 538 27.73 -46.68 29.41
N GLU A 539 27.12 -47.55 30.21
CA GLU A 539 26.98 -48.95 29.81
C GLU A 539 25.99 -49.11 28.67
N ILE A 540 24.89 -48.36 28.70
CA ILE A 540 23.93 -48.38 27.60
C ILE A 540 24.59 -47.93 26.31
N GLU A 541 25.34 -46.83 26.37
CA GLU A 541 26.02 -46.32 25.19
C GLU A 541 27.07 -47.30 24.69
N ASN A 542 27.78 -47.96 25.62
CA ASN A 542 28.79 -48.93 25.21
C ASN A 542 28.17 -50.14 24.54
N LEU A 543 27.04 -50.63 25.07
CA LEU A 543 26.36 -51.76 24.45
C LEU A 543 25.88 -51.42 23.05
N SER A 544 25.37 -50.19 22.85
CA SER A 544 24.95 -49.77 21.53
C SER A 544 26.11 -49.73 20.56
N LYS A 545 27.28 -49.24 21.01
CA LYS A 545 28.45 -49.23 20.15
C LYS A 545 28.86 -50.64 19.74
N GLN A 546 28.78 -51.59 20.68
CA GLN A 546 29.09 -52.98 20.35
C GLN A 546 28.11 -53.52 19.32
N ILE A 547 26.81 -53.21 19.48
CA ILE A 547 25.82 -53.64 18.52
C ILE A 547 26.11 -53.03 17.15
N ILE A 548 26.43 -51.73 17.12
CA ILE A 548 26.72 -51.05 15.86
C ILE A 548 27.97 -51.64 15.22
N SER A 549 29.00 -51.93 16.02
CA SER A 549 30.22 -52.52 15.48
C SER A 549 29.95 -53.88 14.84
N ILE A 550 29.16 -54.73 15.51
CA ILE A 550 28.84 -56.04 14.96
C ILE A 550 28.01 -55.91 13.68
N LEU A 551 27.03 -55.01 13.68
CA LEU A 551 26.15 -54.88 12.52
C LEU A 551 26.88 -54.38 11.28
N LEU A 552 28.02 -53.71 11.45
CA LEU A 552 28.79 -53.18 10.33
C LEU A 552 29.91 -54.11 9.88
N ASN A 553 30.09 -55.25 10.53
CA ASN A 553 31.14 -56.18 10.14
C ASN A 553 30.76 -56.95 8.89
N LYS A 554 31.77 -57.55 8.26
CA LYS A 554 31.53 -58.34 7.06
C LYS A 554 30.74 -59.61 7.39
N SER A 555 31.17 -60.35 8.41
CA SER A 555 30.48 -61.55 8.86
C SER A 555 29.73 -61.19 10.13
N ILE A 556 28.47 -60.79 9.98
CA ILE A 556 27.66 -60.34 11.11
C ILE A 556 27.17 -61.55 11.88
N ASP A 557 27.49 -61.60 13.17
CA ASP A 557 26.88 -62.56 14.09
C ASP A 557 25.71 -61.84 14.75
N LYS A 558 24.54 -61.93 14.12
CA LYS A 558 23.35 -61.30 14.69
C LYS A 558 22.98 -61.90 16.03
N GLY A 559 23.49 -63.10 16.35
CA GLY A 559 23.14 -63.74 17.61
C GLY A 559 23.58 -62.92 18.81
N LYS A 560 24.82 -62.44 18.79
CA LYS A 560 25.32 -61.67 19.93
C LYS A 560 24.62 -60.32 20.04
N VAL A 561 24.13 -59.78 18.91
CA VAL A 561 23.39 -58.52 18.96
C VAL A 561 22.15 -58.66 19.83
N GLU A 562 21.42 -59.77 19.66
CA GLU A 562 20.22 -59.99 20.47
C GLU A 562 20.56 -60.09 21.95
N LYS A 563 21.66 -60.79 22.28
CA LYS A 563 22.09 -60.88 23.67
C LYS A 563 22.44 -59.51 24.24
N LEU A 564 23.18 -58.71 23.47
CA LEU A 564 23.51 -57.36 23.92
C LEU A 564 22.24 -56.51 24.08
N GLN A 565 21.29 -56.66 23.17
CA GLN A 565 20.02 -55.93 23.27
C GLN A 565 19.25 -56.34 24.52
N ILE A 566 19.29 -57.63 24.86
CA ILE A 566 18.63 -58.09 26.08
C ILE A 566 19.30 -57.45 27.30
N LYS A 567 20.63 -57.41 27.30
CA LYS A 567 21.35 -56.78 28.40
C LYS A 567 21.00 -55.31 28.52
N MET A 568 20.88 -54.61 27.38
CA MET A 568 20.54 -53.19 27.42
C MET A 568 19.11 -52.97 27.93
N ASP A 569 18.17 -53.83 27.52
CA ASP A 569 16.80 -53.68 27.98
C ASP A 569 16.70 -53.79 29.50
N ASN A 570 17.49 -54.70 30.10
CA ASN A 570 17.52 -54.82 31.54
C ASN A 570 18.05 -53.53 32.19
N LEU A 571 19.08 -52.94 31.60
CA LEU A 571 19.59 -51.67 32.13
C LEU A 571 18.53 -50.58 32.07
N ILE A 572 17.82 -50.49 30.93
CA ILE A 572 16.80 -49.47 30.78
C ILE A 572 15.65 -49.70 31.74
N MET A 573 15.24 -50.96 31.92
CA MET A 573 14.18 -51.25 32.88
C MET A 573 14.60 -50.93 34.30
N ASP A 574 15.87 -51.24 34.64
CA ASP A 574 16.38 -50.83 35.94
C ASP A 574 16.41 -49.31 36.07
N SER A 575 16.81 -48.61 35.00
CA SER A 575 16.88 -47.15 35.05
C SER A 575 15.50 -46.53 35.29
N LEU A 576 14.47 -47.06 34.63
CA LEU A 576 13.14 -46.48 34.70
C LEU A 576 12.27 -47.09 35.78
N GLY A 577 12.80 -48.04 36.56
CA GLY A 577 12.04 -48.63 37.64
C GLY A 577 10.80 -49.37 37.19
N ILE A 578 10.91 -50.15 36.13
CA ILE A 578 9.79 -50.93 35.64
C ILE A 578 10.14 -52.41 35.65
N GLY B 29 1.89 12.04 -13.35
CA GLY B 29 2.38 11.42 -14.56
C GLY B 29 3.29 12.31 -15.37
N ILE B 30 3.12 13.62 -15.25
CA ILE B 30 3.89 14.59 -16.02
C ILE B 30 5.19 14.85 -15.28
N TYR B 31 6.28 14.25 -15.76
CA TYR B 31 7.62 14.47 -15.23
C TYR B 31 8.47 15.11 -16.30
N TYR B 32 8.90 16.35 -16.06
CA TYR B 32 9.60 17.14 -17.06
C TYR B 32 11.06 16.74 -17.09
N THR B 33 11.49 16.10 -18.17
CA THR B 33 12.90 15.80 -18.37
C THR B 33 13.65 17.09 -18.70
N PRO B 34 14.80 17.33 -18.09
CA PRO B 34 15.56 18.56 -18.42
C PRO B 34 15.90 18.63 -19.90
N LYS B 35 15.81 19.84 -20.46
CA LYS B 35 15.98 20.00 -21.89
C LYS B 35 17.39 19.60 -22.34
N ILE B 36 18.39 19.79 -21.48
CA ILE B 36 19.74 19.37 -21.83
C ILE B 36 19.81 17.85 -21.98
N ILE B 37 19.02 17.12 -21.19
CA ILE B 37 18.92 15.68 -21.37
C ILE B 37 18.15 15.34 -22.65
N VAL B 38 17.03 16.03 -22.88
CA VAL B 38 16.22 15.77 -24.07
C VAL B 38 17.03 16.04 -25.34
N ASP B 39 17.73 17.17 -25.37
CA ASP B 39 18.53 17.51 -26.54
C ASP B 39 19.62 16.47 -26.79
N TYR B 40 20.26 16.00 -25.71
CA TYR B 40 21.32 15.01 -25.86
C TYR B 40 20.80 13.70 -26.43
N ILE B 41 19.66 13.24 -25.92
CA ILE B 41 19.11 11.96 -26.36
C ILE B 41 18.70 12.03 -27.82
N VAL B 42 18.00 13.10 -28.22
CA VAL B 42 17.57 13.25 -29.60
C VAL B 42 18.78 13.37 -30.52
N LYS B 43 19.79 14.14 -30.12
CA LYS B 43 20.99 14.27 -30.93
C LYS B 43 21.74 12.94 -31.02
N LYS B 44 21.72 12.15 -29.94
CA LYS B 44 22.44 10.88 -29.93
C LYS B 44 21.89 9.92 -30.99
N THR B 45 20.60 10.00 -31.30
CA THR B 45 19.99 9.05 -32.22
C THR B 45 19.97 9.55 -33.67
N LEU B 46 19.89 10.86 -33.89
CA LEU B 46 19.63 11.40 -35.21
C LEU B 46 20.83 12.09 -35.87
N LYS B 47 21.94 12.29 -35.14
CA LYS B 47 22.99 13.17 -35.65
C LYS B 47 23.66 12.62 -36.90
N ASN B 48 23.75 11.30 -37.06
CA ASN B 48 24.43 10.70 -38.20
C ASN B 48 23.46 10.08 -39.20
N HIS B 49 22.17 10.44 -39.13
CA HIS B 49 21.20 9.86 -40.06
C HIS B 49 21.43 10.38 -41.46
N ASP B 50 21.32 9.49 -42.44
CA ASP B 50 21.51 9.82 -43.85
C ASP B 50 20.13 10.09 -44.45
N ILE B 51 19.72 11.37 -44.44
CA ILE B 51 18.40 11.72 -44.91
C ILE B 51 18.26 11.54 -46.43
N ILE B 52 19.37 11.60 -47.17
CA ILE B 52 19.31 11.34 -48.60
C ILE B 52 19.04 9.86 -48.86
N LYS B 53 19.72 8.98 -48.13
CA LYS B 53 19.54 7.54 -48.33
C LYS B 53 18.17 7.09 -47.85
N ASN B 54 17.72 7.60 -46.69
CA ASN B 54 16.44 7.23 -46.11
C ASN B 54 15.69 8.49 -45.71
N PRO B 55 14.90 9.07 -46.63
CA PRO B 55 14.06 10.22 -46.28
C PRO B 55 12.81 9.86 -45.50
N TYR B 56 12.64 8.61 -45.06
CA TYR B 56 11.47 8.18 -44.30
C TYR B 56 11.93 7.49 -43.01
N PRO B 57 12.51 8.24 -42.07
CA PRO B 57 12.87 7.63 -40.78
C PRO B 57 11.72 7.69 -39.79
N ARG B 58 11.41 6.56 -39.16
CA ARG B 58 10.37 6.51 -38.14
C ARG B 58 10.99 6.71 -36.77
N ILE B 59 10.62 7.80 -36.10
CA ILE B 59 11.07 8.09 -34.75
C ILE B 59 9.87 8.01 -33.82
N LEU B 60 10.01 7.21 -32.76
CA LEU B 60 8.90 6.87 -31.88
C LEU B 60 9.24 7.17 -30.43
N ASP B 61 8.27 7.69 -29.70
CA ASP B 61 8.31 7.79 -28.24
C ASP B 61 7.05 7.12 -27.71
N ILE B 62 7.22 6.01 -26.98
CA ILE B 62 6.06 5.24 -26.51
C ILE B 62 5.53 5.74 -25.17
N SER B 63 6.14 6.77 -24.59
CA SER B 63 5.60 7.46 -23.43
C SER B 63 5.76 8.96 -23.64
N CYS B 64 5.30 9.44 -24.80
CA CYS B 64 5.65 10.78 -25.28
C CYS B 64 5.15 11.88 -24.35
N GLY B 65 4.05 11.64 -23.63
CA GLY B 65 3.51 12.70 -22.79
C GLY B 65 3.09 13.89 -23.62
N CYS B 66 3.46 15.09 -23.14
CA CYS B 66 3.16 16.30 -23.88
C CYS B 66 4.11 16.54 -25.06
N GLY B 67 5.17 15.75 -25.18
CA GLY B 67 6.02 15.82 -26.34
C GLY B 67 7.35 16.51 -26.11
N ASN B 68 7.93 16.30 -24.93
CA ASN B 68 9.25 16.87 -24.65
C ASN B 68 10.27 16.41 -25.70
N PHE B 69 10.29 15.11 -25.99
CA PHE B 69 11.25 14.59 -26.96
C PHE B 69 10.77 14.78 -28.38
N LEU B 70 9.48 14.53 -28.64
CA LEU B 70 8.97 14.56 -30.02
C LEU B 70 9.01 15.98 -30.60
N LEU B 71 8.75 17.00 -29.77
CA LEU B 71 8.87 18.37 -30.24
C LEU B 71 10.30 18.68 -30.65
N GLU B 72 11.28 18.24 -29.86
CA GLU B 72 12.68 18.39 -30.25
C GLU B 72 13.00 17.55 -31.48
N VAL B 73 12.40 16.36 -31.58
CA VAL B 73 12.60 15.53 -32.77
C VAL B 73 12.11 16.26 -34.02
N TYR B 74 10.99 16.98 -33.91
CA TYR B 74 10.49 17.74 -35.05
C TYR B 74 11.50 18.78 -35.51
N ASP B 75 12.04 19.56 -34.56
CA ASP B 75 12.97 20.62 -34.93
C ASP B 75 14.23 20.06 -35.58
N ILE B 76 14.76 18.96 -35.04
CA ILE B 76 15.94 18.34 -35.65
C ILE B 76 15.62 17.82 -37.04
N LEU B 77 14.48 17.15 -37.19
CA LEU B 77 14.08 16.62 -38.49
C LEU B 77 13.86 17.74 -39.50
N TYR B 78 13.21 18.83 -39.08
CA TYR B 78 12.92 19.91 -40.01
C TYR B 78 14.20 20.51 -40.58
N ASP B 79 15.18 20.76 -39.72
CA ASP B 79 16.46 21.29 -40.20
C ASP B 79 17.18 20.27 -41.08
N LEU B 80 17.10 18.99 -40.72
CA LEU B 80 17.74 17.95 -41.53
C LEU B 80 17.14 17.89 -42.93
N PHE B 81 15.82 18.01 -43.03
CA PHE B 81 15.18 18.04 -44.34
C PHE B 81 15.50 19.33 -45.08
N GLU B 82 15.47 20.47 -44.39
CA GLU B 82 15.66 21.76 -45.06
C GLU B 82 17.05 21.88 -45.67
N GLU B 83 18.08 21.46 -44.93
CA GLU B 83 19.46 21.57 -45.40
C GLU B 83 19.75 20.66 -46.59
N ASN B 84 18.89 19.69 -46.88
CA ASN B 84 19.11 18.75 -47.97
C ASN B 84 17.94 18.72 -48.94
N ILE B 85 17.09 19.76 -48.95
CA ILE B 85 15.83 19.69 -49.69
C ILE B 85 16.08 19.55 -51.19
N TYR B 86 17.09 20.25 -51.71
CA TYR B 86 17.33 20.20 -53.16
C TYR B 86 17.93 18.86 -53.58
N GLU B 87 18.74 18.23 -52.73
CA GLU B 87 19.25 16.90 -53.04
C GLU B 87 18.11 15.87 -53.06
N LEU B 88 17.18 15.96 -52.11
CA LEU B 88 16.01 15.10 -52.13
C LEU B 88 15.15 15.39 -53.35
N LYS B 89 15.01 16.67 -53.70
CA LYS B 89 14.22 17.07 -54.86
C LYS B 89 14.76 16.46 -56.14
N LYS B 90 16.08 16.44 -56.28
CA LYS B 90 16.71 15.89 -57.48
C LYS B 90 16.70 14.37 -57.50
N LYS B 91 16.89 13.74 -56.33
CA LYS B 91 16.95 12.28 -56.26
C LYS B 91 15.57 11.63 -56.35
N TYR B 92 14.56 12.28 -55.79
CA TYR B 92 13.20 11.75 -55.72
C TYR B 92 12.27 12.70 -56.47
N ASP B 93 10.96 12.48 -56.32
CA ASP B 93 9.96 13.29 -56.99
C ASP B 93 10.16 14.78 -56.70
N GLU B 94 10.51 15.54 -57.75
CA GLU B 94 10.85 16.95 -57.58
C GLU B 94 9.64 17.80 -57.18
N ASN B 95 8.43 17.34 -57.47
CA ASN B 95 7.25 18.09 -57.06
C ASN B 95 6.97 17.90 -55.57
N TYR B 96 7.21 16.70 -55.06
CA TYR B 96 6.91 16.40 -53.67
C TYR B 96 7.83 17.14 -52.71
N TRP B 97 9.12 17.22 -53.05
CA TRP B 97 10.12 17.71 -52.11
C TRP B 97 10.28 19.22 -52.23
N THR B 98 9.50 19.94 -51.43
CA THR B 98 9.60 21.39 -51.29
C THR B 98 9.65 21.73 -49.81
N VAL B 99 10.23 22.90 -49.50
CA VAL B 99 10.28 23.35 -48.11
C VAL B 99 8.87 23.52 -47.54
N ASP B 100 7.92 23.92 -48.38
CA ASP B 100 6.54 24.03 -47.94
C ASP B 100 5.98 22.68 -47.51
N ASN B 101 6.47 21.58 -48.09
CA ASN B 101 5.93 20.25 -47.85
C ASN B 101 6.64 19.49 -46.74
N ILE B 102 7.70 20.06 -46.15
CA ILE B 102 8.45 19.33 -45.12
C ILE B 102 7.57 19.04 -43.90
N HIS B 103 6.78 20.03 -43.47
CA HIS B 103 5.96 19.87 -42.28
C HIS B 103 4.97 18.73 -42.43
N ARG B 104 4.33 18.63 -43.59
CA ARG B 104 3.38 17.53 -43.82
C ARG B 104 4.09 16.19 -43.88
N HIS B 105 5.29 16.14 -44.47
CA HIS B 105 6.03 14.89 -44.56
C HIS B 105 6.42 14.37 -43.18
N ILE B 106 6.88 15.27 -42.30
CA ILE B 106 7.33 14.87 -40.97
C ILE B 106 6.18 14.24 -40.19
N LEU B 107 5.01 14.87 -40.24
CA LEU B 107 3.89 14.40 -39.43
C LEU B 107 3.26 13.13 -40.01
N ASN B 108 3.29 12.97 -41.33
CA ASN B 108 2.67 11.79 -41.93
C ASN B 108 3.52 10.53 -41.73
N TYR B 109 4.84 10.64 -41.89
CA TYR B 109 5.69 9.46 -42.02
C TYR B 109 6.78 9.32 -40.98
N CYS B 110 7.09 10.35 -40.21
CA CYS B 110 8.30 10.35 -39.39
C CYS B 110 8.05 10.32 -37.89
N ILE B 111 7.10 11.10 -37.39
CA ILE B 111 6.89 11.24 -35.96
C ILE B 111 5.78 10.30 -35.51
N TYR B 112 6.06 9.48 -34.51
CA TYR B 112 5.09 8.56 -33.90
C TYR B 112 5.15 8.73 -32.39
N GLY B 113 3.98 8.76 -31.76
CA GLY B 113 3.91 8.92 -30.32
C GLY B 113 2.77 8.11 -29.74
N ALA B 114 2.96 7.66 -28.50
CA ALA B 114 1.95 6.92 -27.77
C ALA B 114 2.00 7.31 -26.30
N ASP B 115 0.83 7.36 -25.66
CA ASP B 115 0.69 7.68 -24.25
C ASP B 115 -0.73 7.35 -23.80
N ILE B 116 -0.87 6.93 -22.55
CA ILE B 116 -2.18 6.59 -22.00
C ILE B 116 -3.01 7.80 -21.61
N ASP B 117 -2.40 8.98 -21.52
CA ASP B 117 -3.10 10.19 -21.11
C ASP B 117 -3.67 10.88 -22.34
N GLU B 118 -5.00 10.93 -22.44
CA GLU B 118 -5.64 11.58 -23.58
C GLU B 118 -5.36 13.08 -23.60
N LYS B 119 -5.34 13.72 -22.43
CA LYS B 119 -5.06 15.15 -22.37
C LYS B 119 -3.67 15.46 -22.93
N ALA B 120 -2.67 14.64 -22.58
CA ALA B 120 -1.32 14.85 -23.09
C ALA B 120 -1.26 14.67 -24.61
N ILE B 121 -1.96 13.66 -25.13
CA ILE B 121 -1.95 13.40 -26.56
C ILE B 121 -2.56 14.56 -27.33
N SER B 122 -3.69 15.09 -26.82
CA SER B 122 -4.33 16.21 -27.50
C SER B 122 -3.42 17.44 -27.50
N ILE B 123 -2.77 17.72 -26.36
CA ILE B 123 -1.89 18.88 -26.27
C ILE B 123 -0.72 18.72 -27.24
N LEU B 124 -0.13 17.53 -27.29
CA LEU B 124 0.95 17.29 -28.24
C LEU B 124 0.47 17.43 -29.69
N LYS B 125 -0.77 16.99 -29.96
CA LYS B 125 -1.31 17.16 -31.30
C LYS B 125 -1.40 18.64 -31.69
N ASP B 126 -1.83 19.48 -30.75
CA ASP B 126 -1.88 20.91 -31.02
C ASP B 126 -0.49 21.49 -31.25
N SER B 127 0.49 21.09 -30.42
CA SER B 127 1.83 21.64 -30.55
C SER B 127 2.47 21.25 -31.87
N LEU B 128 2.29 20.00 -32.30
CA LEU B 128 2.81 19.59 -33.60
C LEU B 128 2.10 20.32 -34.74
N THR B 129 0.79 20.53 -34.60
CA THR B 129 0.04 21.25 -35.62
C THR B 129 0.49 22.70 -35.71
N ASN B 130 0.78 23.33 -34.58
CA ASN B 130 1.21 24.72 -34.54
C ASN B 130 2.67 24.91 -34.91
N LYS B 131 3.36 23.86 -35.36
CA LYS B 131 4.72 24.01 -35.86
C LYS B 131 4.75 24.67 -37.23
N LYS B 132 3.61 24.73 -37.92
CA LYS B 132 3.51 25.35 -39.23
C LYS B 132 2.86 26.72 -39.06
N VAL B 133 3.54 27.77 -39.53
CA VAL B 133 3.04 29.13 -39.35
C VAL B 133 1.73 29.34 -40.09
N VAL B 134 1.66 28.83 -41.34
CA VAL B 134 0.48 29.05 -42.17
C VAL B 134 -0.69 28.25 -41.62
N ASN B 135 -1.83 28.92 -41.43
CA ASN B 135 -3.05 28.29 -40.96
C ASN B 135 -3.94 27.97 -42.15
N ASP B 136 -4.47 26.75 -42.18
CA ASP B 136 -5.30 26.25 -43.29
C ASP B 136 -4.56 26.36 -44.62
N LEU B 137 -3.30 25.92 -44.61
CA LEU B 137 -2.49 25.96 -45.83
C LEU B 137 -3.07 25.03 -46.90
N ASP B 138 -3.50 23.83 -46.51
CA ASP B 138 -4.07 22.85 -47.43
C ASP B 138 -5.35 22.26 -46.85
N GLU B 139 -6.23 23.14 -46.36
CA GLU B 139 -7.53 22.78 -45.82
C GLU B 139 -7.44 21.89 -44.58
N SER B 140 -6.30 21.90 -43.90
CA SER B 140 -6.12 21.21 -42.63
C SER B 140 -6.43 19.72 -42.74
N ASP B 141 -5.62 19.02 -43.53
CA ASP B 141 -5.78 17.60 -43.79
C ASP B 141 -4.49 16.85 -43.49
N ILE B 142 -3.90 17.12 -42.32
CA ILE B 142 -2.61 16.54 -41.93
C ILE B 142 -2.86 15.36 -41.00
N LYS B 143 -2.30 14.21 -41.34
CA LYS B 143 -2.37 13.02 -40.49
C LYS B 143 -1.20 12.99 -39.53
N ILE B 144 -1.51 12.79 -38.25
CA ILE B 144 -0.50 12.73 -37.19
C ILE B 144 -0.57 11.36 -36.53
N ASN B 145 0.58 10.70 -36.42
CA ASN B 145 0.65 9.34 -35.87
C ASN B 145 0.82 9.39 -34.36
N LEU B 146 -0.23 9.87 -33.69
CA LEU B 146 -0.31 9.88 -32.24
C LEU B 146 -1.39 8.91 -31.78
N PHE B 147 -1.04 8.03 -30.85
CA PHE B 147 -1.95 7.02 -30.35
C PHE B 147 -2.16 7.22 -28.85
N CYS B 148 -3.41 7.19 -28.41
CA CYS B 148 -3.74 7.19 -26.98
C CYS B 148 -4.05 5.76 -26.59
N CYS B 149 -3.06 5.06 -26.05
CA CYS B 149 -3.20 3.63 -25.78
C CYS B 149 -2.15 3.22 -24.77
N ASP B 150 -2.23 1.96 -24.34
CA ASP B 150 -1.19 1.34 -23.53
C ASP B 150 -0.13 0.80 -24.48
N SER B 151 1.06 1.42 -24.44
CA SER B 151 2.12 1.03 -25.37
C SER B 151 2.54 -0.42 -25.17
N LEU B 152 2.39 -0.96 -23.96
CA LEU B 152 2.75 -2.34 -23.70
C LEU B 152 1.74 -3.34 -24.24
N LYS B 153 0.53 -2.89 -24.60
CA LYS B 153 -0.49 -3.76 -25.15
C LYS B 153 -0.72 -3.57 -26.64
N LYS B 154 -0.35 -2.43 -27.20
CA LYS B 154 -0.63 -2.15 -28.61
C LYS B 154 0.13 -3.09 -29.52
N LYS B 155 -0.54 -3.56 -30.56
CA LYS B 155 0.09 -4.41 -31.57
C LYS B 155 0.64 -3.51 -32.68
N TRP B 156 1.96 -3.44 -32.79
CA TRP B 156 2.62 -2.58 -33.76
C TRP B 156 2.82 -3.35 -35.07
N ARG B 157 2.32 -2.77 -36.17
CA ARG B 157 2.41 -3.45 -37.46
C ARG B 157 3.83 -3.47 -38.02
N TYR B 158 4.67 -2.52 -37.63
CA TYR B 158 6.02 -2.43 -38.16
C TYR B 158 6.96 -1.89 -37.08
N LYS B 159 8.25 -2.11 -37.28
CA LYS B 159 9.28 -1.64 -36.38
C LYS B 159 9.68 -0.20 -36.73
N PHE B 160 10.54 0.37 -35.89
CA PHE B 160 10.83 1.80 -35.94
C PHE B 160 12.34 2.03 -36.04
N ASP B 161 12.70 3.10 -36.74
CA ASP B 161 14.11 3.41 -36.97
C ASP B 161 14.77 3.97 -35.71
N TYR B 162 14.06 4.80 -34.95
CA TYR B 162 14.62 5.40 -33.75
C TYR B 162 13.55 5.47 -32.68
N ILE B 163 13.95 5.18 -31.44
CA ILE B 163 13.07 5.24 -30.28
C ILE B 163 13.76 6.05 -29.19
N VAL B 164 13.05 7.04 -28.64
CA VAL B 164 13.56 7.91 -27.59
C VAL B 164 12.45 8.14 -26.58
N GLY B 165 12.82 8.68 -25.42
CA GLY B 165 11.84 9.13 -24.45
C GLY B 165 12.23 8.79 -23.03
N ASN B 166 11.28 8.99 -22.13
CA ASN B 166 11.46 8.76 -20.70
C ASN B 166 10.27 7.95 -20.19
N PRO B 167 10.44 6.64 -20.04
CA PRO B 167 9.30 5.77 -19.69
C PRO B 167 8.82 6.02 -18.27
N PRO B 168 7.63 5.55 -17.90
CA PRO B 168 7.19 5.66 -16.51
C PRO B 168 7.97 4.71 -15.61
N TYR B 169 8.17 5.15 -14.36
CA TYR B 169 8.78 4.33 -13.32
C TYR B 169 7.72 4.04 -12.27
N ILE B 170 7.29 2.78 -12.18
CA ILE B 170 6.32 2.37 -11.18
C ILE B 170 6.78 1.04 -10.58
N GLY B 171 6.94 1.01 -9.25
CA GLY B 171 7.40 -0.17 -8.56
C GLY B 171 6.27 -1.10 -8.16
N HIS B 172 6.64 -2.17 -7.43
CA HIS B 172 5.68 -3.22 -7.10
C HIS B 172 4.58 -2.72 -6.16
N LYS B 173 4.87 -1.71 -5.34
CA LYS B 173 3.86 -1.19 -4.42
C LYS B 173 2.81 -0.36 -5.13
N LYS B 174 3.23 0.50 -6.05
CA LYS B 174 2.35 1.52 -6.62
C LYS B 174 1.67 1.06 -7.91
N LEU B 175 1.83 -0.20 -8.29
CA LEU B 175 1.24 -0.74 -9.50
C LEU B 175 0.06 -1.63 -9.13
N GLU B 176 -1.03 -1.51 -9.88
CA GLU B 176 -2.24 -2.28 -9.58
C GLU B 176 -2.00 -3.77 -9.81
N LYS B 177 -2.61 -4.58 -8.93
CA LYS B 177 -2.37 -6.02 -8.98
C LYS B 177 -2.92 -6.64 -10.26
N LYS B 178 -4.08 -6.17 -10.73
CA LYS B 178 -4.65 -6.70 -11.96
C LYS B 178 -3.72 -6.44 -13.15
N TYR B 179 -3.13 -5.24 -13.21
CA TYR B 179 -2.18 -4.93 -14.27
C TYR B 179 -0.92 -5.78 -14.16
N LYS B 180 -0.45 -6.02 -12.94
CA LYS B 180 0.78 -6.79 -12.75
C LYS B 180 0.63 -8.23 -13.23
N LYS B 181 -0.59 -8.77 -13.18
CA LYS B 181 -0.82 -10.10 -13.74
C LYS B 181 -0.55 -10.11 -15.24
N PHE B 182 -0.98 -9.07 -15.94
CA PHE B 182 -0.69 -8.95 -17.37
C PHE B 182 0.81 -8.86 -17.61
N LEU B 183 1.52 -8.09 -16.78
CA LEU B 183 2.97 -7.96 -16.96
C LEU B 183 3.67 -9.28 -16.70
N LEU B 184 3.26 -10.01 -15.66
CA LEU B 184 3.89 -11.28 -15.35
C LEU B 184 3.63 -12.32 -16.44
N GLU B 185 2.53 -12.18 -17.18
CA GLU B 185 2.21 -13.14 -18.23
C GLU B 185 2.91 -12.82 -19.54
N LYS B 186 2.94 -11.55 -19.94
CA LYS B 186 3.43 -11.16 -21.26
C LYS B 186 4.86 -10.66 -21.27
N TYR B 187 5.39 -10.18 -20.14
CA TYR B 187 6.74 -9.63 -20.07
C TYR B 187 7.60 -10.38 -19.06
N SER B 188 7.40 -11.71 -18.97
CA SER B 188 8.12 -12.50 -17.99
C SER B 188 9.62 -12.57 -18.29
N GLU B 189 10.04 -12.25 -19.51
CA GLU B 189 11.47 -12.28 -19.82
C GLU B 189 12.23 -11.21 -19.03
N VAL B 190 11.56 -10.13 -18.64
CA VAL B 190 12.22 -9.07 -17.88
C VAL B 190 11.48 -8.68 -16.60
N TYR B 191 10.21 -9.06 -16.42
CA TYR B 191 9.42 -8.60 -15.29
C TYR B 191 9.03 -9.79 -14.43
N LYS B 192 9.57 -9.84 -13.21
CA LYS B 192 9.19 -10.81 -12.20
C LYS B 192 9.37 -10.20 -10.82
N ASP B 193 8.59 -10.68 -9.87
CA ASP B 193 8.77 -10.39 -8.43
C ASP B 193 8.72 -8.88 -8.23
N LYS B 194 9.79 -8.25 -7.74
CA LYS B 194 9.81 -6.82 -7.44
C LYS B 194 10.37 -5.98 -8.57
N ALA B 195 10.18 -6.42 -9.82
CA ALA B 195 10.63 -5.66 -10.97
C ALA B 195 9.82 -4.36 -11.10
N ASP B 196 10.31 -3.47 -11.95
CA ASP B 196 9.68 -2.18 -12.15
C ASP B 196 9.01 -2.12 -13.53
N LEU B 197 8.03 -1.22 -13.66
CA LEU B 197 7.31 -1.07 -14.91
C LEU B 197 8.25 -0.72 -16.06
N TYR B 198 9.25 0.13 -15.81
CA TYR B 198 10.14 0.54 -16.88
C TYR B 198 11.00 -0.60 -17.41
N PHE B 199 11.05 -1.73 -16.70
CA PHE B 199 11.71 -2.91 -17.25
C PHE B 199 11.01 -3.36 -18.54
N CYS B 200 9.68 -3.33 -18.54
CA CYS B 200 8.91 -3.78 -19.70
C CYS B 200 9.03 -2.80 -20.86
N PHE B 201 9.15 -1.51 -20.57
CA PHE B 201 9.37 -0.54 -21.64
C PHE B 201 10.71 -0.75 -22.32
N TYR B 202 11.73 -1.19 -21.56
CA TYR B 202 12.98 -1.57 -22.19
C TYR B 202 12.76 -2.69 -23.20
N LYS B 203 12.01 -3.73 -22.80
CA LYS B 203 11.77 -4.85 -23.69
C LYS B 203 10.95 -4.44 -24.90
N LYS B 204 9.90 -3.63 -24.69
CA LYS B 204 9.06 -3.21 -25.81
C LYS B 204 9.86 -2.39 -26.83
N ILE B 205 10.70 -1.47 -26.34
CA ILE B 205 11.52 -0.64 -27.23
C ILE B 205 12.46 -1.52 -28.05
N ILE B 206 13.11 -2.48 -27.39
CA ILE B 206 14.03 -3.38 -28.08
C ILE B 206 13.28 -4.21 -29.11
N ASP B 207 12.10 -4.70 -28.75
CA ASP B 207 11.36 -5.60 -29.64
C ASP B 207 10.94 -4.90 -30.94
N ILE B 208 10.49 -3.66 -30.85
CA ILE B 208 9.98 -2.94 -32.02
C ILE B 208 11.02 -2.00 -32.60
N LEU B 209 12.30 -2.21 -32.30
CA LEU B 209 13.38 -1.43 -32.90
C LEU B 209 13.83 -2.11 -34.18
N LYS B 210 13.81 -1.37 -35.29
CA LYS B 210 14.19 -1.93 -36.58
C LYS B 210 15.68 -2.27 -36.59
N GLN B 211 16.04 -3.26 -37.42
CA GLN B 211 17.44 -3.61 -37.59
C GLN B 211 18.22 -2.40 -38.09
N GLY B 212 19.35 -2.12 -37.44
CA GLY B 212 20.11 -0.92 -37.72
C GLY B 212 19.61 0.33 -37.03
N GLY B 213 18.52 0.23 -36.26
CA GLY B 213 18.00 1.39 -35.57
C GLY B 213 18.79 1.73 -34.31
N ILE B 214 18.44 2.88 -33.72
CA ILE B 214 19.10 3.36 -32.51
C ILE B 214 18.03 3.73 -31.51
N GLY B 215 18.18 3.28 -30.27
CA GLY B 215 17.33 3.68 -29.17
C GLY B 215 18.14 4.40 -28.11
N SER B 216 17.53 5.39 -27.47
CA SER B 216 18.18 6.12 -26.39
C SER B 216 17.11 6.59 -25.41
N VAL B 217 17.23 6.17 -24.15
CA VAL B 217 16.23 6.47 -23.13
C VAL B 217 16.92 6.88 -21.83
N ILE B 218 16.17 7.56 -20.97
CA ILE B 218 16.61 7.90 -19.63
C ILE B 218 15.67 7.21 -18.64
N THR B 219 16.25 6.35 -17.80
CA THR B 219 15.50 5.52 -16.85
C THR B 219 16.18 5.60 -15.49
N PRO B 220 15.63 4.99 -14.44
CA PRO B 220 16.40 4.86 -13.20
C PRO B 220 17.65 4.02 -13.42
N ARG B 221 18.66 4.28 -12.60
CA ARG B 221 19.93 3.56 -12.71
C ARG B 221 19.91 2.22 -11.99
N TYR B 222 18.88 1.93 -11.20
CA TYR B 222 18.95 0.82 -10.25
C TYR B 222 19.05 -0.53 -10.94
N PHE B 223 18.50 -0.68 -12.15
CA PHE B 223 18.56 -1.96 -12.84
C PHE B 223 19.99 -2.36 -13.19
N LEU B 224 20.92 -1.41 -13.19
CA LEU B 224 22.31 -1.73 -13.48
C LEU B 224 22.94 -2.61 -12.40
N GLU B 225 22.38 -2.59 -11.19
CA GLU B 225 22.96 -3.32 -10.06
C GLU B 225 21.96 -4.18 -9.30
N SER B 226 20.67 -3.88 -9.37
CA SER B 226 19.71 -4.51 -8.47
C SER B 226 19.51 -5.99 -8.82
N LEU B 227 19.04 -6.73 -7.83
CA LEU B 227 18.70 -8.14 -8.03
C LEU B 227 17.54 -8.30 -9.02
N SER B 228 16.55 -7.41 -8.93
CA SER B 228 15.38 -7.51 -9.80
C SER B 228 15.74 -7.32 -11.27
N GLY B 229 16.77 -6.52 -11.56
CA GLY B 229 17.15 -6.24 -12.92
C GLY B 229 18.02 -7.26 -13.59
N LYS B 230 18.19 -8.44 -12.99
CA LYS B 230 19.05 -9.47 -13.56
C LYS B 230 18.56 -9.91 -14.93
N ASP B 231 17.27 -10.23 -15.04
CA ASP B 231 16.75 -10.68 -16.32
C ASP B 231 16.77 -9.57 -17.37
N LEU B 232 16.50 -8.33 -16.95
CA LEU B 232 16.54 -7.21 -17.88
C LEU B 232 17.94 -7.01 -18.47
N ARG B 233 18.97 -7.11 -17.62
CA ARG B 233 20.34 -6.96 -18.11
C ARG B 233 20.68 -8.03 -19.14
N GLU B 234 20.27 -9.28 -18.89
CA GLU B 234 20.50 -10.35 -19.85
C GLU B 234 19.75 -10.09 -21.15
N TYR B 235 18.53 -9.58 -21.07
CA TYR B 235 17.76 -9.27 -22.27
C TYR B 235 18.42 -8.15 -23.07
N ILE B 236 18.85 -7.09 -22.40
CA ILE B 236 19.53 -5.98 -23.08
C ILE B 236 20.84 -6.46 -23.69
N LYS B 237 21.62 -7.22 -22.93
CA LYS B 237 22.96 -7.62 -23.36
C LYS B 237 22.89 -8.51 -24.60
N SER B 238 21.89 -9.38 -24.68
CA SER B 238 21.83 -10.40 -25.72
C SER B 238 20.98 -9.99 -26.92
N ASN B 239 20.34 -8.82 -26.90
CA ASN B 239 19.49 -8.42 -28.01
C ASN B 239 19.94 -7.14 -28.72
N VAL B 240 20.68 -6.26 -28.05
CA VAL B 240 21.14 -5.02 -28.66
C VAL B 240 22.61 -4.80 -28.32
N ASN B 241 23.25 -3.93 -29.09
CA ASN B 241 24.58 -3.44 -28.78
C ASN B 241 24.44 -2.16 -27.97
N VAL B 242 24.96 -2.16 -26.74
CA VAL B 242 24.87 -0.98 -25.88
C VAL B 242 26.01 -0.03 -26.28
N GLN B 243 25.65 1.09 -26.90
CA GLN B 243 26.66 2.06 -27.31
C GLN B 243 27.27 2.79 -26.13
N GLU B 244 26.42 3.28 -25.23
CA GLU B 244 26.87 4.21 -24.20
C GLU B 244 25.95 4.12 -23.00
N ILE B 245 26.54 4.25 -21.80
CA ILE B 245 25.80 4.35 -20.56
C ILE B 245 26.29 5.60 -19.83
N VAL B 246 25.38 6.50 -19.50
CA VAL B 246 25.69 7.68 -18.71
C VAL B 246 25.07 7.47 -17.34
N ASP B 247 25.91 7.24 -16.33
CA ASP B 247 25.46 6.96 -14.98
C ASP B 247 25.67 8.20 -14.13
N PHE B 248 24.57 8.81 -13.69
CA PHE B 248 24.62 9.99 -12.84
C PHE B 248 24.74 9.65 -11.36
N LEU B 249 24.81 8.36 -11.03
CA LEU B 249 24.94 7.87 -9.64
C LEU B 249 23.83 8.52 -8.82
N GLY B 250 24.14 9.14 -7.68
CA GLY B 250 23.13 9.71 -6.81
C GLY B 250 22.75 11.15 -7.11
N ALA B 251 23.21 11.73 -8.21
CA ALA B 251 22.89 13.10 -8.54
C ALA B 251 21.40 13.27 -8.81
N ASN B 252 20.88 14.46 -8.51
CA ASN B 252 19.45 14.75 -8.62
C ASN B 252 19.19 15.38 -9.98
N ILE B 253 18.95 14.54 -10.99
CA ILE B 253 18.65 15.03 -12.33
C ILE B 253 17.26 15.67 -12.38
N PHE B 254 16.29 15.07 -11.70
CA PHE B 254 14.92 15.58 -11.67
C PHE B 254 14.69 16.31 -10.35
N LYS B 255 14.34 17.58 -10.44
CA LYS B 255 14.12 18.39 -9.25
C LYS B 255 12.90 17.90 -8.48
N ASN B 256 13.05 17.80 -7.16
CA ASN B 256 11.96 17.39 -6.25
C ASN B 256 11.49 15.96 -6.52
N ILE B 257 12.36 15.13 -7.09
CA ILE B 257 12.05 13.74 -7.37
C ILE B 257 13.15 12.88 -6.75
N GLY B 258 12.74 11.91 -5.93
CA GLY B 258 13.68 11.03 -5.28
C GLY B 258 14.05 9.82 -6.13
N VAL B 259 14.72 10.06 -7.26
CA VAL B 259 15.15 8.99 -8.15
C VAL B 259 16.56 9.30 -8.63
N SER B 260 17.30 8.25 -8.97
CA SER B 260 18.64 8.36 -9.53
C SER B 260 18.62 7.80 -10.93
N SER B 261 19.23 8.51 -11.87
CA SER B 261 18.98 8.33 -13.29
C SER B 261 20.20 7.82 -14.03
N CYS B 262 19.94 7.26 -15.21
CA CYS B 262 20.99 6.92 -16.16
C CYS B 262 20.42 7.05 -17.57
N ILE B 263 21.32 7.19 -18.55
CA ILE B 263 20.95 7.30 -19.95
C ILE B 263 21.59 6.13 -20.68
N LEU B 264 20.78 5.32 -21.34
CA LEU B 264 21.25 4.18 -22.11
C LEU B 264 21.00 4.42 -23.59
N THR B 265 22.02 4.18 -24.41
CA THR B 265 21.91 4.27 -25.86
C THR B 265 22.34 2.94 -26.46
N PHE B 266 21.49 2.38 -27.31
CA PHE B 266 21.71 1.05 -27.88
C PHE B 266 21.25 1.04 -29.33
N ASP B 267 21.78 0.08 -30.09
CA ASP B 267 21.45 -0.05 -31.50
C ASP B 267 21.31 -1.53 -31.85
N LYS B 268 20.87 -1.78 -33.07
CA LYS B 268 20.83 -3.12 -33.66
C LYS B 268 21.68 -3.16 -34.94
N LYS B 269 22.81 -2.48 -34.92
CA LYS B 269 23.74 -2.49 -36.04
C LYS B 269 24.63 -3.72 -35.99
N LYS B 270 25.19 -4.07 -37.14
CA LYS B 270 26.14 -5.19 -37.22
C LYS B 270 27.50 -4.68 -36.76
N THR B 271 27.81 -4.91 -35.49
CA THR B 271 29.06 -4.48 -34.89
C THR B 271 30.00 -5.66 -34.75
N LYS B 272 31.31 -5.39 -34.94
CA LYS B 272 32.29 -6.46 -34.86
C LYS B 272 32.54 -6.87 -33.41
N GLU B 273 33.01 -5.93 -32.58
CA GLU B 273 33.24 -6.17 -31.16
C GLU B 273 32.71 -4.94 -30.41
N THR B 274 31.48 -5.03 -29.93
CA THR B 274 30.83 -3.88 -29.31
C THR B 274 31.47 -3.58 -27.96
N TYR B 275 31.99 -2.37 -27.82
CA TYR B 275 32.44 -1.83 -26.55
C TYR B 275 31.50 -0.72 -26.11
N ILE B 276 31.30 -0.62 -24.80
CA ILE B 276 30.36 0.34 -24.23
C ILE B 276 31.14 1.55 -23.74
N ASP B 277 30.72 2.74 -24.15
CA ASP B 277 31.22 3.97 -23.56
C ASP B 277 30.48 4.19 -22.24
N VAL B 278 31.22 4.21 -21.14
CA VAL B 278 30.64 4.42 -19.83
C VAL B 278 31.11 5.77 -19.30
N PHE B 279 30.15 6.64 -19.01
CA PHE B 279 30.42 7.95 -18.42
C PHE B 279 29.85 7.95 -17.01
N LYS B 280 30.74 7.89 -16.02
CA LYS B 280 30.33 7.83 -14.62
C LYS B 280 30.68 9.16 -13.95
N ILE B 281 29.69 9.76 -13.30
CA ILE B 281 29.90 11.05 -12.66
C ILE B 281 30.88 10.91 -11.49
N LYS B 282 31.68 11.95 -11.28
CA LYS B 282 32.66 11.94 -10.19
C LYS B 282 32.12 12.58 -8.91
N ASN B 283 31.43 13.70 -9.03
CA ASN B 283 30.85 14.40 -7.89
C ASN B 283 29.35 14.48 -8.08
N GLU B 284 28.60 13.93 -7.11
CA GLU B 284 27.15 13.88 -7.20
C GLU B 284 26.49 15.21 -6.89
N ASP B 285 27.25 16.22 -6.46
CA ASP B 285 26.69 17.52 -6.11
C ASP B 285 26.65 18.50 -7.27
N ILE B 286 27.23 18.15 -8.42
CA ILE B 286 27.36 19.12 -9.50
C ILE B 286 25.98 19.45 -10.08
N CYS B 287 25.90 20.63 -10.71
CA CYS B 287 24.68 21.07 -11.37
C CYS B 287 24.75 20.70 -12.85
N ILE B 288 23.66 20.13 -13.36
CA ILE B 288 23.65 19.62 -14.73
C ILE B 288 23.71 20.76 -15.75
N ASN B 289 23.38 21.99 -15.34
CA ASN B 289 23.40 23.14 -16.24
C ASN B 289 24.74 23.88 -16.23
N LYS B 290 25.84 23.17 -15.93
CA LYS B 290 27.15 23.81 -15.91
C LYS B 290 27.52 24.34 -17.30
N PHE B 291 27.28 23.54 -18.33
CA PHE B 291 27.50 23.94 -19.71
C PHE B 291 26.16 24.06 -20.43
N GLU B 292 26.21 24.63 -21.64
CA GLU B 292 25.01 24.72 -22.45
C GLU B 292 24.58 23.37 -23.01
N THR B 293 25.49 22.39 -23.04
CA THR B 293 25.20 21.08 -23.62
C THR B 293 25.70 19.99 -22.70
N LEU B 294 25.08 18.81 -22.81
CA LEU B 294 25.48 17.69 -21.95
C LEU B 294 26.80 17.08 -22.39
N GLU B 295 27.13 17.17 -23.69
CA GLU B 295 28.38 16.60 -24.18
C GLU B 295 29.57 17.27 -23.53
N GLU B 296 29.49 18.58 -23.31
CA GLU B 296 30.59 19.27 -22.63
C GLU B 296 30.77 18.76 -21.21
N LEU B 297 29.66 18.52 -20.51
CA LEU B 297 29.73 17.99 -19.15
C LEU B 297 30.35 16.60 -19.13
N LEU B 298 29.97 15.75 -20.09
CA LEU B 298 30.51 14.39 -20.13
C LEU B 298 32.01 14.39 -20.40
N LYS B 299 32.47 15.25 -21.31
CA LYS B 299 33.88 15.30 -21.66
C LYS B 299 34.74 16.01 -20.63
N SER B 300 34.14 16.70 -19.68
CA SER B 300 34.89 17.51 -18.73
C SER B 300 35.44 16.62 -17.60
N SER B 301 36.07 17.28 -16.62
CA SER B 301 36.57 16.59 -15.45
C SER B 301 35.46 16.16 -14.49
N LYS B 302 34.23 16.63 -14.72
CA LYS B 302 33.11 16.23 -13.87
C LYS B 302 32.72 14.77 -14.07
N PHE B 303 33.14 14.15 -15.16
CA PHE B 303 32.76 12.78 -15.48
C PHE B 303 34.01 11.97 -15.81
N GLU B 304 33.93 10.67 -15.52
CA GLU B 304 34.99 9.72 -15.83
C GLU B 304 34.51 8.80 -16.95
N HIS B 305 35.41 8.46 -17.87
CA HIS B 305 35.08 7.65 -19.03
C HIS B 305 35.96 6.42 -19.08
N PHE B 306 35.35 5.29 -19.43
CA PHE B 306 36.08 4.05 -19.68
C PHE B 306 35.20 3.13 -20.52
N ASN B 307 35.83 2.15 -21.15
CA ASN B 307 35.13 1.22 -22.03
C ASN B 307 34.96 -0.13 -21.36
N ILE B 308 33.84 -0.78 -21.66
CA ILE B 308 33.52 -2.11 -21.15
C ILE B 308 33.17 -2.99 -22.34
N ASN B 309 33.85 -4.14 -22.45
CA ASN B 309 33.56 -5.11 -23.50
C ASN B 309 32.23 -5.80 -23.18
N GLN B 310 31.21 -5.54 -24.01
CA GLN B 310 29.89 -6.09 -23.73
C GLN B 310 29.88 -7.61 -23.77
N ARG B 311 30.74 -8.20 -24.59
CA ARG B 311 30.79 -9.67 -24.70
C ARG B 311 31.27 -10.31 -23.40
N LEU B 312 32.08 -9.61 -22.61
CA LEU B 312 32.64 -10.13 -21.37
C LEU B 312 31.72 -9.92 -20.17
N LEU B 313 30.56 -9.30 -20.36
CA LEU B 313 29.64 -9.10 -19.24
C LEU B 313 29.02 -10.41 -18.81
N SER B 314 28.93 -10.61 -17.50
CA SER B 314 28.22 -11.74 -16.91
C SER B 314 26.79 -11.32 -16.62
N ASP B 315 26.08 -12.13 -15.82
CA ASP B 315 24.76 -11.73 -15.35
C ASP B 315 24.82 -10.46 -14.50
N GLU B 316 25.99 -10.11 -14.00
CA GLU B 316 26.20 -8.89 -13.22
C GLU B 316 27.06 -7.92 -14.03
N TRP B 317 26.61 -6.68 -14.14
CA TRP B 317 27.33 -5.64 -14.89
C TRP B 317 28.19 -4.85 -13.91
N ILE B 318 29.46 -5.18 -13.84
CA ILE B 318 30.41 -4.45 -13.02
C ILE B 318 31.09 -3.43 -13.92
N LEU B 319 30.58 -2.20 -13.90
CA LEU B 319 31.05 -1.14 -14.79
C LEU B 319 32.00 -0.23 -14.01
N VAL B 320 33.26 -0.67 -13.96
CA VAL B 320 34.31 0.05 -13.25
C VAL B 320 35.57 0.09 -14.11
N ASN B 321 36.47 1.00 -13.77
CA ASN B 321 37.72 1.12 -14.50
C ASN B 321 38.61 -0.09 -14.24
N LYS B 322 39.76 -0.12 -14.92
CA LYS B 322 40.66 -1.27 -14.81
C LYS B 322 41.24 -1.40 -13.40
N ASP B 323 41.51 -0.26 -12.74
CA ASP B 323 42.04 -0.31 -11.39
C ASP B 323 41.08 -0.99 -10.43
N ASP B 324 39.81 -0.56 -10.44
CA ASP B 324 38.81 -1.18 -9.57
C ASP B 324 38.57 -2.64 -9.93
N GLU B 325 38.63 -2.97 -11.23
CA GLU B 325 38.46 -4.37 -11.63
C GLU B 325 39.54 -5.26 -11.04
N THR B 326 40.79 -4.79 -11.06
CA THR B 326 41.88 -5.58 -10.48
C THR B 326 41.80 -5.61 -8.96
N PHE B 327 41.44 -4.48 -8.35
CA PHE B 327 41.22 -4.45 -6.90
C PHE B 327 40.12 -5.41 -6.49
N TYR B 328 38.99 -5.39 -7.21
CA TYR B 328 37.88 -6.28 -6.92
C TYR B 328 38.27 -7.74 -7.13
N ASN B 329 39.00 -8.03 -8.22
CA ASN B 329 39.35 -9.42 -8.51
C ASN B 329 40.34 -9.98 -7.51
N LYS B 330 41.26 -9.14 -7.02
CA LYS B 330 42.23 -9.61 -6.03
C LYS B 330 41.53 -10.05 -4.75
N ILE B 331 40.56 -9.26 -4.28
CA ILE B 331 39.85 -9.61 -3.05
C ILE B 331 39.02 -10.86 -3.25
N GLN B 332 38.34 -10.96 -4.41
CA GLN B 332 37.50 -12.14 -4.67
C GLN B 332 38.34 -13.42 -4.69
N GLU B 333 39.51 -13.38 -5.31
CA GLU B 333 40.35 -14.57 -5.39
C GLU B 333 40.95 -14.93 -4.03
N LYS B 334 41.36 -13.92 -3.25
CA LYS B 334 42.02 -14.19 -1.99
C LYS B 334 41.06 -14.79 -0.96
N CYS B 335 39.82 -14.31 -0.92
CA CYS B 335 38.87 -14.71 0.10
C CYS B 335 38.21 -16.03 -0.27
N LYS B 336 38.36 -17.03 0.59
CA LYS B 336 37.80 -18.36 0.34
C LYS B 336 36.41 -18.54 0.94
N TYR B 337 35.91 -17.55 1.68
CA TYR B 337 34.61 -17.64 2.32
C TYR B 337 33.75 -16.45 1.92
N SER B 338 32.44 -16.64 2.00
CA SER B 338 31.48 -15.56 1.87
C SER B 338 30.63 -15.50 3.15
N LEU B 339 30.07 -14.32 3.41
CA LEU B 339 29.22 -14.17 4.59
C LEU B 339 28.06 -15.16 4.56
N GLU B 340 27.53 -15.45 3.37
CA GLU B 340 26.43 -16.41 3.27
C GLU B 340 26.84 -17.78 3.77
N ASP B 341 28.10 -18.18 3.54
CA ASP B 341 28.58 -19.47 4.00
C ASP B 341 28.54 -19.57 5.51
N ILE B 342 29.03 -18.54 6.20
CA ILE B 342 29.30 -18.64 7.64
C ILE B 342 28.20 -18.06 8.51
N ALA B 343 27.19 -17.40 7.93
CA ALA B 343 26.26 -16.62 8.73
C ALA B 343 24.81 -16.91 8.33
N ILE B 344 23.92 -16.72 9.29
CA ILE B 344 22.48 -16.78 9.07
C ILE B 344 21.96 -15.36 9.09
N SER B 345 21.41 -14.91 7.97
CA SER B 345 20.93 -13.54 7.80
C SER B 345 19.40 -13.51 7.90
N PHE B 346 18.88 -12.40 8.40
CA PHE B 346 17.44 -12.20 8.44
C PHE B 346 17.11 -10.71 8.47
N GLN B 347 15.89 -10.40 8.04
CA GLN B 347 15.37 -9.05 8.05
C GLN B 347 14.67 -8.79 9.37
N GLY B 348 14.62 -7.52 9.76
CA GLY B 348 14.03 -7.14 11.02
C GLY B 348 12.52 -7.30 11.05
N ILE B 349 11.95 -6.95 12.20
CA ILE B 349 10.52 -7.05 12.40
C ILE B 349 9.79 -6.19 11.39
N ILE B 350 8.63 -6.65 10.93
CA ILE B 350 7.71 -5.84 10.14
C ILE B 350 6.38 -5.89 10.88
N THR B 351 6.09 -4.87 11.68
CA THR B 351 4.85 -4.85 12.44
C THR B 351 3.65 -4.69 11.51
N GLY B 352 3.79 -3.90 10.46
CA GLY B 352 2.70 -3.53 9.59
C GLY B 352 2.05 -2.21 9.93
N CYS B 353 2.19 -1.75 11.18
CA CYS B 353 1.77 -0.41 11.57
C CYS B 353 2.60 -0.05 12.82
N ASP B 354 3.67 0.71 12.61
CA ASP B 354 4.61 0.96 13.71
C ASP B 354 4.00 1.78 14.83
N LYS B 355 3.07 2.69 14.50
CA LYS B 355 2.50 3.55 15.54
C LYS B 355 1.72 2.76 16.57
N ALA B 356 1.18 1.60 16.19
CA ALA B 356 0.42 0.79 17.13
C ALA B 356 1.29 0.02 18.10
N PHE B 357 2.53 -0.31 17.73
CA PHE B 357 3.37 -1.20 18.52
C PHE B 357 4.64 -0.56 19.05
N ILE B 358 5.07 0.58 18.52
CA ILE B 358 6.32 1.22 18.91
C ILE B 358 6.00 2.43 19.77
N LEU B 359 6.59 2.48 20.95
CA LEU B 359 6.39 3.59 21.88
C LEU B 359 7.74 4.12 22.35
N SER B 360 7.82 5.44 22.54
CA SER B 360 8.99 6.02 23.16
C SER B 360 9.15 5.48 24.57
N LYS B 361 10.41 5.30 24.98
CA LYS B 361 10.65 4.71 26.30
C LYS B 361 10.21 5.63 27.43
N ASP B 362 9.99 6.92 27.14
CA ASP B 362 9.46 7.86 28.10
C ASP B 362 7.93 7.93 28.08
N ASP B 363 7.28 7.16 27.21
CA ASP B 363 5.82 7.21 27.11
C ASP B 363 5.18 6.62 28.36
N VAL B 364 4.11 7.27 28.82
CA VAL B 364 3.41 6.81 30.01
C VAL B 364 2.57 5.57 29.74
N LYS B 365 2.17 5.33 28.49
CA LYS B 365 1.39 4.15 28.16
C LYS B 365 2.16 2.85 28.35
N LEU B 366 3.49 2.92 28.49
CA LEU B 366 4.27 1.72 28.75
C LEU B 366 3.98 1.13 30.13
N ASN B 367 3.41 1.93 31.04
CA ASN B 367 3.02 1.40 32.34
C ASN B 367 1.92 0.36 32.24
N LEU B 368 1.13 0.40 31.17
CA LEU B 368 0.07 -0.59 30.96
C LEU B 368 0.58 -1.90 30.38
N VAL B 369 1.83 -1.96 29.94
CA VAL B 369 2.38 -3.12 29.26
C VAL B 369 3.37 -3.82 30.18
N ASP B 370 3.14 -5.11 30.43
CA ASP B 370 4.05 -5.90 31.25
C ASP B 370 5.40 -6.00 30.56
N ASP B 371 6.47 -6.00 31.38
CA ASP B 371 7.82 -5.97 30.83
C ASP B 371 8.16 -7.20 30.02
N LYS B 372 7.41 -8.30 30.18
CA LYS B 372 7.66 -9.50 29.39
C LYS B 372 7.25 -9.32 27.93
N PHE B 373 6.43 -8.32 27.63
CA PHE B 373 6.03 -8.03 26.25
C PHE B 373 6.94 -7.02 25.57
N LEU B 374 7.82 -6.35 26.32
CA LEU B 374 8.57 -5.21 25.80
C LEU B 374 9.94 -5.64 25.29
N LYS B 375 10.31 -5.13 24.13
CA LYS B 375 11.61 -5.36 23.53
C LYS B 375 12.26 -4.03 23.21
N CYS B 376 13.59 -4.00 23.28
CA CYS B 376 14.32 -2.81 22.87
C CYS B 376 14.24 -2.65 21.35
N TRP B 377 14.10 -1.40 20.90
CA TRP B 377 13.79 -1.10 19.51
C TRP B 377 14.75 -0.01 19.04
N ILE B 378 15.49 -0.29 17.97
CA ILE B 378 16.45 0.66 17.42
C ILE B 378 16.09 0.96 15.97
N LYS B 379 16.62 2.07 15.48
CA LYS B 379 16.47 2.48 14.09
C LYS B 379 17.83 2.45 13.40
N SER B 380 17.82 2.72 12.09
CA SER B 380 19.06 2.66 11.32
C SER B 380 20.09 3.66 11.83
N LYS B 381 19.65 4.80 12.36
CA LYS B 381 20.60 5.80 12.83
C LYS B 381 21.27 5.42 14.13
N ASN B 382 20.81 4.37 14.81
CA ASN B 382 21.45 3.91 16.04
C ASN B 382 22.68 3.05 15.78
N ILE B 383 22.91 2.63 14.53
CA ILE B 383 24.01 1.73 14.21
C ILE B 383 25.25 2.55 13.90
N ASN B 384 26.31 2.34 14.66
CA ASN B 384 27.62 2.89 14.37
C ASN B 384 28.55 1.75 13.99
N LYS B 385 29.80 2.09 13.71
CA LYS B 385 30.82 1.06 13.59
C LYS B 385 31.07 0.41 14.95
N TYR B 386 30.99 -0.92 14.96
CA TYR B 386 31.35 -1.80 16.08
C TYR B 386 30.39 -1.82 17.26
N ILE B 387 29.47 -0.86 17.39
CA ILE B 387 28.55 -0.82 18.52
C ILE B 387 27.28 -0.08 18.12
N VAL B 388 26.22 -0.32 18.90
CA VAL B 388 24.91 0.27 18.67
C VAL B 388 24.63 1.29 19.77
N ASP B 389 24.04 2.41 19.39
CA ASP B 389 23.59 3.40 20.37
C ASP B 389 22.47 2.83 21.23
N LYS B 390 22.34 3.40 22.43
CA LYS B 390 21.27 2.99 23.33
C LYS B 390 19.91 3.21 22.69
N SER B 391 19.00 2.26 22.88
CA SER B 391 17.69 2.32 22.24
C SER B 391 16.81 3.38 22.91
N GLU B 392 16.05 4.09 22.08
CA GLU B 392 15.13 5.11 22.55
C GLU B 392 13.67 4.69 22.45
N TYR B 393 13.39 3.50 21.94
CA TYR B 393 12.03 3.04 21.72
C TYR B 393 11.86 1.64 22.26
N ARG B 394 10.60 1.26 22.49
CA ARG B 394 10.25 -0.07 22.97
C ARG B 394 9.21 -0.68 22.05
N LEU B 395 9.30 -2.00 21.86
CA LEU B 395 8.39 -2.74 21.00
C LEU B 395 7.48 -3.61 21.85
N ILE B 396 6.18 -3.55 21.58
CA ILE B 396 5.20 -4.44 22.20
C ILE B 396 5.12 -5.68 21.31
N TYR B 397 5.75 -6.77 21.75
CA TYR B 397 5.72 -8.02 20.99
C TYR B 397 4.36 -8.67 21.23
N SER B 398 3.36 -8.15 20.52
CA SER B 398 1.97 -8.51 20.76
C SER B 398 1.64 -9.94 20.34
N ASN B 399 2.54 -10.63 19.63
CA ASN B 399 2.31 -12.04 19.32
C ASN B 399 2.18 -12.87 20.59
N ASP B 400 2.83 -12.44 21.68
CA ASP B 400 2.81 -13.17 22.94
C ASP B 400 1.57 -12.88 23.77
N ILE B 401 0.66 -12.04 23.29
CA ILE B 401 -0.61 -11.80 23.97
C ILE B 401 -1.56 -12.94 23.58
N ASP B 402 -1.91 -13.78 24.56
CA ASP B 402 -2.67 -14.99 24.27
C ASP B 402 -4.12 -14.69 23.92
N ASN B 403 -4.86 -14.10 24.86
CA ASN B 403 -6.28 -13.85 24.69
C ASN B 403 -6.56 -12.36 24.82
N GLU B 404 -7.61 -11.91 24.12
CA GLU B 404 -7.98 -10.50 24.14
C GLU B 404 -8.56 -10.04 25.46
N ASN B 405 -8.95 -10.97 26.34
CA ASN B 405 -9.51 -10.60 27.64
C ASN B 405 -8.48 -10.47 28.73
N THR B 406 -7.42 -11.29 28.70
CA THR B 406 -6.41 -11.26 29.75
C THR B 406 -5.65 -9.94 29.76
N ASN B 407 -5.38 -9.38 28.58
CA ASN B 407 -4.64 -8.13 28.48
C ASN B 407 -5.47 -7.06 27.77
N LYS B 408 -6.73 -6.92 28.17
CA LYS B 408 -7.65 -6.04 27.43
C LYS B 408 -7.20 -4.58 27.46
N ARG B 409 -6.51 -4.16 28.51
CA ARG B 409 -6.11 -2.76 28.63
C ARG B 409 -5.12 -2.37 27.53
N ILE B 410 -4.17 -3.26 27.21
CA ILE B 410 -3.19 -2.97 26.16
C ILE B 410 -3.89 -2.82 24.81
N LEU B 411 -4.79 -3.76 24.50
CA LEU B 411 -5.46 -3.73 23.21
C LEU B 411 -6.37 -2.51 23.07
N ASP B 412 -7.09 -2.16 24.14
CA ASP B 412 -8.07 -1.08 24.04
C ASP B 412 -7.42 0.28 23.94
N GLU B 413 -6.33 0.51 24.68
CA GLU B 413 -5.77 1.85 24.82
C GLU B 413 -4.53 2.10 23.99
N ILE B 414 -3.86 1.06 23.49
CA ILE B 414 -2.62 1.27 22.75
C ILE B 414 -2.74 0.72 21.33
N ILE B 415 -2.91 -0.60 21.21
CA ILE B 415 -2.89 -1.24 19.90
C ILE B 415 -4.18 -0.95 19.13
N GLY B 416 -5.32 -0.96 19.83
CA GLY B 416 -6.61 -0.78 19.18
C GLY B 416 -6.84 0.59 18.59
N LEU B 417 -6.02 1.57 18.94
CA LEU B 417 -6.16 2.90 18.35
C LEU B 417 -5.96 2.88 16.85
N TYR B 418 -5.32 1.84 16.32
CA TYR B 418 -5.08 1.68 14.89
C TYR B 418 -5.71 0.39 14.37
N LYS B 419 -6.79 -0.06 15.02
CA LYS B 419 -7.38 -1.35 14.70
C LYS B 419 -7.86 -1.41 13.25
N THR B 420 -8.46 -0.33 12.76
CA THR B 420 -8.94 -0.31 11.38
C THR B 420 -7.80 -0.50 10.40
N LYS B 421 -6.67 0.18 10.62
CA LYS B 421 -5.53 0.03 9.73
C LYS B 421 -4.90 -1.35 9.88
N LEU B 422 -4.87 -1.89 11.10
CA LEU B 422 -4.34 -3.23 11.31
C LEU B 422 -5.16 -4.28 10.59
N GLU B 423 -6.49 -4.14 10.61
CA GLU B 423 -7.36 -5.11 9.95
C GLU B 423 -7.24 -5.07 8.44
N ASN B 424 -6.65 -4.01 7.88
CA ASN B 424 -6.47 -3.93 6.43
C ASN B 424 -5.22 -4.65 5.94
N ARG B 425 -4.41 -5.18 6.86
CA ARG B 425 -3.22 -5.92 6.45
C ARG B 425 -3.61 -7.25 5.82
N ARG B 426 -2.78 -7.69 4.88
CA ARG B 426 -3.14 -8.84 4.02
C ARG B 426 -3.41 -10.09 4.85
N GLU B 427 -2.55 -10.37 5.83
CA GLU B 427 -2.70 -11.60 6.59
C GLU B 427 -3.87 -11.54 7.57
N CYS B 428 -4.23 -10.33 8.02
CA CYS B 428 -5.43 -10.19 8.83
C CYS B 428 -6.69 -10.49 8.02
N LYS B 429 -6.76 -9.97 6.79
CA LYS B 429 -7.93 -10.19 5.95
C LYS B 429 -8.05 -11.65 5.53
N SER B 430 -6.93 -12.36 5.44
CA SER B 430 -6.96 -13.79 5.11
C SER B 430 -7.26 -14.67 6.32
N GLY B 431 -7.26 -14.11 7.52
CA GLY B 431 -7.67 -14.83 8.71
C GLY B 431 -6.56 -15.54 9.45
N ILE B 432 -5.35 -15.61 8.92
CA ILE B 432 -4.27 -16.31 9.61
C ILE B 432 -3.57 -15.46 10.66
N ARG B 433 -3.82 -14.15 10.68
CA ARG B 433 -3.17 -13.25 11.62
C ARG B 433 -4.24 -12.45 12.35
N LYS B 434 -4.15 -12.41 13.68
CA LYS B 434 -5.07 -11.60 14.47
C LYS B 434 -4.79 -10.13 14.25
N TRP B 435 -5.82 -9.30 14.44
CA TRP B 435 -5.69 -7.88 14.13
C TRP B 435 -4.65 -7.21 15.00
N TYR B 436 -4.42 -7.71 16.21
CA TYR B 436 -3.56 -7.03 17.17
C TYR B 436 -2.12 -7.53 17.19
N GLU B 437 -1.79 -8.58 16.45
CA GLU B 437 -0.45 -9.12 16.49
C GLU B 437 0.39 -8.60 15.33
N LEU B 438 1.70 -8.74 15.46
CA LEU B 438 2.62 -8.24 14.45
C LEU B 438 2.44 -9.01 13.14
N GLN B 439 2.51 -8.28 12.02
CA GLN B 439 2.31 -8.92 10.72
C GLN B 439 3.39 -9.95 10.43
N TRP B 440 4.65 -9.58 10.62
CA TRP B 440 5.78 -10.50 10.49
C TRP B 440 6.62 -10.34 11.74
N GLY B 441 6.27 -11.07 12.80
CA GLY B 441 6.98 -10.99 14.05
C GLY B 441 8.30 -11.73 14.08
N ARG B 442 8.62 -12.47 13.02
CA ARG B 442 9.89 -13.20 12.90
C ARG B 442 10.05 -14.15 14.09
N GLU B 443 11.29 -14.49 14.42
CA GLU B 443 11.60 -15.40 15.53
C GLU B 443 12.41 -14.63 16.57
N LYS B 444 11.87 -14.57 17.79
CA LYS B 444 12.55 -13.85 18.87
C LYS B 444 13.92 -14.44 19.18
N LEU B 445 14.07 -15.76 19.07
CA LEU B 445 15.35 -16.39 19.36
C LEU B 445 16.45 -15.93 18.42
N PHE B 446 16.09 -15.39 17.25
CA PHE B 446 17.09 -14.81 16.36
C PHE B 446 17.55 -13.45 16.84
N PHE B 447 16.65 -12.65 17.41
CA PHE B 447 17.00 -11.31 17.86
C PHE B 447 17.63 -11.30 19.25
N GLU B 448 17.21 -12.21 20.13
CA GLU B 448 17.66 -12.21 21.52
C GLU B 448 18.90 -13.10 21.66
N ARG B 449 19.98 -12.61 21.06
CA ARG B 449 21.27 -13.28 21.11
C ARG B 449 22.32 -12.28 20.64
N LYS B 450 23.58 -12.63 20.84
CA LYS B 450 24.67 -11.84 20.28
C LYS B 450 24.64 -11.93 18.76
N LYS B 451 24.70 -10.78 18.09
CA LYS B 451 24.55 -10.75 16.64
C LYS B 451 25.17 -9.46 16.12
N ILE B 452 25.27 -9.39 14.79
CA ILE B 452 25.76 -8.21 14.09
C ILE B 452 24.60 -7.54 13.39
N MET B 453 24.52 -6.22 13.49
CA MET B 453 23.45 -5.45 12.88
C MET B 453 24.04 -4.31 12.04
N TYR B 454 23.37 -3.99 10.94
CA TYR B 454 23.81 -2.91 10.06
C TYR B 454 22.60 -2.24 9.45
N PRO B 455 22.70 -0.94 9.12
CA PRO B 455 21.55 -0.24 8.53
C PRO B 455 21.31 -0.68 7.10
N TYR B 456 20.04 -0.59 6.67
CA TYR B 456 19.70 -1.03 5.33
C TYR B 456 20.10 -0.02 4.26
N LYS B 457 20.31 1.23 4.65
CA LYS B 457 20.77 2.28 3.74
C LYS B 457 21.76 3.15 4.48
N SER B 458 22.92 3.39 3.87
CA SER B 458 23.98 4.11 4.57
C SER B 458 24.96 4.66 3.54
N ASN B 459 25.79 5.59 4.01
CA ASN B 459 26.89 6.14 3.22
C ASN B 459 28.17 5.32 3.34
N GLU B 460 28.27 4.43 4.33
CA GLU B 460 29.49 3.70 4.57
C GLU B 460 29.17 2.41 5.31
N ASN B 461 30.17 1.54 5.41
CA ASN B 461 30.03 0.31 6.16
C ASN B 461 29.87 0.61 7.64
N ARG B 462 28.73 0.19 8.22
CA ARG B 462 28.45 0.34 9.65
C ARG B 462 27.95 -1.00 10.15
N PHE B 463 28.86 -1.87 10.58
CA PHE B 463 28.51 -3.16 11.14
C PHE B 463 28.83 -3.14 12.63
N ALA B 464 27.84 -3.43 13.46
CA ALA B 464 27.95 -3.31 14.90
C ALA B 464 27.56 -4.60 15.57
N ILE B 465 28.25 -4.92 16.67
CA ILE B 465 27.90 -6.06 17.50
C ILE B 465 26.82 -5.62 18.49
N ASP B 466 25.72 -6.35 18.52
CA ASP B 466 24.62 -6.07 19.44
C ASP B 466 24.71 -7.03 20.62
N TYR B 467 24.88 -6.47 21.82
CA TYR B 467 24.89 -7.24 23.05
C TYR B 467 23.59 -7.17 23.82
N ASP B 468 22.63 -6.36 23.36
CA ASP B 468 21.49 -5.97 24.19
C ASP B 468 20.16 -6.50 23.67
N ASN B 469 20.18 -7.55 22.83
CA ASN B 469 18.96 -8.16 22.29
C ASN B 469 18.06 -7.11 21.62
N ASN B 470 18.67 -6.22 20.85
CA ASN B 470 17.93 -5.17 20.18
C ASN B 470 17.06 -5.77 19.07
N PHE B 471 15.79 -5.35 19.03
CA PHE B 471 14.91 -5.60 17.91
C PHE B 471 14.90 -4.38 17.00
N SER B 472 14.47 -4.59 15.76
CA SER B 472 14.47 -3.49 14.80
C SER B 472 13.45 -3.79 13.71
N SER B 473 13.13 -2.75 12.96
CA SER B 473 12.28 -2.89 11.77
C SER B 473 13.16 -3.33 10.60
N ALA B 474 12.62 -3.27 9.39
CA ALA B 474 13.35 -3.69 8.21
C ALA B 474 14.32 -2.63 7.70
N ASP B 475 14.53 -1.55 8.45
CA ASP B 475 15.60 -0.62 8.16
C ASP B 475 16.94 -1.05 8.76
N VAL B 476 16.94 -2.12 9.56
CA VAL B 476 18.15 -2.69 10.12
C VAL B 476 18.12 -4.19 9.85
N TYR B 477 19.20 -4.72 9.29
CA TYR B 477 19.35 -6.14 9.07
C TYR B 477 20.27 -6.73 10.13
N SER B 478 20.16 -8.05 10.33
CA SER B 478 20.96 -8.74 11.32
C SER B 478 21.48 -10.04 10.72
N PHE B 479 22.60 -10.52 11.28
CA PHE B 479 23.05 -11.87 11.03
C PHE B 479 23.88 -12.35 12.21
N PHE B 480 23.86 -13.66 12.44
CA PHE B 480 24.74 -14.29 13.41
C PHE B 480 25.54 -15.39 12.73
N ILE B 481 26.67 -15.73 13.32
CA ILE B 481 27.57 -16.73 12.77
C ILE B 481 27.00 -18.12 12.99
N LYS B 482 27.13 -18.98 11.98
CA LYS B 482 26.70 -20.36 12.11
C LYS B 482 27.54 -21.09 13.14
N GLU B 483 26.93 -22.08 13.79
CA GLU B 483 27.60 -22.81 14.87
C GLU B 483 28.87 -23.48 14.38
N GLU B 484 28.82 -24.10 13.20
CA GLU B 484 29.98 -24.84 12.69
C GLU B 484 31.11 -23.93 12.23
N TYR B 485 30.90 -22.62 12.16
CA TYR B 485 31.96 -21.68 11.78
C TYR B 485 32.46 -20.84 12.94
N LEU B 486 31.91 -21.01 14.14
CA LEU B 486 32.32 -20.20 15.28
C LEU B 486 33.79 -20.42 15.63
N ASP B 487 34.33 -21.60 15.35
CA ASP B 487 35.74 -21.85 15.59
C ASP B 487 36.65 -21.19 14.56
N LYS B 488 36.11 -20.74 13.42
CA LYS B 488 36.90 -20.07 12.40
C LYS B 488 36.76 -18.54 12.43
N PHE B 489 35.57 -18.03 12.75
CA PHE B 489 35.31 -16.60 12.72
C PHE B 489 34.60 -16.15 13.98
N SER B 490 35.03 -15.02 14.53
CA SER B 490 34.38 -14.40 15.67
C SER B 490 33.72 -13.09 15.24
N TYR B 491 32.72 -12.67 16.03
CA TYR B 491 32.03 -11.42 15.74
C TYR B 491 33.01 -10.24 15.76
N GLU B 492 33.97 -10.27 16.68
CA GLU B 492 34.94 -9.17 16.78
C GLU B 492 35.82 -9.09 15.54
N TYR B 493 36.23 -10.24 15.01
CA TYR B 493 37.00 -10.24 13.77
C TYR B 493 36.19 -9.73 12.59
N LEU B 494 34.92 -10.16 12.48
CA LEU B 494 34.09 -9.79 11.33
C LEU B 494 33.86 -8.29 11.28
N VAL B 495 33.46 -7.68 12.40
CA VAL B 495 33.28 -6.23 12.39
C VAL B 495 34.60 -5.51 12.19
N GLY B 496 35.72 -6.15 12.52
CA GLY B 496 37.01 -5.53 12.25
C GLY B 496 37.28 -5.38 10.77
N ILE B 497 37.02 -6.42 9.99
CA ILE B 497 37.29 -6.35 8.56
C ILE B 497 36.15 -5.64 7.82
N LEU B 498 34.91 -5.84 8.27
CA LEU B 498 33.76 -5.26 7.55
C LEU B 498 33.70 -3.75 7.70
N ASN B 499 34.25 -3.21 8.79
CA ASN B 499 34.26 -1.77 9.01
C ASN B 499 35.52 -1.09 8.50
N SER B 500 36.42 -1.83 7.84
CA SER B 500 37.67 -1.27 7.37
C SER B 500 37.46 -0.46 6.09
N SER B 501 38.40 0.43 5.82
CA SER B 501 38.37 1.20 4.59
C SER B 501 38.47 0.30 3.37
N VAL B 502 39.14 -0.85 3.49
CA VAL B 502 39.24 -1.78 2.36
C VAL B 502 37.87 -2.31 1.99
N TYR B 503 37.13 -2.81 2.99
CA TYR B 503 35.82 -3.41 2.71
C TYR B 503 34.75 -2.37 2.41
N ASP B 504 34.93 -1.13 2.84
CA ASP B 504 34.03 -0.07 2.41
C ASP B 504 34.16 0.17 0.91
N LYS B 505 35.38 0.29 0.42
CA LYS B 505 35.61 0.41 -1.02
C LYS B 505 35.20 -0.87 -1.76
N TYR B 506 35.51 -2.03 -1.16
CA TYR B 506 35.22 -3.31 -1.81
C TYR B 506 33.72 -3.50 -2.00
N PHE B 507 32.92 -3.23 -0.97
CA PHE B 507 31.48 -3.42 -1.08
C PHE B 507 30.87 -2.46 -2.09
N LYS B 508 31.33 -1.20 -2.09
CA LYS B 508 30.76 -0.18 -2.95
C LYS B 508 31.10 -0.38 -4.42
N ILE B 509 32.01 -1.30 -4.75
CA ILE B 509 32.28 -1.59 -6.15
C ILE B 509 31.02 -2.10 -6.85
N THR B 510 30.28 -2.99 -6.19
CA THR B 510 29.09 -3.60 -6.77
C THR B 510 27.81 -3.22 -6.04
N ALA B 511 27.88 -2.35 -5.03
CA ALA B 511 26.70 -2.04 -4.24
C ALA B 511 25.69 -1.24 -5.05
N LYS B 512 24.44 -1.28 -4.60
CA LYS B 512 23.33 -0.63 -5.28
C LYS B 512 23.24 0.82 -4.82
N LYS B 513 23.59 1.75 -5.71
CA LYS B 513 23.56 3.17 -5.38
C LYS B 513 22.13 3.69 -5.47
N MET B 514 21.63 4.21 -4.35
CA MET B 514 20.22 4.59 -4.23
C MET B 514 20.00 6.08 -4.45
N SER B 515 20.66 6.92 -3.65
CA SER B 515 20.55 8.36 -3.78
C SER B 515 21.90 8.96 -3.39
N LYS B 516 21.92 10.27 -3.15
CA LYS B 516 23.15 10.96 -2.82
C LYS B 516 23.66 10.45 -1.47
N ASN B 517 24.89 9.91 -1.46
CA ASN B 517 25.53 9.38 -0.26
C ASN B 517 24.74 8.25 0.39
N ILE B 518 24.00 7.47 -0.41
CA ILE B 518 23.22 6.35 0.12
C ILE B 518 23.42 5.14 -0.77
N TYR B 519 23.95 4.07 -0.21
CA TYR B 519 23.96 2.75 -0.82
C TYR B 519 22.98 1.84 -0.10
N ASP B 520 22.46 0.85 -0.81
CA ASP B 520 21.68 -0.20 -0.16
C ASP B 520 22.64 -1.18 0.52
N TYR B 521 22.35 -1.50 1.78
CA TYR B 521 23.02 -2.59 2.49
C TYR B 521 21.95 -3.63 2.78
N TYR B 522 21.71 -4.49 1.78
CA TYR B 522 20.72 -5.54 1.81
C TYR B 522 21.40 -6.90 1.73
N PRO B 523 20.80 -7.94 2.28
CA PRO B 523 21.44 -9.27 2.25
C PRO B 523 21.76 -9.76 0.85
N ASN B 524 20.97 -9.39 -0.17
CA ASN B 524 21.21 -9.90 -1.50
C ASN B 524 22.57 -9.48 -2.06
N LYS B 525 23.20 -8.48 -1.46
CA LYS B 525 24.58 -8.14 -1.78
C LYS B 525 25.52 -8.25 -0.59
N VAL B 526 25.06 -7.88 0.61
CA VAL B 526 25.92 -7.95 1.79
C VAL B 526 26.35 -9.38 2.07
N MET B 527 25.43 -10.33 1.93
CA MET B 527 25.79 -11.73 2.15
C MET B 527 26.74 -12.28 1.09
N LYS B 528 26.89 -11.58 -0.05
CA LYS B 528 27.88 -11.99 -1.04
C LYS B 528 29.28 -11.49 -0.72
N ILE B 529 29.43 -10.65 0.30
CA ILE B 529 30.75 -10.15 0.67
C ILE B 529 31.65 -11.31 1.05
N ARG B 530 32.85 -11.33 0.50
CA ARG B 530 33.78 -12.43 0.71
C ARG B 530 34.78 -12.06 1.81
N ILE B 531 35.07 -13.04 2.66
CA ILE B 531 35.93 -12.83 3.83
C ILE B 531 37.05 -13.86 3.81
N PHE B 532 38.10 -13.55 4.55
CA PHE B 532 39.33 -14.34 4.58
C PHE B 532 39.75 -14.58 6.01
N ARG B 533 40.56 -15.62 6.21
CA ARG B 533 41.29 -15.81 7.46
C ARG B 533 42.70 -16.26 7.13
N ASP B 534 43.69 -15.61 7.73
CA ASP B 534 45.09 -15.93 7.48
C ASP B 534 45.88 -15.60 8.74
N ASN B 535 47.21 -15.49 8.59
CA ASN B 535 48.09 -15.29 9.73
C ASN B 535 47.82 -13.98 10.47
N ASN B 536 47.14 -13.03 9.85
CA ASN B 536 46.82 -11.76 10.49
C ASN B 536 45.52 -11.82 11.30
N TYR B 537 44.89 -12.99 11.39
CA TYR B 537 43.60 -13.11 12.06
C TYR B 537 43.67 -12.63 13.50
N GLU B 538 44.67 -13.11 14.25
CA GLU B 538 44.73 -12.79 15.68
C GLU B 538 44.94 -11.29 15.91
N GLU B 539 45.82 -10.66 15.13
CA GLU B 539 46.10 -9.24 15.37
C GLU B 539 44.93 -8.36 14.93
N ILE B 540 44.26 -8.73 13.84
CA ILE B 540 43.07 -7.99 13.41
C ILE B 540 41.98 -8.08 14.47
N GLU B 541 41.73 -9.29 14.97
CA GLU B 541 40.74 -9.48 16.02
C GLU B 541 41.12 -8.71 17.28
N ASN B 542 42.40 -8.75 17.65
CA ASN B 542 42.86 -8.03 18.83
C ASN B 542 42.64 -6.54 18.67
N LEU B 543 42.96 -5.99 17.50
CA LEU B 543 42.75 -4.57 17.25
C LEU B 543 41.26 -4.22 17.32
N SER B 544 40.41 -5.10 16.79
CA SER B 544 38.98 -4.86 16.84
C SER B 544 38.48 -4.83 18.29
N LYS B 545 38.97 -5.75 19.13
CA LYS B 545 38.53 -5.79 20.52
C LYS B 545 38.97 -4.54 21.28
N GLN B 546 40.16 -4.02 20.99
CA GLN B 546 40.60 -2.79 21.64
C GLN B 546 39.71 -1.61 21.26
N ILE B 547 39.30 -1.54 19.98
CA ILE B 547 38.43 -0.47 19.54
C ILE B 547 37.08 -0.55 20.27
N ILE B 548 36.54 -1.77 20.39
CA ILE B 548 35.26 -1.94 21.08
C ILE B 548 35.37 -1.49 22.53
N SER B 549 36.48 -1.84 23.19
CA SER B 549 36.66 -1.44 24.58
C SER B 549 36.71 0.08 24.73
N ILE B 550 37.42 0.76 23.82
CA ILE B 550 37.50 2.22 23.89
C ILE B 550 36.12 2.83 23.64
N LEU B 551 35.39 2.31 22.67
CA LEU B 551 34.07 2.87 22.34
C LEU B 551 33.07 2.69 23.49
N LEU B 552 33.23 1.64 24.28
CA LEU B 552 32.35 1.38 25.41
C LEU B 552 32.81 2.04 26.69
N ASN B 553 33.95 2.72 26.66
CA ASN B 553 34.50 3.33 27.87
C ASN B 553 33.78 4.65 28.17
N LYS B 554 34.01 5.16 29.39
CA LYS B 554 33.39 6.41 29.80
C LYS B 554 33.93 7.60 29.01
N SER B 555 35.25 7.66 28.81
CA SER B 555 35.88 8.66 27.98
C SER B 555 36.37 7.98 26.71
N ILE B 556 35.79 8.38 25.57
CA ILE B 556 36.15 7.80 24.28
C ILE B 556 37.31 8.59 23.70
N ASP B 557 38.43 7.91 23.47
CA ASP B 557 39.60 8.51 22.82
C ASP B 557 39.48 8.26 21.33
N LYS B 558 38.91 9.24 20.62
CA LYS B 558 38.70 9.09 19.18
C LYS B 558 40.03 8.97 18.45
N GLY B 559 41.05 9.70 18.91
CA GLY B 559 42.35 9.62 18.26
C GLY B 559 42.97 8.23 18.35
N LYS B 560 42.80 7.57 19.50
CA LYS B 560 43.34 6.22 19.65
C LYS B 560 42.61 5.21 18.77
N VAL B 561 41.28 5.38 18.64
CA VAL B 561 40.52 4.49 17.75
C VAL B 561 40.98 4.66 16.31
N GLU B 562 41.20 5.91 15.89
CA GLU B 562 41.64 6.16 14.53
C GLU B 562 42.99 5.49 14.24
N LYS B 563 43.93 5.60 15.17
CA LYS B 563 45.23 4.96 14.99
C LYS B 563 45.09 3.44 14.95
N LEU B 564 44.24 2.88 15.81
CA LEU B 564 43.98 1.45 15.76
C LEU B 564 43.31 1.04 14.46
N GLN B 565 42.35 1.86 13.99
CA GLN B 565 41.67 1.55 12.74
C GLN B 565 42.64 1.57 11.56
N ILE B 566 43.52 2.58 11.51
CA ILE B 566 44.51 2.66 10.43
C ILE B 566 45.43 1.45 10.47
N LYS B 567 45.86 1.05 11.68
CA LYS B 567 46.72 -0.12 11.82
C LYS B 567 46.00 -1.38 11.33
N MET B 568 44.70 -1.49 11.60
CA MET B 568 43.94 -2.63 11.11
C MET B 568 43.74 -2.55 9.60
N ASP B 569 43.57 -1.35 9.06
CA ASP B 569 43.39 -1.20 7.63
C ASP B 569 44.60 -1.72 6.86
N ASN B 570 45.80 -1.39 7.34
CA ASN B 570 47.01 -1.84 6.65
C ASN B 570 47.19 -3.36 6.77
N LEU B 571 46.80 -3.96 7.90
CA LEU B 571 46.87 -5.41 8.02
C LEU B 571 45.99 -6.10 6.99
N ILE B 572 44.80 -5.55 6.77
CA ILE B 572 43.90 -6.13 5.77
C ILE B 572 44.42 -5.89 4.36
N MET B 573 45.00 -4.71 4.11
CA MET B 573 45.63 -4.46 2.81
C MET B 573 46.78 -5.43 2.57
N ASP B 574 47.60 -5.67 3.60
CA ASP B 574 48.68 -6.64 3.47
C ASP B 574 48.14 -8.04 3.23
N SER B 575 47.06 -8.41 3.91
CA SER B 575 46.51 -9.76 3.76
C SER B 575 45.94 -9.98 2.36
N LEU B 576 45.30 -8.97 1.79
CA LEU B 576 44.65 -9.09 0.49
C LEU B 576 45.57 -8.73 -0.67
N GLY B 577 46.83 -8.37 -0.39
CA GLY B 577 47.77 -8.06 -1.45
C GLY B 577 47.44 -6.83 -2.25
N ILE B 578 46.98 -5.77 -1.59
CA ILE B 578 46.63 -4.53 -2.27
C ILE B 578 47.43 -3.38 -1.68
N TYR C 31 -20.78 47.45 13.58
CA TYR C 31 -21.08 47.77 12.19
C TYR C 31 -22.59 47.78 11.95
N TYR C 32 -23.12 48.97 11.65
CA TYR C 32 -24.56 49.17 11.50
C TYR C 32 -24.93 49.00 10.02
N THR C 33 -25.64 47.92 9.73
CA THR C 33 -26.14 47.71 8.37
C THR C 33 -27.30 48.67 8.09
N PRO C 34 -27.32 49.35 6.95
CA PRO C 34 -28.40 50.31 6.67
C PRO C 34 -29.78 49.65 6.70
N LYS C 35 -30.78 50.45 7.10
CA LYS C 35 -32.11 49.92 7.35
C LYS C 35 -32.72 49.31 6.09
N ILE C 36 -32.52 49.94 4.94
CA ILE C 36 -33.13 49.41 3.72
C ILE C 36 -32.47 48.11 3.29
N ILE C 37 -31.21 47.90 3.67
CA ILE C 37 -30.53 46.65 3.31
C ILE C 37 -31.13 45.48 4.08
N VAL C 38 -31.31 45.65 5.40
CA VAL C 38 -31.84 44.56 6.21
C VAL C 38 -33.30 44.28 5.86
N ASP C 39 -34.09 45.34 5.63
CA ASP C 39 -35.47 45.14 5.21
C ASP C 39 -35.55 44.36 3.91
N TYR C 40 -34.63 44.64 2.99
CA TYR C 40 -34.60 43.94 1.71
C TYR C 40 -34.19 42.48 1.90
N ILE C 41 -33.22 42.22 2.78
CA ILE C 41 -32.76 40.86 3.00
C ILE C 41 -33.85 40.03 3.69
N VAL C 42 -34.51 40.60 4.69
CA VAL C 42 -35.62 39.90 5.35
C VAL C 42 -36.74 39.64 4.35
N LYS C 43 -37.06 40.65 3.54
CA LYS C 43 -38.11 40.48 2.52
C LYS C 43 -37.72 39.40 1.52
N LYS C 44 -36.45 39.37 1.09
CA LYS C 44 -36.02 38.41 0.09
C LYS C 44 -36.12 36.97 0.57
N THR C 45 -36.23 36.75 1.88
CA THR C 45 -36.34 35.41 2.44
C THR C 45 -37.76 35.02 2.84
N LEU C 46 -38.54 35.97 3.35
CA LEU C 46 -39.86 35.68 3.91
C LEU C 46 -41.00 36.14 3.00
N LYS C 47 -40.71 36.52 1.76
CA LYS C 47 -41.76 37.07 0.89
C LYS C 47 -42.80 36.02 0.53
N ASN C 48 -42.37 34.78 0.30
CA ASN C 48 -43.24 33.73 -0.21
C ASN C 48 -43.48 32.60 0.79
N HIS C 49 -43.30 32.87 2.09
CA HIS C 49 -43.54 31.85 3.09
C HIS C 49 -45.03 31.64 3.30
N ASP C 50 -45.47 30.39 3.24
CA ASP C 50 -46.86 30.04 3.50
C ASP C 50 -47.00 29.73 4.98
N ILE C 51 -47.42 30.73 5.76
CA ILE C 51 -47.54 30.55 7.19
C ILE C 51 -48.65 29.57 7.55
N ILE C 52 -49.64 29.39 6.66
CA ILE C 52 -50.68 28.40 6.92
C ILE C 52 -50.11 26.99 6.79
N LYS C 53 -49.33 26.73 5.73
CA LYS C 53 -48.78 25.40 5.52
C LYS C 53 -47.73 25.05 6.57
N ASN C 54 -46.85 25.99 6.90
CA ASN C 54 -45.81 25.79 7.90
C ASN C 54 -45.86 26.93 8.91
N PRO C 55 -46.67 26.80 9.96
CA PRO C 55 -46.75 27.87 10.96
C PRO C 55 -45.57 27.94 11.91
N TYR C 56 -44.53 27.13 11.72
CA TYR C 56 -43.35 27.12 12.59
C TYR C 56 -42.09 27.24 11.74
N PRO C 57 -41.81 28.42 11.20
CA PRO C 57 -40.57 28.61 10.45
C PRO C 57 -39.39 28.96 11.35
N ARG C 58 -38.22 28.47 10.97
CA ARG C 58 -36.99 28.70 11.73
C ARG C 58 -36.13 29.70 10.96
N ILE C 59 -35.98 30.90 11.53
CA ILE C 59 -35.17 31.96 10.93
C ILE C 59 -33.97 32.21 11.84
N LEU C 60 -32.77 32.16 11.27
CA LEU C 60 -31.53 32.25 12.02
C LEU C 60 -30.69 33.42 11.51
N ASP C 61 -30.15 34.20 12.44
CA ASP C 61 -29.11 35.19 12.15
C ASP C 61 -27.85 34.73 12.88
N ILE C 62 -26.85 34.28 12.11
CA ILE C 62 -25.67 33.66 12.70
C ILE C 62 -24.68 34.67 13.27
N SER C 63 -24.83 35.94 12.93
CA SER C 63 -24.01 37.04 13.46
C SER C 63 -24.91 38.21 13.85
N CYS C 64 -25.96 37.90 14.62
CA CYS C 64 -27.06 38.84 14.83
C CYS C 64 -26.60 40.15 15.45
N GLY C 65 -25.62 40.10 16.34
CA GLY C 65 -25.20 41.31 17.02
C GLY C 65 -26.32 41.88 17.87
N CYS C 66 -26.55 43.19 17.74
CA CYS C 66 -27.64 43.82 18.47
C CYS C 66 -29.01 43.46 17.91
N GLY C 67 -29.08 42.86 16.73
CA GLY C 67 -30.33 42.38 16.19
C GLY C 67 -30.97 43.27 15.16
N ASN C 68 -30.17 43.82 14.24
CA ASN C 68 -30.74 44.62 13.15
C ASN C 68 -31.67 43.78 12.30
N PHE C 69 -31.26 42.55 11.97
CA PHE C 69 -32.09 41.68 11.15
C PHE C 69 -33.17 40.98 11.98
N LEU C 70 -32.83 40.56 13.20
CA LEU C 70 -33.76 39.77 14.01
C LEU C 70 -34.99 40.57 14.39
N LEU C 71 -34.82 41.83 14.77
CA LEU C 71 -35.96 42.67 15.13
C LEU C 71 -36.90 42.87 13.94
N GLU C 72 -36.34 43.07 12.76
CA GLU C 72 -37.16 43.20 11.55
C GLU C 72 -37.89 41.90 11.25
N VAL C 73 -37.24 40.76 11.50
CA VAL C 73 -37.91 39.47 11.32
C VAL C 73 -39.10 39.35 12.27
N TYR C 74 -38.94 39.84 13.50
CA TYR C 74 -40.04 39.81 14.46
C TYR C 74 -41.23 40.62 13.96
N ASP C 75 -40.97 41.82 13.43
CA ASP C 75 -42.06 42.65 12.92
C ASP C 75 -42.75 42.02 11.73
N ILE C 76 -41.98 41.46 10.79
CA ILE C 76 -42.57 40.82 9.62
C ILE C 76 -43.38 39.59 10.03
N LEU C 77 -42.84 38.78 10.94
CA LEU C 77 -43.56 37.60 11.40
C LEU C 77 -44.82 37.98 12.16
N TYR C 78 -44.76 39.06 12.96
CA TYR C 78 -45.92 39.47 13.74
C TYR C 78 -47.09 39.86 12.84
N ASP C 79 -46.81 40.59 11.76
CA ASP C 79 -47.87 40.96 10.82
C ASP C 79 -48.37 39.74 10.05
N LEU C 80 -47.47 38.82 9.71
CA LEU C 80 -47.86 37.64 8.95
C LEU C 80 -48.79 36.75 9.76
N PHE C 81 -48.50 36.57 11.05
CA PHE C 81 -49.38 35.77 11.90
C PHE C 81 -50.74 36.43 12.08
N GLU C 82 -50.75 37.76 12.28
CA GLU C 82 -52.01 38.46 12.51
C GLU C 82 -52.92 38.40 11.29
N GLU C 83 -52.35 38.54 10.09
CA GLU C 83 -53.16 38.52 8.88
C GLU C 83 -53.79 37.17 8.61
N ASN C 84 -53.31 36.10 9.25
CA ASN C 84 -53.85 34.76 9.06
C ASN C 84 -54.25 34.12 10.37
N ILE C 85 -54.64 34.94 11.36
CA ILE C 85 -54.98 34.40 12.67
C ILE C 85 -56.27 33.59 12.61
N TYR C 86 -57.24 34.03 11.80
CA TYR C 86 -58.50 33.31 11.69
C TYR C 86 -58.31 31.94 11.05
N GLU C 87 -57.51 31.86 9.99
CA GLU C 87 -57.25 30.57 9.35
C GLU C 87 -56.39 29.68 10.24
N LEU C 88 -55.54 30.28 11.09
CA LEU C 88 -54.77 29.49 12.04
C LEU C 88 -55.68 28.83 13.06
N LYS C 89 -56.71 29.54 13.51
CA LYS C 89 -57.66 28.94 14.45
C LYS C 89 -58.51 27.85 13.80
N LYS C 90 -58.80 27.99 12.50
CA LYS C 90 -59.64 27.01 11.81
C LYS C 90 -58.84 25.77 11.45
N LYS C 91 -57.69 25.95 10.79
CA LYS C 91 -56.91 24.79 10.32
C LYS C 91 -56.19 24.10 11.46
N TYR C 92 -55.81 24.83 12.49
CA TYR C 92 -55.07 24.29 13.64
C TYR C 92 -55.91 24.47 14.90
N ASP C 93 -55.28 24.21 16.05
CA ASP C 93 -55.95 24.38 17.33
C ASP C 93 -56.46 25.80 17.49
N GLU C 94 -57.78 25.95 17.61
CA GLU C 94 -58.39 27.27 17.69
C GLU C 94 -57.99 28.01 18.97
N ASN C 95 -57.89 27.28 20.08
CA ASN C 95 -57.58 27.92 21.35
C ASN C 95 -56.14 28.41 21.39
N TYR C 96 -55.20 27.63 20.87
CA TYR C 96 -53.79 28.02 20.91
C TYR C 96 -53.51 29.19 19.98
N TRP C 97 -54.09 29.17 18.78
CA TRP C 97 -53.84 30.20 17.78
C TRP C 97 -54.64 31.44 18.14
N THR C 98 -54.05 32.30 18.97
CA THR C 98 -54.67 33.55 19.37
C THR C 98 -53.66 34.68 19.27
N VAL C 99 -54.18 35.90 19.15
CA VAL C 99 -53.31 37.07 18.99
C VAL C 99 -52.48 37.28 20.26
N ASP C 100 -53.05 36.98 21.43
CA ASP C 100 -52.34 37.18 22.68
C ASP C 100 -51.13 36.28 22.82
N ASN C 101 -51.11 35.14 22.13
CA ASN C 101 -50.00 34.19 22.20
C ASN C 101 -49.02 34.33 21.05
N ILE C 102 -49.20 35.32 20.17
CA ILE C 102 -48.32 35.48 19.02
C ILE C 102 -46.91 35.85 19.47
N HIS C 103 -46.82 36.78 20.43
CA HIS C 103 -45.50 37.25 20.87
C HIS C 103 -44.68 36.12 21.48
N ARG C 104 -45.29 35.28 22.31
CA ARG C 104 -44.57 34.15 22.89
C ARG C 104 -44.21 33.12 21.84
N HIS C 105 -45.10 32.90 20.88
CA HIS C 105 -44.87 31.88 19.85
C HIS C 105 -43.67 32.24 18.98
N ILE C 106 -43.54 33.51 18.60
CA ILE C 106 -42.44 33.93 17.73
C ILE C 106 -41.11 33.73 18.43
N LEU C 107 -41.02 34.13 19.70
CA LEU C 107 -39.76 34.01 20.42
C LEU C 107 -39.41 32.56 20.73
N ASN C 108 -40.42 31.72 20.98
CA ASN C 108 -40.16 30.36 21.41
C ASN C 108 -39.82 29.42 20.26
N TYR C 109 -40.42 29.62 19.09
CA TYR C 109 -40.31 28.64 18.00
C TYR C 109 -39.72 29.17 16.70
N CYS C 110 -39.57 30.49 16.53
CA CYS C 110 -39.25 31.06 15.23
C CYS C 110 -37.88 31.72 15.16
N ILE C 111 -37.54 32.56 16.14
CA ILE C 111 -36.35 33.39 16.05
C ILE C 111 -35.16 32.66 16.66
N TYR C 112 -34.05 32.62 15.91
CA TYR C 112 -32.79 32.07 16.38
C TYR C 112 -31.66 33.04 16.06
N GLY C 113 -30.75 33.23 17.00
CA GLY C 113 -29.65 34.15 16.81
C GLY C 113 -28.43 33.71 17.58
N ALA C 114 -27.26 34.06 17.05
CA ALA C 114 -25.98 33.70 17.67
C ALA C 114 -24.97 34.81 17.44
N ASP C 115 -24.13 35.03 18.44
CA ASP C 115 -23.06 36.03 18.35
C ASP C 115 -22.09 35.82 19.50
N ILE C 116 -20.82 36.14 19.26
CA ILE C 116 -19.79 35.94 20.28
C ILE C 116 -19.81 37.02 21.35
N ASP C 117 -20.38 38.20 21.06
CA ASP C 117 -20.38 39.29 22.02
C ASP C 117 -21.52 39.10 23.01
N GLU C 118 -21.17 38.92 24.29
CA GLU C 118 -22.19 38.75 25.33
C GLU C 118 -23.03 40.01 25.50
N LYS C 119 -22.39 41.19 25.41
CA LYS C 119 -23.13 42.43 25.54
C LYS C 119 -24.14 42.61 24.42
N ALA C 120 -23.75 42.27 23.19
CA ALA C 120 -24.66 42.39 22.05
C ALA C 120 -25.85 41.43 22.19
N ILE C 121 -25.60 40.20 22.64
CA ILE C 121 -26.69 39.25 22.85
C ILE C 121 -27.62 39.74 23.94
N SER C 122 -27.06 40.35 25.00
CA SER C 122 -27.90 40.89 26.07
C SER C 122 -28.78 42.01 25.56
N ILE C 123 -28.25 42.90 24.72
CA ILE C 123 -29.05 44.00 24.18
C ILE C 123 -30.17 43.47 23.31
N LEU C 124 -29.88 42.48 22.46
CA LEU C 124 -30.92 41.89 21.62
C LEU C 124 -31.98 41.19 22.46
N LYS C 125 -31.56 40.49 23.51
CA LYS C 125 -32.52 39.81 24.38
C LYS C 125 -33.46 40.81 25.05
N ASP C 126 -32.90 41.93 25.53
CA ASP C 126 -33.74 42.97 26.13
C ASP C 126 -34.68 43.59 25.10
N SER C 127 -34.17 43.84 23.89
CA SER C 127 -35.00 44.45 22.85
C SER C 127 -36.13 43.50 22.42
N LEU C 128 -35.83 42.20 22.31
CA LEU C 128 -36.87 41.24 21.95
C LEU C 128 -37.91 41.12 23.05
N THR C 129 -37.49 41.19 24.31
CA THR C 129 -38.44 41.14 25.42
C THR C 129 -39.36 42.35 25.41
N ASN C 130 -38.83 43.52 25.06
CA ASN C 130 -39.63 44.75 25.01
C ASN C 130 -40.52 44.84 23.78
N LYS C 131 -40.38 43.92 22.83
CA LYS C 131 -41.19 43.95 21.62
C LYS C 131 -42.49 43.17 21.80
N ILE C 142 -41.36 33.11 28.13
CA ILE C 142 -40.89 32.58 26.85
C ILE C 142 -39.37 32.48 26.85
N LYS C 143 -38.85 31.46 26.18
CA LYS C 143 -37.42 31.23 26.08
C LYS C 143 -36.94 31.70 24.71
N ILE C 144 -36.10 32.73 24.69
CA ILE C 144 -35.54 33.25 23.46
C ILE C 144 -34.34 32.41 23.05
N ASN C 145 -34.34 31.93 21.80
CA ASN C 145 -33.31 31.03 21.32
C ASN C 145 -32.09 31.82 20.84
N LEU C 146 -31.44 32.47 21.81
CA LEU C 146 -30.21 33.21 21.58
C LEU C 146 -29.05 32.48 22.22
N PHE C 147 -28.01 32.21 21.44
CA PHE C 147 -26.83 31.49 21.90
C PHE C 147 -25.60 32.39 21.77
N CYS C 148 -24.86 32.55 22.85
CA CYS C 148 -23.64 33.35 22.86
C CYS C 148 -22.45 32.39 22.74
N CYS C 149 -21.97 32.20 21.51
CA CYS C 149 -20.91 31.25 21.24
C CYS C 149 -20.28 31.60 19.90
N ASP C 150 -19.27 30.82 19.52
CA ASP C 150 -18.67 30.92 18.20
C ASP C 150 -19.55 30.17 17.21
N SER C 151 -20.16 30.91 16.27
CA SER C 151 -21.09 30.31 15.34
C SER C 151 -20.42 29.31 14.40
N LEU C 152 -19.12 29.45 14.17
CA LEU C 152 -18.41 28.49 13.33
C LEU C 152 -18.05 27.21 14.07
N LYS C 153 -18.26 27.17 15.39
CA LYS C 153 -17.96 25.98 16.19
C LYS C 153 -19.19 25.35 16.83
N LYS C 154 -20.29 26.08 16.95
CA LYS C 154 -21.48 25.53 17.59
C LYS C 154 -22.08 24.41 16.75
N LYS C 155 -22.40 23.29 17.39
CA LYS C 155 -23.01 22.15 16.72
C LYS C 155 -24.52 22.32 16.74
N TRP C 156 -25.12 22.48 15.58
CA TRP C 156 -26.56 22.66 15.47
C TRP C 156 -27.25 21.31 15.35
N ARG C 157 -28.25 21.08 16.21
CA ARG C 157 -28.99 19.83 16.20
C ARG C 157 -30.13 19.83 15.19
N TYR C 158 -30.41 20.95 14.54
CA TYR C 158 -31.50 21.04 13.58
C TYR C 158 -31.17 22.08 12.52
N LYS C 159 -31.77 21.92 11.35
CA LYS C 159 -31.59 22.84 10.24
C LYS C 159 -32.49 24.06 10.42
N PHE C 160 -32.42 24.99 9.46
CA PHE C 160 -33.20 26.22 9.52
C PHE C 160 -33.87 26.49 8.18
N ASP C 161 -35.07 27.05 8.24
CA ASP C 161 -35.81 27.37 7.03
C ASP C 161 -35.24 28.61 6.33
N TYR C 162 -34.86 29.62 7.10
CA TYR C 162 -34.36 30.87 6.53
C TYR C 162 -33.16 31.36 7.33
N ILE C 163 -32.17 31.89 6.63
CA ILE C 163 -30.97 32.44 7.25
C ILE C 163 -30.71 33.83 6.67
N VAL C 164 -30.54 34.81 7.55
CA VAL C 164 -30.25 36.19 7.16
C VAL C 164 -29.09 36.69 8.01
N GLY C 165 -28.53 37.83 7.60
CA GLY C 165 -27.53 38.49 8.43
C GLY C 165 -26.33 39.06 7.71
N ASN C 166 -25.45 39.69 8.48
CA ASN C 166 -24.22 40.31 7.97
C ASN C 166 -23.03 39.70 8.69
N PRO C 167 -22.36 38.71 8.11
CA PRO C 167 -21.26 38.03 8.83
C PRO C 167 -20.07 38.95 9.01
N PRO C 168 -19.16 38.61 9.93
CA PRO C 168 -17.95 39.42 10.10
C PRO C 168 -16.97 39.23 8.96
N TYR C 169 -16.24 40.29 8.62
CA TYR C 169 -15.20 40.26 7.60
C TYR C 169 -13.86 40.47 8.30
N ILE C 170 -13.01 39.45 8.29
CA ILE C 170 -11.65 39.55 8.83
C ILE C 170 -10.68 38.93 7.84
N GLY C 171 -9.65 39.69 7.47
CA GLY C 171 -8.66 39.25 6.52
C GLY C 171 -7.57 38.41 7.16
N HIS C 172 -6.57 38.07 6.35
CA HIS C 172 -5.51 37.18 6.82
C HIS C 172 -4.57 37.87 7.80
N LYS C 173 -4.43 39.19 7.71
CA LYS C 173 -3.57 39.91 8.64
C LYS C 173 -4.20 40.03 10.03
N LYS C 174 -5.50 40.30 10.08
CA LYS C 174 -6.18 40.61 11.33
C LYS C 174 -6.73 39.37 12.03
N LEU C 175 -6.50 38.17 11.49
CA LEU C 175 -6.93 36.94 12.12
C LEU C 175 -5.81 36.37 12.99
N GLU C 176 -6.17 35.91 14.18
CA GLU C 176 -5.21 35.25 15.05
C GLU C 176 -4.72 33.95 14.43
N LYS C 177 -3.42 33.68 14.60
CA LYS C 177 -2.83 32.49 13.98
C LYS C 177 -3.45 31.21 14.53
N LYS C 178 -3.77 31.18 15.82
CA LYS C 178 -4.40 29.99 16.40
C LYS C 178 -5.75 29.73 15.78
N TYR C 179 -6.56 30.78 15.58
CA TYR C 179 -7.88 30.60 14.99
C TYR C 179 -7.78 30.18 13.53
N LYS C 180 -6.78 30.69 12.80
CA LYS C 180 -6.62 30.31 11.40
C LYS C 180 -6.28 28.83 11.26
N LYS C 181 -5.57 28.26 12.24
CA LYS C 181 -5.30 26.83 12.21
C LYS C 181 -6.61 26.03 12.26
N PHE C 182 -7.55 26.47 13.09
CA PHE C 182 -8.87 25.83 13.12
C PHE C 182 -9.59 26.00 11.79
N LEU C 183 -9.54 27.19 11.20
CA LEU C 183 -10.21 27.43 9.93
C LEU C 183 -9.59 26.60 8.81
N LEU C 184 -8.26 26.51 8.77
CA LEU C 184 -7.59 25.73 7.73
C LEU C 184 -7.86 24.23 7.87
N GLU C 185 -8.32 23.78 9.05
CA GLU C 185 -8.59 22.37 9.27
C GLU C 185 -10.03 22.00 8.95
N LYS C 186 -11.00 22.71 9.54
CA LYS C 186 -12.41 22.34 9.43
C LYS C 186 -13.13 23.04 8.28
N TYR C 187 -12.55 24.10 7.72
CA TYR C 187 -13.20 24.85 6.65
C TYR C 187 -12.32 24.94 5.40
N SER C 188 -11.50 23.91 5.17
CA SER C 188 -10.56 23.95 4.05
C SER C 188 -11.26 23.98 2.70
N GLU C 189 -12.53 23.61 2.63
CA GLU C 189 -13.24 23.62 1.36
C GLU C 189 -13.42 25.03 0.83
N VAL C 190 -13.43 26.03 1.70
CA VAL C 190 -13.57 27.42 1.26
C VAL C 190 -12.47 28.33 1.77
N TYR C 191 -11.76 27.97 2.85
CA TYR C 191 -10.77 28.85 3.47
C TYR C 191 -9.38 28.26 3.27
N LYS C 192 -8.57 28.91 2.44
CA LYS C 192 -7.17 28.55 2.26
C LYS C 192 -6.38 29.81 1.92
N ASP C 193 -5.09 29.77 2.23
CA ASP C 193 -4.15 30.84 1.90
C ASP C 193 -4.62 32.19 2.41
N LYS C 194 -4.88 33.13 1.50
CA LYS C 194 -5.25 34.50 1.86
C LYS C 194 -6.76 34.72 1.90
N ALA C 195 -7.54 33.68 2.18
CA ALA C 195 -8.99 33.80 2.19
C ALA C 195 -9.44 34.66 3.37
N ASP C 196 -10.75 34.90 3.44
CA ASP C 196 -11.34 35.76 4.45
C ASP C 196 -12.27 34.94 5.34
N LEU C 197 -12.56 35.51 6.52
CA LEU C 197 -13.41 34.81 7.48
C LEU C 197 -14.82 34.59 6.94
N TYR C 198 -15.35 35.56 6.21
CA TYR C 198 -16.73 35.42 5.70
C TYR C 198 -16.85 34.31 4.67
N PHE C 199 -15.73 33.78 4.15
CA PHE C 199 -15.81 32.58 3.33
C PHE C 199 -16.38 31.42 4.13
N CYS C 200 -15.95 31.28 5.37
CA CYS C 200 -16.41 30.17 6.21
C CYS C 200 -17.86 30.35 6.61
N PHE C 201 -18.30 31.59 6.84
CA PHE C 201 -19.69 31.84 7.19
C PHE C 201 -20.63 31.48 6.05
N TYR C 202 -20.20 31.68 4.80
CA TYR C 202 -20.99 31.21 3.66
C TYR C 202 -21.17 29.70 3.74
N LYS C 203 -20.08 28.97 3.99
CA LYS C 203 -20.16 27.51 4.07
C LYS C 203 -21.03 27.07 5.24
N LYS C 204 -20.88 27.73 6.39
CA LYS C 204 -21.68 27.37 7.56
C LYS C 204 -23.16 27.62 7.32
N ILE C 205 -23.50 28.75 6.70
CA ILE C 205 -24.89 29.08 6.42
C ILE C 205 -25.48 28.08 5.43
N ILE C 206 -24.73 27.73 4.38
CA ILE C 206 -25.23 26.78 3.39
C ILE C 206 -25.45 25.41 4.02
N ASP C 207 -24.52 24.99 4.89
CA ASP C 207 -24.60 23.65 5.47
C ASP C 207 -25.84 23.48 6.36
N ILE C 208 -26.17 24.49 7.16
CA ILE C 208 -27.24 24.36 8.14
C ILE C 208 -28.55 24.92 7.59
N LEU C 209 -28.63 25.08 6.27
CA LEU C 209 -29.85 25.53 5.62
C LEU C 209 -30.68 24.31 5.23
N LYS C 210 -31.93 24.26 5.71
CA LYS C 210 -32.81 23.14 5.41
C LYS C 210 -33.16 23.10 3.94
N GLN C 211 -33.43 21.89 3.44
CA GLN C 211 -33.80 21.72 2.04
C GLN C 211 -35.07 22.49 1.72
N GLY C 212 -35.03 23.22 0.61
CA GLY C 212 -36.11 24.14 0.28
C GLY C 212 -36.03 25.48 0.97
N GLY C 213 -35.02 25.69 1.83
CA GLY C 213 -34.89 26.95 2.52
C GLY C 213 -34.28 28.04 1.67
N ILE C 214 -34.27 29.25 2.22
CA ILE C 214 -33.80 30.44 1.51
C ILE C 214 -32.79 31.16 2.39
N GLY C 215 -31.68 31.57 1.81
CA GLY C 215 -30.68 32.34 2.52
C GLY C 215 -30.36 33.63 1.79
N SER C 216 -30.13 34.69 2.57
CA SER C 216 -29.80 36.00 2.00
C SER C 216 -28.89 36.74 2.97
N VAL C 217 -27.71 37.14 2.49
CA VAL C 217 -26.73 37.83 3.31
C VAL C 217 -26.09 38.95 2.49
N ILE C 218 -25.48 39.90 3.20
CA ILE C 218 -24.66 40.93 2.60
C ILE C 218 -23.23 40.72 3.07
N THR C 219 -22.32 40.56 2.11
CA THR C 219 -20.91 40.27 2.35
C THR C 219 -20.08 41.16 1.44
N PRO C 220 -18.76 41.17 1.61
CA PRO C 220 -17.92 41.86 0.63
C PRO C 220 -18.05 41.22 -0.75
N ARG C 221 -17.90 42.04 -1.78
CA ARG C 221 -18.07 41.60 -3.15
C ARG C 221 -16.82 40.93 -3.73
N TYR C 222 -15.70 40.94 -3.01
CA TYR C 222 -14.42 40.58 -3.61
C TYR C 222 -14.36 39.10 -4.00
N PHE C 223 -15.05 38.22 -3.27
CA PHE C 223 -14.99 36.80 -3.59
C PHE C 223 -15.56 36.49 -4.97
N LEU C 224 -16.34 37.41 -5.55
CA LEU C 224 -16.89 37.19 -6.88
C LEU C 224 -15.81 37.11 -7.95
N GLU C 225 -14.67 37.78 -7.73
CA GLU C 225 -13.60 37.81 -8.72
C GLU C 225 -12.23 37.43 -8.17
N SER C 226 -12.04 37.42 -6.85
CA SER C 226 -10.70 37.23 -6.29
C SER C 226 -10.22 35.80 -6.47
N LEU C 227 -8.90 35.66 -6.52
CA LEU C 227 -8.29 34.33 -6.61
C LEU C 227 -8.61 33.48 -5.39
N SER C 228 -8.60 34.10 -4.20
CA SER C 228 -8.88 33.36 -2.98
C SER C 228 -10.31 32.83 -2.93
N GLY C 229 -11.23 33.43 -3.68
CA GLY C 229 -12.61 33.03 -3.66
C GLY C 229 -13.00 31.91 -4.61
N LYS C 230 -12.03 31.32 -5.32
CA LYS C 230 -12.36 30.28 -6.29
C LYS C 230 -13.03 29.09 -5.63
N ASP C 231 -12.47 28.63 -4.50
CA ASP C 231 -13.07 27.50 -3.80
C ASP C 231 -14.45 27.85 -3.26
N LEU C 232 -14.61 29.07 -2.75
CA LEU C 232 -15.92 29.50 -2.24
C LEU C 232 -16.97 29.53 -3.35
N ARG C 233 -16.58 30.05 -4.52
CA ARG C 233 -17.53 30.11 -5.64
C ARG C 233 -17.96 28.72 -6.07
N GLU C 234 -17.03 27.77 -6.11
CA GLU C 234 -17.39 26.40 -6.45
C GLU C 234 -18.33 25.80 -5.41
N TYR C 235 -18.08 26.07 -4.12
CA TYR C 235 -18.94 25.55 -3.07
C TYR C 235 -20.35 26.13 -3.17
N ILE C 236 -20.45 27.44 -3.41
CA ILE C 236 -21.76 28.08 -3.57
C ILE C 236 -22.46 27.54 -4.81
N LYS C 237 -21.73 27.42 -5.92
CA LYS C 237 -22.32 27.00 -7.18
C LYS C 237 -22.89 25.59 -7.10
N SER C 238 -22.20 24.69 -6.41
CA SER C 238 -22.55 23.27 -6.42
C SER C 238 -23.48 22.86 -5.29
N ASN C 239 -23.83 23.76 -4.38
CA ASN C 239 -24.64 23.40 -3.22
C ASN C 239 -25.96 24.14 -3.11
N VAL C 240 -26.10 25.34 -3.68
CA VAL C 240 -27.34 26.09 -3.63
C VAL C 240 -27.63 26.68 -5.00
N ASN C 241 -28.90 27.04 -5.20
CA ASN C 241 -29.31 27.78 -6.39
C ASN C 241 -29.25 29.27 -6.08
N VAL C 242 -28.45 30.00 -6.85
CA VAL C 242 -28.27 31.43 -6.63
C VAL C 242 -29.42 32.16 -7.31
N GLN C 243 -30.34 32.71 -6.51
CA GLN C 243 -31.47 33.44 -7.06
C GLN C 243 -31.04 34.79 -7.62
N GLU C 244 -30.26 35.55 -6.84
CA GLU C 244 -30.04 36.95 -7.14
C GLU C 244 -28.72 37.41 -6.55
N ILE C 245 -28.00 38.25 -7.31
CA ILE C 245 -26.78 38.91 -6.85
C ILE C 245 -26.96 40.40 -7.06
N VAL C 246 -26.82 41.18 -5.98
CA VAL C 246 -26.88 42.63 -6.04
C VAL C 246 -25.48 43.15 -5.79
N ASP C 247 -24.82 43.61 -6.84
CA ASP C 247 -23.42 44.03 -6.78
C ASP C 247 -23.36 45.57 -6.76
N PHE C 248 -22.95 46.12 -5.62
CA PHE C 248 -22.82 47.56 -5.46
C PHE C 248 -21.49 48.11 -5.95
N LEU C 249 -20.58 47.24 -6.40
CA LEU C 249 -19.26 47.63 -6.93
C LEU C 249 -18.57 48.50 -5.87
N GLY C 250 -18.00 49.64 -6.24
CA GLY C 250 -17.23 50.46 -5.31
C GLY C 250 -18.04 51.42 -4.47
N ALA C 251 -19.37 51.37 -4.53
CA ALA C 251 -20.19 52.28 -3.75
C ALA C 251 -20.04 52.01 -2.26
N ASN C 252 -20.26 53.06 -1.46
CA ASN C 252 -20.14 52.97 0.00
C ASN C 252 -21.51 52.66 0.58
N ILE C 253 -21.71 51.41 0.97
CA ILE C 253 -22.96 51.01 1.63
C ILE C 253 -22.89 51.26 3.13
N PHE C 254 -21.74 50.98 3.75
CA PHE C 254 -21.54 51.21 5.18
C PHE C 254 -20.78 52.52 5.36
N LYS C 255 -21.33 53.41 6.17
CA LYS C 255 -20.74 54.73 6.38
C LYS C 255 -19.41 54.61 7.11
N ASN C 256 -18.41 55.34 6.61
CA ASN C 256 -17.07 55.40 7.21
C ASN C 256 -16.40 54.02 7.28
N ILE C 257 -16.78 53.12 6.39
CA ILE C 257 -16.19 51.78 6.30
C ILE C 257 -15.69 51.58 4.89
N GLY C 258 -14.42 51.19 4.76
CA GLY C 258 -13.82 50.99 3.46
C GLY C 258 -14.02 49.59 2.91
N VAL C 259 -15.27 49.19 2.71
CA VAL C 259 -15.60 47.88 2.17
C VAL C 259 -16.61 48.05 1.04
N SER C 260 -16.53 47.16 0.06
CA SER C 260 -17.46 47.12 -1.06
C SER C 260 -18.30 45.85 -0.94
N SER C 261 -19.62 46.02 -0.94
CA SER C 261 -20.53 44.97 -0.51
C SER C 261 -21.33 44.41 -1.68
N CYS C 262 -21.96 43.26 -1.42
CA CYS C 262 -22.90 42.65 -2.33
C CYS C 262 -23.91 41.86 -1.53
N ILE C 263 -25.09 41.65 -2.11
CA ILE C 263 -26.17 40.91 -1.47
C ILE C 263 -26.42 39.64 -2.27
N LEU C 264 -26.30 38.49 -1.61
CA LEU C 264 -26.44 37.20 -2.25
C LEU C 264 -27.66 36.48 -1.69
N THR C 265 -28.57 36.10 -2.56
CA THR C 265 -29.76 35.35 -2.18
C THR C 265 -29.73 33.99 -2.86
N PHE C 266 -29.92 32.93 -2.09
CA PHE C 266 -29.78 31.57 -2.60
C PHE C 266 -30.78 30.67 -1.89
N ASP C 267 -31.06 29.52 -2.51
CA ASP C 267 -32.01 28.56 -1.97
C ASP C 267 -31.53 27.14 -2.23
N LYS C 268 -32.11 26.21 -1.49
CA LYS C 268 -31.90 24.78 -1.70
C LYS C 268 -33.18 24.10 -2.22
N LYS C 269 -33.92 24.81 -3.06
CA LYS C 269 -35.16 24.29 -3.61
C LYS C 269 -34.87 23.37 -4.80
N LYS C 270 -35.93 22.77 -5.34
CA LYS C 270 -35.79 21.95 -6.53
C LYS C 270 -35.31 22.82 -7.69
N THR C 271 -34.29 22.32 -8.39
CA THR C 271 -33.67 23.10 -9.46
C THR C 271 -34.64 23.30 -10.62
N LYS C 272 -34.51 24.45 -11.27
CA LYS C 272 -35.42 24.87 -12.33
C LYS C 272 -34.55 25.51 -13.42
N GLU C 273 -35.18 26.29 -14.31
CA GLU C 273 -34.42 27.04 -15.30
C GLU C 273 -33.29 27.82 -14.64
N THR C 274 -33.56 28.40 -13.47
CA THR C 274 -32.54 28.89 -12.55
C THR C 274 -31.60 29.89 -13.22
N TYR C 275 -32.18 30.99 -13.68
CA TYR C 275 -31.39 32.12 -14.18
C TYR C 275 -31.13 33.08 -13.02
N ILE C 276 -29.87 33.43 -12.83
CA ILE C 276 -29.49 34.30 -11.73
C ILE C 276 -29.79 35.75 -12.11
N ASP C 277 -30.55 36.43 -11.24
CA ASP C 277 -30.84 37.85 -11.44
C ASP C 277 -29.66 38.66 -10.90
N VAL C 278 -28.91 39.31 -11.79
CA VAL C 278 -27.72 40.05 -11.42
C VAL C 278 -28.02 41.53 -11.56
N PHE C 279 -27.82 42.28 -10.47
CA PHE C 279 -27.97 43.73 -10.46
C PHE C 279 -26.60 44.36 -10.23
N LYS C 280 -26.08 45.03 -11.26
CA LYS C 280 -24.83 45.77 -11.18
C LYS C 280 -25.15 47.26 -11.14
N ILE C 281 -24.64 47.96 -10.12
CA ILE C 281 -24.87 49.40 -10.03
C ILE C 281 -24.14 50.08 -11.18
N LYS C 282 -24.75 51.14 -11.72
CA LYS C 282 -24.16 51.87 -12.83
C LYS C 282 -23.49 53.16 -12.41
N ASN C 283 -23.99 53.83 -11.37
CA ASN C 283 -23.37 55.01 -10.80
C ASN C 283 -22.98 54.71 -9.37
N GLU C 284 -21.67 54.72 -9.09
CA GLU C 284 -21.17 54.39 -7.76
C GLU C 284 -21.29 55.54 -6.77
N ASP C 285 -21.63 56.75 -7.23
CA ASP C 285 -21.64 57.93 -6.38
C ASP C 285 -22.94 58.10 -5.60
N ILE C 286 -23.92 57.22 -5.78
CA ILE C 286 -25.21 57.39 -5.14
C ILE C 286 -25.10 57.19 -3.63
N CYS C 287 -25.91 57.91 -2.88
CA CYS C 287 -26.01 57.76 -1.43
C CYS C 287 -27.19 56.85 -1.12
N ILE C 288 -26.91 55.75 -0.42
CA ILE C 288 -27.93 54.73 -0.20
C ILE C 288 -29.05 55.21 0.73
N ASN C 289 -28.78 56.22 1.56
CA ASN C 289 -29.75 56.68 2.54
C ASN C 289 -30.78 57.64 1.96
N LYS C 290 -30.67 58.01 0.68
CA LYS C 290 -31.58 58.94 0.05
C LYS C 290 -32.83 58.28 -0.50
N PHE C 291 -32.93 56.95 -0.43
CA PHE C 291 -34.03 56.22 -1.03
C PHE C 291 -34.79 55.43 0.03
N GLU C 292 -36.11 55.34 -0.16
CA GLU C 292 -36.97 54.71 0.84
C GLU C 292 -36.80 53.20 0.86
N THR C 293 -36.65 52.58 -0.30
CA THR C 293 -36.49 51.14 -0.41
C THR C 293 -35.39 50.80 -1.39
N LEU C 294 -34.81 49.61 -1.25
CA LEU C 294 -33.81 49.16 -2.20
C LEU C 294 -34.43 48.79 -3.54
N GLU C 295 -35.70 48.34 -3.53
CA GLU C 295 -36.36 48.02 -4.78
C GLU C 295 -36.52 49.25 -5.66
N GLU C 296 -36.59 50.43 -5.07
CA GLU C 296 -36.62 51.66 -5.85
C GLU C 296 -35.34 51.81 -6.68
N LEU C 297 -34.19 51.52 -6.08
CA LEU C 297 -32.92 51.62 -6.80
C LEU C 297 -32.79 50.51 -7.84
N LEU C 298 -33.14 49.27 -7.47
CA LEU C 298 -32.96 48.15 -8.38
C LEU C 298 -33.83 48.29 -9.62
N LYS C 299 -35.07 48.73 -9.45
CA LYS C 299 -36.00 48.85 -10.57
C LYS C 299 -35.81 50.13 -11.36
N SER C 300 -34.77 50.91 -11.07
CA SER C 300 -34.54 52.20 -11.70
C SER C 300 -33.39 52.10 -12.70
N SER C 301 -33.05 53.26 -13.28
CA SER C 301 -31.95 53.36 -14.23
C SER C 301 -30.58 53.30 -13.56
N LYS C 302 -30.53 53.40 -12.23
CA LYS C 302 -29.25 53.38 -11.53
C LYS C 302 -28.64 51.99 -11.48
N PHE C 303 -29.39 50.94 -11.82
CA PHE C 303 -28.91 49.57 -11.78
C PHE C 303 -29.16 48.90 -13.13
N GLU C 304 -28.20 48.08 -13.55
CA GLU C 304 -28.33 47.26 -14.74
C GLU C 304 -28.69 45.84 -14.32
N HIS C 305 -29.60 45.22 -15.07
CA HIS C 305 -30.03 43.86 -14.80
C HIS C 305 -29.75 42.97 -16.01
N PHE C 306 -29.34 41.73 -15.72
CA PHE C 306 -29.19 40.71 -16.75
C PHE C 306 -29.23 39.36 -16.06
N ASN C 307 -29.47 38.31 -16.87
CA ASN C 307 -29.59 36.95 -16.36
C ASN C 307 -28.33 36.16 -16.68
N ILE C 308 -27.93 35.30 -15.75
CA ILE C 308 -26.77 34.44 -15.90
C ILE C 308 -27.23 33.01 -15.63
N ASN C 309 -26.89 32.11 -16.54
CA ASN C 309 -27.20 30.69 -16.36
C ASN C 309 -26.19 30.10 -15.37
N GLN C 310 -26.68 29.65 -14.22
CA GLN C 310 -25.79 29.13 -13.19
C GLN C 310 -25.06 27.88 -13.66
N ARG C 311 -25.70 27.07 -14.52
CA ARG C 311 -25.05 25.87 -15.04
C ARG C 311 -23.87 26.19 -15.93
N LEU C 312 -23.82 27.38 -16.51
CA LEU C 312 -22.75 27.77 -17.42
C LEU C 312 -21.58 28.44 -16.73
N LEU C 313 -21.64 28.62 -15.42
CA LEU C 313 -20.55 29.26 -14.69
C LEU C 313 -19.33 28.35 -14.63
N SER C 314 -18.17 28.90 -14.93
CA SER C 314 -16.91 28.20 -14.78
C SER C 314 -16.34 28.48 -13.38
N ASP C 315 -15.06 28.17 -13.17
CA ASP C 315 -14.41 28.55 -11.92
C ASP C 315 -14.41 30.06 -11.71
N GLU C 316 -14.53 30.83 -12.79
CA GLU C 316 -14.69 32.28 -12.71
C GLU C 316 -16.11 32.65 -13.11
N TRP C 317 -16.71 33.56 -12.35
CA TRP C 317 -18.09 33.99 -12.57
C TRP C 317 -18.06 35.27 -13.41
N ILE C 318 -18.24 35.13 -14.72
CA ILE C 318 -18.24 36.26 -15.64
C ILE C 318 -19.67 36.81 -15.64
N LEU C 319 -19.92 37.76 -14.74
CA LEU C 319 -21.25 38.36 -14.59
C LEU C 319 -21.30 39.64 -15.42
N VAL C 320 -21.50 39.46 -16.73
CA VAL C 320 -21.63 40.56 -17.67
C VAL C 320 -22.81 40.28 -18.58
N ASN C 321 -23.24 41.32 -19.29
CA ASN C 321 -24.31 41.18 -20.27
C ASN C 321 -23.81 40.48 -21.52
N LYS C 322 -24.73 40.20 -22.45
CA LYS C 322 -24.38 39.41 -23.63
C LYS C 322 -23.39 40.16 -24.54
N ASP C 323 -23.52 41.49 -24.62
CA ASP C 323 -22.61 42.26 -25.47
C ASP C 323 -21.18 42.17 -24.96
N ASP C 324 -20.98 42.31 -23.65
CA ASP C 324 -19.65 42.15 -23.08
C ASP C 324 -19.16 40.72 -23.22
N GLU C 325 -20.05 39.73 -23.04
CA GLU C 325 -19.68 38.33 -23.17
C GLU C 325 -19.18 38.03 -24.58
N THR C 326 -19.87 38.52 -25.60
CA THR C 326 -19.39 38.36 -26.97
C THR C 326 -18.09 39.12 -27.18
N PHE C 327 -17.98 40.33 -26.63
CA PHE C 327 -16.75 41.11 -26.74
C PHE C 327 -15.60 40.37 -26.06
N TYR C 328 -15.84 39.85 -24.85
CA TYR C 328 -14.80 39.14 -24.12
C TYR C 328 -14.37 37.87 -24.85
N ASN C 329 -15.34 37.11 -25.37
CA ASN C 329 -15.01 35.85 -26.03
C ASN C 329 -14.29 36.05 -27.35
N LYS C 330 -14.60 37.13 -28.07
CA LYS C 330 -13.90 37.40 -29.33
C LYS C 330 -12.42 37.63 -29.10
N ILE C 331 -12.07 38.43 -28.08
CA ILE C 331 -10.67 38.72 -27.81
C ILE C 331 -9.93 37.47 -27.34
N GLN C 332 -10.57 36.66 -26.50
CA GLN C 332 -9.94 35.44 -26.01
C GLN C 332 -9.62 34.48 -27.16
N GLU C 333 -10.54 34.33 -28.11
CA GLU C 333 -10.33 33.38 -29.20
C GLU C 333 -9.31 33.91 -30.20
N LYS C 334 -9.35 35.21 -30.50
CA LYS C 334 -8.47 35.78 -31.52
C LYS C 334 -7.01 35.73 -31.09
N CYS C 335 -6.74 35.99 -29.81
CA CYS C 335 -5.36 36.08 -29.34
C CYS C 335 -4.76 34.70 -29.13
N LYS C 336 -3.51 34.54 -29.55
CA LYS C 336 -2.79 33.28 -29.41
C LYS C 336 -1.79 33.29 -28.27
N TYR C 337 -1.52 34.44 -27.67
CA TYR C 337 -0.54 34.59 -26.61
C TYR C 337 -1.21 35.16 -25.36
N SER C 338 -0.48 35.09 -24.25
CA SER C 338 -0.85 35.78 -23.03
C SER C 338 0.42 36.41 -22.45
N LEU C 339 0.22 37.42 -21.59
CA LEU C 339 1.36 38.09 -20.96
C LEU C 339 2.20 37.11 -20.14
N GLU C 340 1.55 36.11 -19.53
CA GLU C 340 2.31 35.13 -18.76
C GLU C 340 3.23 34.30 -19.65
N ASP C 341 2.82 34.03 -20.89
CA ASP C 341 3.66 33.25 -21.80
C ASP C 341 4.92 34.00 -22.18
N ILE C 342 4.82 35.31 -22.38
CA ILE C 342 5.90 36.08 -23.01
C ILE C 342 6.69 36.93 -22.03
N ALA C 343 6.27 37.03 -20.77
CA ALA C 343 6.89 37.97 -19.85
C ALA C 343 7.17 37.32 -18.50
N ILE C 344 8.13 37.89 -17.78
CA ILE C 344 8.47 37.50 -16.42
C ILE C 344 7.95 38.58 -15.48
N SER C 345 6.99 38.21 -14.63
CA SER C 345 6.34 39.12 -13.71
C SER C 345 6.93 38.99 -12.31
N PHE C 346 6.98 40.12 -11.60
CA PHE C 346 7.44 40.09 -10.21
C PHE C 346 6.87 41.27 -9.45
N GLN C 347 6.73 41.08 -8.14
CA GLN C 347 6.26 42.12 -7.24
C GLN C 347 7.44 43.00 -6.79
N GLY C 348 7.11 44.19 -6.30
CA GLY C 348 8.12 45.15 -5.92
C GLY C 348 8.80 44.79 -4.61
N ILE C 349 9.77 45.65 -4.25
CA ILE C 349 10.48 45.49 -2.99
C ILE C 349 9.51 45.61 -1.83
N ILE C 350 9.66 44.74 -0.84
CA ILE C 350 8.94 44.84 0.42
C ILE C 350 9.99 44.99 1.51
N THR C 351 10.21 46.24 1.96
CA THR C 351 11.24 46.49 2.96
C THR C 351 10.84 45.97 4.32
N GLY C 352 9.55 45.98 4.65
CA GLY C 352 9.06 45.68 5.97
C GLY C 352 8.90 46.87 6.87
N CYS C 353 9.61 47.98 6.58
CA CYS C 353 9.39 49.24 7.27
C CYS C 353 9.92 50.34 6.34
N ASP C 354 9.01 51.00 5.62
CA ASP C 354 9.43 51.97 4.61
C ASP C 354 10.13 53.17 5.21
N LYS C 355 9.69 53.61 6.41
CA LYS C 355 10.29 54.80 7.03
C LYS C 355 11.77 54.60 7.29
N ALA C 356 12.22 53.36 7.52
CA ALA C 356 13.62 53.11 7.79
C ALA C 356 14.49 53.16 6.54
N PHE C 357 13.93 52.84 5.37
CA PHE C 357 14.72 52.68 4.17
C PHE C 357 14.44 53.68 3.06
N ILE C 358 13.34 54.42 3.13
CA ILE C 358 12.91 55.32 2.05
C ILE C 358 13.06 56.75 2.53
N LEU C 359 13.79 57.55 1.75
CA LEU C 359 13.99 58.97 2.03
C LEU C 359 13.70 59.78 0.77
N SER C 360 13.18 60.99 0.98
CA SER C 360 13.03 61.94 -0.12
C SER C 360 14.40 62.30 -0.68
N LYS C 361 14.47 62.43 -2.01
CA LYS C 361 15.77 62.64 -2.65
C LYS C 361 16.40 63.98 -2.28
N ASP C 362 15.63 64.89 -1.67
CA ASP C 362 16.18 66.15 -1.16
C ASP C 362 16.58 66.07 0.31
N ASP C 363 16.41 64.92 0.95
CA ASP C 363 16.75 64.79 2.36
C ASP C 363 18.25 64.90 2.57
N VAL C 364 18.64 65.66 3.60
CA VAL C 364 20.05 65.89 3.87
C VAL C 364 20.75 64.64 4.38
N LYS C 365 20.02 63.69 4.96
CA LYS C 365 20.64 62.48 5.47
C LYS C 365 21.18 61.58 4.37
N LEU C 366 20.82 61.83 3.10
CA LEU C 366 21.42 61.08 2.01
C LEU C 366 22.92 61.31 1.90
N ASN C 367 23.43 62.40 2.49
CA ASN C 367 24.87 62.63 2.52
C ASN C 367 25.61 61.55 3.29
N LEU C 368 24.91 60.82 4.18
CA LEU C 368 25.50 59.73 4.93
C LEU C 368 25.57 58.43 4.14
N VAL C 369 24.89 58.35 3.00
CA VAL C 369 24.73 57.10 2.24
C VAL C 369 25.54 57.20 0.95
N ASP C 370 26.38 56.20 0.71
CA ASP C 370 27.11 56.12 -0.55
C ASP C 370 26.13 55.90 -1.69
N ASP C 371 26.42 56.52 -2.84
CA ASP C 371 25.50 56.47 -3.98
C ASP C 371 25.31 55.06 -4.52
N LYS C 372 26.26 54.14 -4.26
CA LYS C 372 26.10 52.77 -4.72
C LYS C 372 24.95 52.05 -4.04
N PHE C 373 24.56 52.48 -2.84
CA PHE C 373 23.45 51.86 -2.12
C PHE C 373 22.09 52.43 -2.49
N LEU C 374 22.05 53.60 -3.11
CA LEU C 374 20.79 54.30 -3.34
C LEU C 374 20.17 53.87 -4.67
N LYS C 375 18.86 53.67 -4.64
CA LYS C 375 18.10 53.30 -5.82
C LYS C 375 16.94 54.27 -6.00
N CYS C 376 16.56 54.52 -7.25
CA CYS C 376 15.38 55.32 -7.52
C CYS C 376 14.13 54.58 -7.06
N TRP C 377 13.23 55.33 -6.41
CA TRP C 377 12.06 54.77 -5.76
C TRP C 377 10.83 55.54 -6.23
N ILE C 378 9.84 54.83 -6.75
CA ILE C 378 8.61 55.44 -7.26
C ILE C 378 7.42 54.79 -6.57
N LYS C 379 6.30 55.52 -6.58
CA LYS C 379 5.04 55.04 -6.06
C LYS C 379 4.06 54.80 -7.20
N SER C 380 2.90 54.22 -6.86
CA SER C 380 1.84 54.05 -7.85
C SER C 380 1.39 55.38 -8.43
N LYS C 381 1.61 56.47 -7.69
CA LYS C 381 1.27 57.80 -8.18
C LYS C 381 2.02 58.15 -9.46
N ASN C 382 3.27 57.72 -9.57
CA ASN C 382 4.16 58.16 -10.64
C ASN C 382 3.96 57.41 -11.95
N ILE C 383 3.08 56.42 -11.99
CA ILE C 383 2.87 55.64 -13.21
C ILE C 383 1.75 56.28 -14.02
N ASN C 384 2.07 56.69 -15.24
CA ASN C 384 1.10 57.15 -16.22
C ASN C 384 1.06 56.15 -17.37
N LYS C 385 0.26 56.45 -18.38
CA LYS C 385 0.29 55.67 -19.61
C LYS C 385 1.59 55.95 -20.36
N TYR C 386 2.30 54.87 -20.70
CA TYR C 386 3.50 54.85 -21.54
C TYR C 386 4.78 55.37 -20.88
N ILE C 387 4.68 56.04 -19.74
CA ILE C 387 5.85 56.69 -19.13
C ILE C 387 5.67 56.78 -17.63
N VAL C 388 6.80 56.97 -16.92
CA VAL C 388 6.85 57.07 -15.48
C VAL C 388 7.35 58.46 -15.10
N ASP C 389 6.71 59.05 -14.10
CA ASP C 389 7.18 60.33 -13.57
C ASP C 389 8.56 60.17 -12.95
N LYS C 390 9.33 61.26 -12.95
CA LYS C 390 10.64 61.24 -12.31
C LYS C 390 10.50 60.95 -10.83
N SER C 391 11.41 60.14 -10.31
CA SER C 391 11.31 59.69 -8.92
C SER C 391 11.61 60.81 -7.94
N GLU C 392 10.80 60.89 -6.88
CA GLU C 392 11.00 61.86 -5.82
C GLU C 392 11.65 61.25 -4.58
N TYR C 393 11.84 59.94 -4.55
CA TYR C 393 12.35 59.25 -3.37
C TYR C 393 13.55 58.41 -3.73
N ARG C 394 14.28 58.00 -2.70
CA ARG C 394 15.45 57.13 -2.85
C ARG C 394 15.32 55.95 -1.89
N LEU C 395 15.74 54.78 -2.37
CA LEU C 395 15.71 53.55 -1.58
C LEU C 395 17.13 53.20 -1.14
N ILE C 396 17.30 52.94 0.15
CA ILE C 396 18.56 52.46 0.69
C ILE C 396 18.53 50.94 0.57
N TYR C 397 19.24 50.41 -0.43
CA TYR C 397 19.30 48.96 -0.65
C TYR C 397 20.29 48.39 0.36
N SER C 398 19.83 48.23 1.60
CA SER C 398 20.68 47.87 2.72
C SER C 398 21.23 46.46 2.62
N ASN C 399 20.69 45.62 1.73
CA ASN C 399 21.23 44.27 1.58
C ASN C 399 22.66 44.25 1.03
N ASP C 400 23.11 45.35 0.42
CA ASP C 400 24.46 45.44 -0.10
C ASP C 400 25.49 45.82 0.94
N ILE C 401 25.08 46.05 2.18
CA ILE C 401 26.00 46.26 3.29
C ILE C 401 26.37 44.89 3.86
N ASP C 402 27.67 44.57 3.82
CA ASP C 402 28.10 43.22 4.18
C ASP C 402 27.88 42.93 5.67
N ASN C 403 28.29 43.85 6.53
CA ASN C 403 28.16 43.64 7.98
C ASN C 403 27.88 44.98 8.65
N GLU C 404 27.55 44.90 9.94
CA GLU C 404 27.18 46.10 10.70
C GLU C 404 28.36 47.04 10.95
N ASN C 405 29.60 46.60 10.70
CA ASN C 405 30.76 47.38 11.06
C ASN C 405 31.33 48.20 9.90
N THR C 406 31.03 47.84 8.66
CA THR C 406 31.63 48.53 7.52
C THR C 406 31.01 49.91 7.31
N ASN C 407 29.68 50.01 7.41
CA ASN C 407 28.94 51.25 7.14
C ASN C 407 28.04 51.59 8.32
N LYS C 408 28.60 51.58 9.53
CA LYS C 408 27.80 51.69 10.75
C LYS C 408 27.04 53.01 10.82
N ARG C 409 27.53 54.05 10.15
CA ARG C 409 26.87 55.35 10.24
C ARG C 409 25.48 55.32 9.60
N ILE C 410 25.33 54.59 8.50
CA ILE C 410 24.02 54.45 7.87
C ILE C 410 23.06 53.74 8.82
N LEU C 411 23.52 52.64 9.43
CA LEU C 411 22.66 51.87 10.33
C LEU C 411 22.32 52.66 11.59
N ASP C 412 23.28 53.41 12.12
CA ASP C 412 23.07 54.09 13.39
C ASP C 412 22.13 55.29 13.24
N GLU C 413 22.24 56.01 12.12
CA GLU C 413 21.55 57.30 11.99
C GLU C 413 20.26 57.22 11.18
N ILE C 414 20.08 56.22 10.32
CA ILE C 414 18.90 56.17 9.47
C ILE C 414 18.09 54.92 9.76
N ILE C 415 18.67 53.74 9.48
CA ILE C 415 17.92 52.50 9.57
C ILE C 415 17.63 52.14 11.03
N GLY C 416 18.59 52.36 11.91
CA GLY C 416 18.45 51.96 13.30
C GLY C 416 17.43 52.77 14.09
N LEU C 417 16.91 53.86 13.53
CA LEU C 417 15.86 54.60 14.20
C LEU C 417 14.59 53.78 14.35
N TYR C 418 14.43 52.71 13.57
CA TYR C 418 13.31 51.80 13.67
C TYR C 418 13.77 50.37 13.94
N LYS C 419 14.86 50.22 14.71
CA LYS C 419 15.48 48.91 14.88
C LYS C 419 14.54 47.93 15.57
N THR C 420 13.82 48.38 16.60
CA THR C 420 12.96 47.47 17.35
C THR C 420 11.83 46.95 16.47
N LYS C 421 11.27 47.80 15.62
CA LYS C 421 10.24 47.34 14.69
C LYS C 421 10.83 46.45 13.61
N LEU C 422 12.04 46.75 13.15
CA LEU C 422 12.70 45.89 12.18
C LEU C 422 12.98 44.51 12.77
N GLU C 423 13.35 44.46 14.05
CA GLU C 423 13.64 43.19 14.70
C GLU C 423 12.39 42.33 14.88
N ASN C 424 11.21 42.93 14.83
CA ASN C 424 9.96 42.18 15.00
C ASN C 424 9.49 41.53 13.71
N ARG C 425 10.17 41.77 12.60
CA ARG C 425 9.81 41.11 11.35
C ARG C 425 10.09 39.62 11.45
N ARG C 426 9.29 38.83 10.72
CA ARG C 426 9.32 37.38 10.88
C ARG C 426 10.69 36.81 10.53
N GLU C 427 11.25 37.21 9.39
CA GLU C 427 12.53 36.67 8.96
C GLU C 427 13.69 37.13 9.85
N CYS C 428 13.50 38.21 10.61
CA CYS C 428 14.51 38.60 11.59
C CYS C 428 14.40 37.76 12.86
N LYS C 429 13.17 37.46 13.29
CA LYS C 429 12.98 36.66 14.49
C LYS C 429 13.42 35.21 14.28
N SER C 430 13.36 34.72 13.04
CA SER C 430 13.83 33.38 12.73
C SER C 430 15.32 33.33 12.46
N GLY C 431 16.00 34.48 12.39
CA GLY C 431 17.44 34.53 12.27
C GLY C 431 17.99 34.51 10.86
N ILE C 432 17.15 34.33 9.83
CA ILE C 432 17.66 34.27 8.47
C ILE C 432 17.84 35.65 7.84
N ARG C 433 17.33 36.70 8.48
CA ARG C 433 17.42 38.06 7.96
C ARG C 433 18.02 38.96 9.03
N LYS C 434 19.05 39.72 8.66
CA LYS C 434 19.62 40.70 9.56
C LYS C 434 18.63 41.84 9.80
N TRP C 435 18.72 42.45 10.98
CA TRP C 435 17.71 43.44 11.37
C TRP C 435 17.72 44.65 10.44
N TYR C 436 18.87 44.99 9.87
CA TYR C 436 18.99 46.16 9.01
C TYR C 436 18.74 45.86 7.54
N GLU C 437 18.53 44.60 7.18
CA GLU C 437 18.34 44.23 5.78
C GLU C 437 16.88 44.42 5.36
N LEU C 438 16.68 44.56 4.06
CA LEU C 438 15.32 44.59 3.51
C LEU C 438 14.67 43.23 3.69
N GLN C 439 13.40 43.24 4.09
CA GLN C 439 12.72 41.97 4.37
C GLN C 439 12.61 41.11 3.10
N TRP C 440 12.22 41.72 1.98
CA TRP C 440 12.18 41.03 0.69
C TRP C 440 12.84 41.95 -0.33
N GLY C 441 14.14 41.80 -0.49
CA GLY C 441 14.91 42.64 -1.40
C GLY C 441 14.87 42.23 -2.85
N ARG C 442 14.19 41.13 -3.17
CA ARG C 442 14.02 40.66 -4.55
C ARG C 442 15.40 40.48 -5.18
N GLU C 443 15.51 40.70 -6.49
CA GLU C 443 16.77 40.67 -7.21
C GLU C 443 16.96 41.99 -7.93
N LYS C 444 18.13 42.62 -7.73
CA LYS C 444 18.38 43.93 -8.34
C LYS C 444 18.36 43.84 -9.87
N LEU C 445 18.89 42.76 -10.43
CA LEU C 445 18.97 42.63 -11.88
C LEU C 445 17.58 42.61 -12.53
N PHE C 446 16.54 42.27 -11.78
CA PHE C 446 15.19 42.37 -12.34
C PHE C 446 14.75 43.82 -12.47
N PHE C 447 15.00 44.64 -11.45
CA PHE C 447 14.58 46.04 -11.50
C PHE C 447 15.48 46.86 -12.41
N GLU C 448 16.79 46.62 -12.37
CA GLU C 448 17.77 47.46 -13.08
C GLU C 448 17.89 47.02 -14.53
N ARG C 449 16.80 47.23 -15.26
CA ARG C 449 16.74 46.91 -16.69
C ARG C 449 15.50 47.59 -17.26
N LYS C 450 15.41 47.60 -18.58
CA LYS C 450 14.22 48.11 -19.24
C LYS C 450 13.04 47.18 -18.97
N LYS C 451 11.93 47.75 -18.51
CA LYS C 451 10.79 46.94 -18.11
C LYS C 451 9.52 47.79 -18.16
N ILE C 452 8.40 47.13 -17.94
CA ILE C 452 7.08 47.75 -17.90
C ILE C 452 6.57 47.72 -16.46
N MET C 453 6.05 48.85 -15.99
CA MET C 453 5.52 48.95 -14.63
C MET C 453 4.10 49.49 -14.68
N TYR C 454 3.28 49.06 -13.71
CA TYR C 454 1.90 49.50 -13.60
C TYR C 454 1.50 49.52 -12.14
N PRO C 455 0.61 50.44 -11.76
CA PRO C 455 0.18 50.50 -10.35
C PRO C 455 -0.67 49.29 -9.97
N TYR C 456 -0.64 48.95 -8.68
CA TYR C 456 -1.35 47.78 -8.21
C TYR C 456 -2.84 48.04 -8.00
N LYS C 457 -3.25 49.31 -7.93
CA LYS C 457 -4.65 49.70 -7.80
C LYS C 457 -4.84 50.99 -8.60
N SER C 458 -5.78 50.97 -9.54
CA SER C 458 -5.93 52.10 -10.43
C SER C 458 -7.36 52.15 -10.97
N ASN C 459 -7.71 53.29 -11.54
CA ASN C 459 -9.00 53.45 -12.21
C ASN C 459 -8.98 52.97 -13.65
N GLU C 460 -7.79 52.80 -14.24
CA GLU C 460 -7.68 52.50 -15.65
C GLU C 460 -6.35 51.82 -15.92
N ASN C 461 -6.20 51.29 -17.13
CA ASN C 461 -4.94 50.69 -17.53
C ASN C 461 -3.86 51.74 -17.62
N ARG C 462 -2.79 51.58 -16.83
CA ARG C 462 -1.63 52.47 -16.85
C ARG C 462 -0.38 51.59 -16.90
N PHE C 463 0.05 51.23 -18.10
CA PHE C 463 1.25 50.43 -18.30
C PHE C 463 2.33 51.32 -18.92
N ALA C 464 3.45 51.45 -18.21
CA ALA C 464 4.48 52.39 -18.58
C ALA C 464 5.82 51.68 -18.73
N ILE C 465 6.63 52.17 -19.68
CA ILE C 465 7.98 51.67 -19.88
C ILE C 465 8.92 52.44 -18.95
N ASP C 466 9.73 51.71 -18.19
CA ASP C 466 10.70 52.31 -17.28
C ASP C 466 12.07 52.33 -17.93
N TYR C 467 12.65 53.52 -18.03
CA TYR C 467 13.99 53.70 -18.60
C TYR C 467 15.05 54.01 -17.56
N ASP C 468 14.67 54.18 -16.29
CA ASP C 468 15.56 54.75 -15.29
C ASP C 468 15.87 53.77 -14.15
N ASN C 469 15.67 52.47 -14.37
CA ASN C 469 15.93 51.45 -13.36
C ASN C 469 15.23 51.78 -12.04
N ASN C 470 13.92 52.02 -12.13
CA ASN C 470 13.16 52.40 -10.96
C ASN C 470 12.85 51.20 -10.08
N PHE C 471 13.07 51.33 -8.78
CA PHE C 471 12.58 50.39 -7.80
C PHE C 471 11.25 50.89 -7.25
N SER C 472 10.48 49.96 -6.68
CA SER C 472 9.18 50.33 -6.15
C SER C 472 8.81 49.35 -5.04
N SER C 473 7.80 49.74 -4.26
CA SER C 473 7.22 48.85 -3.27
C SER C 473 6.24 47.92 -3.97
N ALA C 474 5.42 47.22 -3.18
CA ALA C 474 4.43 46.31 -3.75
C ALA C 474 3.20 47.04 -4.29
N ASP C 475 3.20 48.38 -4.26
CA ASP C 475 2.14 49.13 -4.91
C ASP C 475 2.37 49.31 -6.40
N VAL C 476 3.51 48.87 -6.93
CA VAL C 476 3.80 48.92 -8.36
C VAL C 476 4.35 47.55 -8.77
N TYR C 477 3.72 46.93 -9.76
CA TYR C 477 4.19 45.67 -10.31
C TYR C 477 5.00 45.93 -11.57
N SER C 478 5.88 44.98 -11.90
CA SER C 478 6.75 45.08 -13.05
C SER C 478 6.78 43.76 -13.81
N PHE C 479 7.09 43.85 -15.10
CA PHE C 479 7.43 42.67 -15.88
C PHE C 479 8.34 43.06 -17.03
N PHE C 480 9.12 42.10 -17.50
CA PHE C 480 9.95 42.28 -18.68
C PHE C 480 9.71 41.11 -19.62
N ILE C 481 9.98 41.35 -20.91
CA ILE C 481 9.74 40.36 -21.94
C ILE C 481 10.82 39.28 -21.87
N LYS C 482 10.41 38.03 -22.03
CA LYS C 482 11.36 36.92 -22.06
C LYS C 482 12.31 37.07 -23.24
N GLU C 483 13.53 36.53 -23.07
CA GLU C 483 14.55 36.67 -24.11
C GLU C 483 14.12 36.01 -25.40
N GLU C 484 13.44 34.86 -25.32
CA GLU C 484 13.01 34.17 -26.52
C GLU C 484 11.85 34.87 -27.23
N TYR C 485 11.21 35.85 -26.59
CA TYR C 485 10.10 36.56 -27.20
C TYR C 485 10.44 37.99 -27.59
N LEU C 486 11.72 38.38 -27.48
CA LEU C 486 12.09 39.74 -27.84
C LEU C 486 12.00 40.01 -29.34
N ASP C 487 12.09 38.96 -30.16
CA ASP C 487 11.97 39.13 -31.61
C ASP C 487 10.52 39.23 -32.07
N LYS C 488 9.55 38.89 -31.23
CA LYS C 488 8.14 38.95 -31.59
C LYS C 488 7.42 40.16 -30.99
N PHE C 489 7.75 40.54 -29.76
CA PHE C 489 7.06 41.62 -29.07
C PHE C 489 8.07 42.63 -28.55
N SER C 490 7.72 43.91 -28.67
CA SER C 490 8.50 45.01 -28.13
C SER C 490 7.77 45.65 -26.96
N TYR C 491 8.51 46.39 -26.15
CA TYR C 491 7.88 47.11 -25.04
C TYR C 491 6.96 48.21 -25.56
N GLU C 492 7.37 48.88 -26.64
CA GLU C 492 6.55 49.94 -27.21
C GLU C 492 5.22 49.40 -27.74
N TYR C 493 5.26 48.24 -28.40
CA TYR C 493 4.01 47.62 -28.87
C TYR C 493 3.12 47.22 -27.69
N LEU C 494 3.71 46.64 -26.65
CA LEU C 494 2.91 46.13 -25.54
C LEU C 494 2.18 47.26 -24.81
N VAL C 495 2.89 48.36 -24.52
CA VAL C 495 2.22 49.46 -23.83
C VAL C 495 1.19 50.11 -24.74
N GLY C 496 1.39 50.06 -26.05
CA GLY C 496 0.41 50.62 -26.97
C GLY C 496 -0.92 49.91 -26.88
N ILE C 497 -0.90 48.57 -26.88
CA ILE C 497 -2.17 47.84 -26.84
C ILE C 497 -2.71 47.73 -25.43
N LEU C 498 -1.83 47.68 -24.42
CA LEU C 498 -2.31 47.55 -23.04
C LEU C 498 -2.98 48.82 -22.55
N ASN C 499 -2.59 49.98 -23.08
CA ASN C 499 -3.18 51.25 -22.70
C ASN C 499 -4.37 51.65 -23.58
N SER C 500 -4.76 50.79 -24.53
CA SER C 500 -5.84 51.13 -25.43
C SER C 500 -7.19 51.03 -24.73
N SER C 501 -8.18 51.71 -25.31
CA SER C 501 -9.55 51.61 -24.81
C SER C 501 -10.08 50.19 -24.93
N VAL C 502 -9.65 49.45 -25.96
CA VAL C 502 -10.10 48.07 -26.14
C VAL C 502 -9.67 47.22 -24.95
N TYR C 503 -8.38 47.32 -24.57
CA TYR C 503 -7.86 46.52 -23.47
C TYR C 503 -8.25 47.05 -22.10
N ASP C 504 -8.54 48.35 -21.98
CA ASP C 504 -9.08 48.86 -20.73
C ASP C 504 -10.44 48.25 -20.43
N LYS C 505 -11.31 48.19 -21.44
CA LYS C 505 -12.59 47.50 -21.30
C LYS C 505 -12.39 46.00 -21.14
N TYR C 506 -11.42 45.44 -21.88
CA TYR C 506 -11.18 44.00 -21.83
C TYR C 506 -10.75 43.54 -20.45
N PHE C 507 -9.84 44.27 -19.81
CA PHE C 507 -9.35 43.86 -18.49
C PHE C 507 -10.42 44.03 -17.43
N LYS C 508 -11.22 45.10 -17.50
CA LYS C 508 -12.20 45.39 -16.46
C LYS C 508 -13.39 44.44 -16.49
N ILE C 509 -13.53 43.61 -17.53
CA ILE C 509 -14.60 42.63 -17.57
C ILE C 509 -14.43 41.61 -16.44
N THR C 510 -13.20 41.16 -16.21
CA THR C 510 -12.90 40.18 -15.18
C THR C 510 -12.09 40.76 -14.02
N ALA C 511 -11.80 42.05 -14.03
CA ALA C 511 -10.96 42.65 -13.01
C ALA C 511 -11.68 42.65 -11.66
N LYS C 512 -10.87 42.72 -10.60
CA LYS C 512 -11.36 42.69 -9.22
C LYS C 512 -11.68 44.11 -8.77
N LYS C 513 -12.96 44.41 -8.61
CA LYS C 513 -13.38 45.75 -8.22
C LYS C 513 -13.18 45.92 -6.71
N MET C 514 -12.38 46.91 -6.34
CA MET C 514 -12.00 47.11 -4.93
C MET C 514 -12.84 48.18 -4.25
N SER C 515 -12.83 49.39 -4.79
CA SER C 515 -13.57 50.51 -4.20
C SER C 515 -13.93 51.47 -5.31
N LYS C 516 -14.40 52.66 -4.94
CA LYS C 516 -14.84 53.63 -5.93
C LYS C 516 -13.70 53.98 -6.89
N ASN C 517 -13.91 53.67 -8.17
CA ASN C 517 -12.97 53.98 -9.24
C ASN C 517 -11.60 53.33 -9.03
N ILE C 518 -11.56 52.15 -8.42
CA ILE C 518 -10.31 51.44 -8.19
C ILE C 518 -10.50 49.96 -8.55
N TYR C 519 -9.65 49.46 -9.44
CA TYR C 519 -9.54 48.05 -9.75
C TYR C 519 -8.19 47.52 -9.32
N ASP C 520 -8.15 46.27 -8.90
CA ASP C 520 -6.88 45.62 -8.62
C ASP C 520 -6.15 45.33 -9.93
N TYR C 521 -4.89 45.75 -10.01
CA TYR C 521 -4.01 45.38 -11.12
C TYR C 521 -2.88 44.54 -10.53
N TYR C 522 -3.13 43.25 -10.40
CA TYR C 522 -2.21 42.26 -9.85
C TYR C 522 -1.85 41.26 -10.93
N PRO C 523 -0.69 40.61 -10.82
CA PRO C 523 -0.31 39.63 -11.85
C PRO C 523 -1.27 38.47 -11.99
N ASN C 524 -2.01 38.11 -10.93
CA ASN C 524 -2.90 36.96 -11.01
C ASN C 524 -4.04 37.16 -12.00
N LYS C 525 -4.27 38.39 -12.45
CA LYS C 525 -5.14 38.65 -13.59
C LYS C 525 -4.46 39.38 -14.73
N VAL C 526 -3.49 40.26 -14.43
CA VAL C 526 -2.80 41.00 -15.48
C VAL C 526 -1.99 40.05 -16.37
N MET C 527 -1.35 39.05 -15.76
CA MET C 527 -0.58 38.09 -16.55
C MET C 527 -1.46 37.19 -17.41
N LYS C 528 -2.76 37.12 -17.12
CA LYS C 528 -3.70 36.36 -17.92
C LYS C 528 -4.25 37.15 -19.11
N ILE C 529 -3.89 38.43 -19.24
CA ILE C 529 -4.29 39.22 -20.39
C ILE C 529 -3.70 38.62 -21.65
N ARG C 530 -4.54 38.40 -22.65
CA ARG C 530 -4.12 37.74 -23.88
C ARG C 530 -3.73 38.77 -24.92
N ILE C 531 -2.69 38.44 -25.70
CA ILE C 531 -2.04 39.35 -26.62
C ILE C 531 -2.08 38.74 -28.02
N PHE C 532 -2.15 39.60 -29.04
CA PHE C 532 -2.18 39.18 -30.43
C PHE C 532 -0.99 39.77 -31.18
N ARG C 533 -0.78 39.29 -32.40
CA ARG C 533 0.29 39.77 -33.26
C ARG C 533 -0.08 39.47 -34.71
N ASP C 534 -0.25 40.51 -35.51
CA ASP C 534 -0.63 40.35 -36.92
C ASP C 534 -0.04 41.53 -37.71
N ASN C 535 -0.57 41.74 -38.91
CA ASN C 535 0.00 42.70 -39.85
C ASN C 535 -0.11 44.15 -39.37
N ASN C 536 -0.92 44.43 -38.36
CA ASN C 536 -1.02 45.77 -37.80
C ASN C 536 0.05 46.05 -36.75
N TYR C 537 0.97 45.12 -36.53
CA TYR C 537 1.98 45.28 -35.49
C TYR C 537 2.83 46.52 -35.71
N GLU C 538 3.27 46.75 -36.95
CA GLU C 538 4.22 47.83 -37.23
C GLU C 538 3.59 49.19 -36.97
N GLU C 539 2.35 49.41 -37.42
CA GLU C 539 1.73 50.72 -37.24
C GLU C 539 1.29 50.94 -35.80
N ILE C 540 0.82 49.88 -35.13
CA ILE C 540 0.51 50.00 -33.71
C ILE C 540 1.76 50.36 -32.93
N GLU C 541 2.88 49.68 -33.21
CA GLU C 541 4.14 49.99 -32.56
C GLU C 541 4.61 51.40 -32.93
N ASN C 542 4.49 51.77 -34.21
CA ASN C 542 4.91 53.11 -34.63
C ASN C 542 4.09 54.19 -33.94
N LEU C 543 2.77 53.98 -33.85
CA LEU C 543 1.91 54.96 -33.18
C LEU C 543 2.27 55.08 -31.70
N SER C 544 2.58 53.94 -31.05
CA SER C 544 2.98 53.98 -29.65
C SER C 544 4.28 54.76 -29.47
N LYS C 545 5.25 54.57 -30.36
CA LYS C 545 6.51 55.30 -30.28
C LYS C 545 6.30 56.79 -30.47
N GLN C 546 5.37 57.17 -31.36
CA GLN C 546 5.06 58.59 -31.54
C GLN C 546 4.44 59.18 -30.28
N ILE C 547 3.54 58.44 -29.64
CA ILE C 547 2.92 58.92 -28.41
C ILE C 547 3.97 59.10 -27.32
N ILE C 548 4.88 58.13 -27.19
CA ILE C 548 5.93 58.22 -26.19
C ILE C 548 6.80 59.45 -26.44
N SER C 549 7.14 59.70 -27.71
CA SER C 549 7.99 60.84 -28.04
C SER C 549 7.32 62.16 -27.64
N ILE C 550 6.02 62.30 -27.91
CA ILE C 550 5.32 63.53 -27.56
C ILE C 550 5.27 63.69 -26.04
N LEU C 551 4.99 62.62 -25.31
CA LEU C 551 4.87 62.71 -23.85
C LEU C 551 6.18 63.08 -23.18
N LEU C 552 7.32 62.82 -23.84
CA LEU C 552 8.63 63.14 -23.30
C LEU C 552 9.17 64.47 -23.80
N ASN C 553 8.39 65.22 -24.56
CA ASN C 553 8.82 66.51 -25.09
C ASN C 553 8.46 67.64 -24.12
N LYS C 554 9.09 68.80 -24.35
CA LYS C 554 8.84 69.96 -23.51
C LYS C 554 7.42 70.50 -23.73
N SER C 555 7.01 70.65 -24.98
CA SER C 555 5.67 71.13 -25.32
C SER C 555 4.83 69.93 -25.75
N ILE C 556 3.96 69.49 -24.85
CA ILE C 556 3.13 68.31 -25.09
C ILE C 556 1.78 68.77 -25.65
N ASP C 557 1.45 68.29 -26.85
CA ASP C 557 0.16 68.57 -27.48
C ASP C 557 -0.74 67.37 -27.23
N LYS C 558 -1.62 67.50 -26.25
CA LYS C 558 -2.51 66.40 -25.89
C LYS C 558 -3.46 66.05 -27.03
N GLY C 559 -3.83 67.04 -27.86
CA GLY C 559 -4.67 66.76 -29.01
C GLY C 559 -3.99 65.84 -30.00
N LYS C 560 -2.69 66.02 -30.20
CA LYS C 560 -1.95 65.12 -31.09
C LYS C 560 -1.93 63.70 -30.53
N VAL C 561 -1.78 63.56 -29.21
CA VAL C 561 -1.76 62.24 -28.59
C VAL C 561 -3.10 61.54 -28.77
N GLU C 562 -4.20 62.28 -28.56
CA GLU C 562 -5.53 61.69 -28.66
C GLU C 562 -5.78 61.13 -30.06
N LYS C 563 -5.41 61.90 -31.10
CA LYS C 563 -5.60 61.42 -32.47
C LYS C 563 -4.79 60.15 -32.72
N LEU C 564 -3.55 60.10 -32.23
CA LEU C 564 -2.72 58.92 -32.40
C LEU C 564 -3.33 57.71 -31.68
N GLN C 565 -3.83 57.92 -30.46
CA GLN C 565 -4.44 56.83 -29.72
C GLN C 565 -5.67 56.28 -30.43
N ILE C 566 -6.50 57.17 -30.98
CA ILE C 566 -7.71 56.74 -31.68
C ILE C 566 -7.36 55.89 -32.89
N LYS C 567 -6.36 56.31 -33.66
CA LYS C 567 -5.93 55.52 -34.81
C LYS C 567 -5.43 54.15 -34.38
N MET C 568 -4.70 54.09 -33.27
CA MET C 568 -4.24 52.81 -32.75
C MET C 568 -5.42 51.94 -32.31
N ASP C 569 -6.42 52.54 -31.66
CA ASP C 569 -7.58 51.78 -31.22
C ASP C 569 -8.33 51.18 -32.40
N ASN C 570 -8.42 51.93 -33.51
CA ASN C 570 -9.09 51.41 -34.69
C ASN C 570 -8.34 50.22 -35.27
N LEU C 571 -7.00 50.26 -35.26
CA LEU C 571 -6.22 49.11 -35.72
C LEU C 571 -6.41 47.90 -34.81
N ILE C 572 -6.43 48.11 -33.49
CA ILE C 572 -6.63 47.01 -32.56
C ILE C 572 -8.02 46.40 -32.73
N MET C 573 -9.04 47.26 -32.88
CA MET C 573 -10.39 46.75 -33.12
C MET C 573 -10.46 45.98 -34.43
N ASP C 574 -9.81 46.48 -35.48
CA ASP C 574 -9.77 45.77 -36.75
C ASP C 574 -9.07 44.42 -36.58
N SER C 575 -7.97 44.39 -35.84
CA SER C 575 -7.22 43.15 -35.63
C SER C 575 -8.06 42.11 -34.90
N LEU C 576 -8.80 42.53 -33.87
CA LEU C 576 -9.55 41.61 -33.03
C LEU C 576 -10.98 41.39 -33.50
N GLY C 577 -11.38 41.98 -34.62
CA GLY C 577 -12.74 41.81 -35.11
C GLY C 577 -13.78 42.52 -34.27
N ILE C 578 -13.39 43.56 -33.54
CA ILE C 578 -14.32 44.29 -32.70
C ILE C 578 -14.94 45.43 -33.48
C8 MJ7 J . -22.98 -43.69 2.01
C13 MJ7 J . -18.34 -41.48 -1.06
C12 MJ7 J . -18.18 -42.49 0.07
C11 MJ7 J . -19.53 -42.85 0.70
C10 MJ7 J . -19.52 -44.18 1.45
C9 MJ7 J . -22.02 -44.75 2.65
C25 MJ7 J . -16.46 -43.01 -7.78
C26 MJ7 J . -15.87 -42.36 -4.28
C19 MJ7 J . -15.60 -42.05 -5.60
C20 MJ7 J . -15.66 -43.16 -6.65
C21 MJ7 J . -14.90 -44.31 -6.49
C22 MJ7 J . -14.94 -45.31 -7.43
C23 MJ7 J . -15.74 -45.17 -8.56
C24 MJ7 J . -16.50 -44.02 -8.73
C14 MJ7 J . -16.12 -41.70 -1.86
C15 MJ7 J . -15.83 -41.36 -3.32
C16 MJ7 J . -15.51 -40.06 -3.68
C17 MJ7 J . -15.24 -39.76 -5.01
C18 MJ7 J . -15.29 -40.76 -5.97
C2 MJ7 J . -23.57 -39.11 1.93
C7 MJ7 J . -23.03 -43.70 0.47
C6 MJ7 J . -23.04 -42.21 0.10
C5 MJ7 J . -23.28 -41.57 1.46
C4 MJ7 J . -21.65 -39.74 1.05
C3 MJ7 J . -22.76 -38.02 1.75
CL MJ7 J . -15.79 -46.43 -9.74
N5 MJ7 J . -17.09 -40.78 -1.30
S MJ7 J . -20.42 -43.99 3.03
O1 MJ7 J . -24.23 -44.34 0.03
O MJ7 J . -24.14 -41.91 -0.82
O2 MJ7 J . -22.58 -42.35 2.39
N4 MJ7 J . -22.83 -40.18 1.48
N2 MJ7 J . -24.81 -38.98 2.46
C1 MJ7 J . -25.17 -37.76 2.79
N1 MJ7 J . -24.48 -36.64 2.67
N3 MJ7 J . -21.58 -38.41 1.20
C MJ7 J . -23.26 -36.72 2.14
N MJ7 J . -22.50 -35.64 1.99
C1 EDO K . -6.32 -44.90 21.64
O1 EDO K . -6.87 -46.21 21.55
C2 EDO K . -5.20 -44.87 22.68
O2 EDO K . -4.14 -45.77 22.31
C1 EDO L . -19.06 -35.14 0.04
O1 EDO L . -19.95 -34.97 1.13
C2 EDO L . -19.08 -36.58 -0.44
O2 EDO L . -20.38 -36.91 -0.93
K K M . -56.97 -46.73 26.20
K K N . -7.26 -53.13 8.23
C8 MJ7 O . 4.76 9.11 -18.79
C13 MJ7 O . 3.19 8.27 -11.81
C12 MJ7 O . 4.59 7.84 -12.27
C11 MJ7 O . 4.62 7.31 -13.70
C10 MJ7 O . 5.39 8.23 -14.64
C9 MJ7 O . 5.47 8.84 -17.41
C25 MJ7 O . -1.10 7.04 -6.27
C26 MJ7 O . 0.27 7.02 -9.23
C19 MJ7 O . -1.04 7.06 -8.79
C20 MJ7 O . -1.38 7.71 -7.45
C21 MJ7 O . -1.95 8.97 -7.41
C22 MJ7 O . -2.25 9.56 -6.19
C23 MJ7 O . -1.98 8.89 -5.01
C24 MJ7 O . -1.41 7.62 -5.05
C14 MJ7 O . 2.05 6.39 -10.91
C15 MJ7 O . 0.59 6.44 -10.44
C16 MJ7 O . -0.41 5.90 -11.22
C17 MJ7 O . -1.73 5.94 -10.80
C18 MJ7 O . -2.05 6.53 -9.58
C2 MJ7 O . 2.32 5.51 -20.53
C7 MJ7 O . 3.41 9.86 -18.70
C6 MJ7 O . 2.38 8.74 -18.79
C5 MJ7 O . 3.08 7.78 -19.76
C4 MJ7 O . 2.43 5.83 -18.38
C3 MJ7 O . 1.95 4.36 -19.88
CL MJ7 O . -2.37 9.62 -3.49
N5 MJ7 O . 2.23 7.21 -12.10
S MJ7 O . 4.31 8.72 -16.02
O1 MJ7 O . 3.28 10.74 -19.81
O MJ7 O . 1.15 9.25 -19.37
O2 MJ7 O . 4.46 7.87 -19.49
N4 MJ7 O . 2.63 6.41 -19.55
N2 MJ7 O . 2.34 5.54 -21.89
C1 MJ7 O . 1.98 4.44 -22.52
N1 MJ7 O . 1.59 3.29 -21.98
N3 MJ7 O . 2.02 4.57 -18.54
C MJ7 O . 1.58 3.22 -20.65
N MJ7 O . 1.20 2.07 -20.03
C1 EDO P . 11.97 -5.66 -40.35
O1 EDO P . 11.02 -4.71 -39.82
C2 EDO P . 13.37 -5.04 -40.34
O2 EDO P . 13.79 -4.78 -39.00
C1 EDO Q . 12.77 23.21 -52.92
O1 EDO Q . 11.73 23.19 -53.90
C2 EDO Q . 12.77 24.55 -52.21
O2 EDO Q . 11.45 24.84 -51.74
C1 EDO R . 22.51 -16.41 4.66
O1 EDO R . 23.12 -17.64 5.05
C2 EDO R . 20.99 -16.57 4.65
O2 EDO R . 20.54 -16.98 5.94
C1 EDO S . 50.61 -1.19 10.95
O1 EDO S . 49.83 -2.32 10.54
C2 EDO S . 50.02 0.09 10.35
O2 EDO S . 50.57 1.23 11.01
K K T . 19.27 11.15 -6.75
K K U . 13.99 14.37 -59.51
K K V . 6.31 -1.23 31.90
C8 MJ7 W . -20.64 41.01 13.74
C13 MJ7 W . -13.76 43.64 13.48
C12 MJ7 W . -14.51 42.86 12.40
C11 MJ7 W . -15.63 42.01 12.98
C10 MJ7 W . -16.97 42.30 12.28
C9 MJ7 W . -19.71 41.73 12.70
C25 MJ7 W . -7.68 45.21 16.63
C26 MJ7 W . -10.55 44.21 16.05
C19 MJ7 W . -10.14 44.95 17.14
C20 MJ7 W . -8.86 45.79 17.06
C21 MJ7 W . -8.90 47.12 17.43
C22 MJ7 W . -7.73 47.89 17.35
C23 MJ7 W . -6.56 47.31 16.92
C24 MJ7 W . -6.53 45.97 16.56
C14 MJ7 W . -12.15 42.63 14.90
C15 MJ7 W . -11.71 43.45 16.12
C16 MJ7 W . -12.45 43.42 17.28
C17 MJ7 W . -12.05 44.16 18.38
C18 MJ7 W . -10.89 44.92 18.31
C2 MJ7 W . -19.54 36.73 15.33
C7 MJ7 W . -20.49 41.48 15.19
C6 MJ7 W . -19.69 40.35 15.85
C5 MJ7 W . -20.21 39.15 15.07
C4 MJ7 W . -17.92 38.17 14.94
C3 MJ7 W . -18.33 36.07 15.29
CL MJ7 W . -5.10 48.25 16.83
N5 MJ7 W . -13.58 42.81 14.67
S MJ7 W . -18.28 42.52 13.52
O1 MJ7 W . -21.78 41.59 15.81
O MJ7 W . -20.03 40.23 17.26
O2 MJ7 W . -20.41 39.58 13.75
N4 MJ7 W . -19.23 38.05 15.11
N2 MJ7 W . -20.69 36.04 15.57
C1 MJ7 W . -20.55 34.74 15.73
N1 MJ7 W . -19.45 34.02 15.70
N3 MJ7 W . -17.35 36.97 15.04
C MJ7 W . -18.30 34.65 15.48
N MJ7 W . -17.15 33.98 15.44
C1 EDO X . -3.19 55.17 -10.72
O1 EDO X . -3.93 55.07 -11.94
C2 EDO X . -1.93 56.00 -10.97
O2 EDO X . -1.05 55.27 -11.83
C1 EDO Y . -13.32 36.69 15.59
O1 EDO Y . -14.56 37.26 15.99
C2 EDO Y . -13.38 35.17 15.73
O2 EDO Y . -14.43 34.66 14.89
K K Z . -16.92 51.20 -0.96
K K AA . 24.72 60.57 -1.28
C1 EDO BA . 16.64 -16.81 6.67
O1 EDO BA . 16.89 -16.05 5.48
C2 EDO BA . 15.85 -15.96 7.66
O2 EDO BA . 15.46 -16.76 8.79
C1 EDO CA . -2.45 49.76 3.07
O1 EDO CA . -2.96 48.64 2.34
C2 EDO CA . -1.81 50.75 2.12
O2 EDO CA . -1.68 52.03 2.77
#